data_6SF0
#
_entry.id   6SF0
#
_cell.length_a   153.750
_cell.length_b   148.678
_cell.length_c   139.119
_cell.angle_alpha   90.00
_cell.angle_beta   97.08
_cell.angle_gamma   90.00
#
_symmetry.space_group_name_H-M   'C 1 2 1'
#
loop_
_entity.id
_entity.type
_entity.pdbx_description
1 polymer 'Ancestral Flavin-containing monooxygenase (FMO) 2'
2 non-polymer 'FLAVIN-ADENINE DINUCLEOTIDE'
3 non-polymer 'NADP NICOTINAMIDE-ADENINE-DINUCLEOTIDE PHOSPHATE'
4 non-polymer CYCLOHEXYL-HEXYL-BETA-D-MALTOSIDE
5 water water
#
_entity_poly.entity_id   1
_entity_poly.type   'polypeptide(L)'
_entity_poly.pdbx_seq_one_letter_code
;MAKKVAVIGAGVSGLISLKCCVDEGLEPTCFERTEDIGGLWRFKENVEDGRASIYQSVITNTSKEMSCFSDFPMPEHFPN
FLHNSKLLEYFRIFAKKFDLLKYIQFQTTVLSVKKCPDFSSSGQWEIVTESNGKEQSAVFDAVMVCSGHHILPHIPLQSF
PGIERFKGQYFHSRQYKHPEGFEGKRILVIGIGNSASDIAVELSKKAAQVFISTRHGSWVMSRISDDGYPWDMVFHTRFS
SMLRNVLPRTVVKWMMEQQMNRWFNHENYGLEPQNKYLMKEPVLNDDLPSRLLYGAIKVKSRVKELTETSAIFEDGTVEE
DIDVIVFATGYTFSFPFLEDSLVKVENNMVSLYKYMFPPHLEKPTLACIGLIQPLGSIFPTVELQARWVTRVFKGLCTLP
SESTMMADIIKRNEKRIDLFGESQSQILQTNYIDYLDELALEIGAKPDLLSLLLKDPKLAMKLYFGPCNSYQYRLVGPGQ
WEGARNAIFTQKQRILKPLKTRALKASSNFPVSFLLKILGLLAVVVAFFFQLQWF
;
_entity_poly.pdbx_strand_id   B,A,C,D
#
# COMPACT_ATOMS: atom_id res chain seq x y z
N ALA A 2 -30.31 25.68 -45.71
CA ALA A 2 -29.40 24.50 -45.94
C ALA A 2 -29.40 23.58 -44.70
N LYS A 3 -30.06 22.40 -44.83
CA LYS A 3 -30.19 21.41 -43.76
C LYS A 3 -29.28 20.20 -44.00
N LYS A 4 -29.39 19.57 -45.17
CA LYS A 4 -28.69 18.32 -45.46
C LYS A 4 -27.22 18.64 -45.79
N VAL A 5 -26.32 18.36 -44.82
CA VAL A 5 -24.90 18.77 -44.87
C VAL A 5 -24.00 17.53 -44.91
N ALA A 6 -22.86 17.71 -45.59
CA ALA A 6 -21.84 16.69 -45.76
C ALA A 6 -20.62 17.04 -44.92
N VAL A 7 -20.07 16.05 -44.19
CA VAL A 7 -18.77 16.15 -43.53
C VAL A 7 -17.86 15.04 -44.05
N ILE A 8 -16.81 15.45 -44.76
CA ILE A 8 -15.86 14.54 -45.34
C ILE A 8 -14.89 14.11 -44.23
N GLY A 9 -14.89 12.83 -43.88
CA GLY A 9 -13.95 12.28 -42.89
C GLY A 9 -14.46 12.40 -41.46
N ALA A 10 -14.15 11.37 -40.66
CA ALA A 10 -14.57 11.25 -39.27
C ALA A 10 -13.35 11.46 -38.35
N GLY A 11 -12.49 12.41 -38.73
CA GLY A 11 -11.36 12.78 -37.93
C GLY A 11 -11.83 13.40 -36.63
N VAL A 12 -10.96 14.22 -36.03
CA VAL A 12 -11.34 15.04 -34.91
C VAL A 12 -12.32 16.09 -35.42
N SER A 13 -11.95 16.66 -36.57
CA SER A 13 -12.67 17.76 -37.18
C SER A 13 -14.07 17.30 -37.59
N GLY A 14 -14.17 16.09 -38.17
CA GLY A 14 -15.44 15.51 -38.56
C GLY A 14 -16.40 15.38 -37.39
N LEU A 15 -15.86 14.98 -36.25
CA LEU A 15 -16.68 14.64 -35.10
C LEU A 15 -17.18 15.91 -34.42
N ILE A 16 -16.39 17.01 -34.49
CA ILE A 16 -16.76 18.25 -33.81
C ILE A 16 -17.79 19.00 -34.67
N SER A 17 -17.57 19.01 -35.99
CA SER A 17 -18.55 19.61 -36.90
C SER A 17 -19.89 18.85 -36.77
N LEU A 18 -19.81 17.52 -36.80
CA LEU A 18 -20.97 16.66 -36.64
C LEU A 18 -21.80 17.13 -35.43
N LYS A 19 -21.11 17.45 -34.34
CA LYS A 19 -21.75 17.88 -33.10
C LYS A 19 -22.22 19.33 -33.22
N CYS A 20 -21.38 20.18 -33.80
CA CYS A 20 -21.74 21.58 -34.03
C CYS A 20 -22.98 21.69 -34.92
N CYS A 21 -23.15 20.71 -35.81
CA CYS A 21 -24.28 20.62 -36.73
C CYS A 21 -25.56 20.36 -35.97
N VAL A 22 -25.62 19.20 -35.31
CA VAL A 22 -26.82 18.85 -34.60
C VAL A 22 -27.15 20.01 -33.66
N ASP A 23 -26.11 20.70 -33.17
CA ASP A 23 -26.26 21.78 -32.20
C ASP A 23 -26.91 23.02 -32.85
N GLU A 24 -26.62 23.28 -34.13
CA GLU A 24 -27.26 24.38 -34.87
C GLU A 24 -28.45 23.82 -35.68
N GLY A 25 -28.91 22.62 -35.32
CA GLY A 25 -30.08 21.97 -35.86
C GLY A 25 -29.99 21.78 -37.37
N LEU A 26 -28.91 21.14 -37.83
CA LEU A 26 -28.77 20.67 -39.21
C LEU A 26 -28.86 19.14 -39.22
N GLU A 27 -28.87 18.55 -40.42
CA GLU A 27 -28.86 17.10 -40.59
C GLU A 27 -27.61 16.74 -41.38
N PRO A 28 -26.60 16.16 -40.68
CA PRO A 28 -25.34 15.80 -41.33
C PRO A 28 -25.20 14.34 -41.78
N THR A 29 -24.41 14.12 -42.83
CA THR A 29 -23.98 12.78 -43.24
C THR A 29 -22.45 12.78 -43.37
N CYS A 30 -21.82 11.94 -42.54
CA CYS A 30 -20.38 11.81 -42.45
C CYS A 30 -19.94 10.60 -43.28
N PHE A 31 -19.01 10.83 -44.21
CA PHE A 31 -18.38 9.76 -44.93
C PHE A 31 -17.00 9.52 -44.30
N GLU A 32 -16.70 8.25 -44.03
CA GLU A 32 -15.42 7.81 -43.50
C GLU A 32 -14.86 6.70 -44.39
N ARG A 33 -13.63 6.89 -44.87
CA ARG A 33 -12.96 5.91 -45.72
C ARG A 33 -12.69 4.63 -44.91
N THR A 34 -12.27 4.77 -43.64
CA THR A 34 -11.83 3.65 -42.79
C THR A 34 -13.02 3.05 -42.03
N GLU A 35 -12.74 2.02 -41.24
CA GLU A 35 -13.73 1.29 -40.47
C GLU A 35 -14.15 2.06 -39.22
N ASP A 36 -13.34 3.04 -38.78
CA ASP A 36 -13.55 3.65 -37.46
C ASP A 36 -13.12 5.13 -37.44
N ILE A 37 -13.39 5.76 -36.28
CA ILE A 37 -13.21 7.18 -36.03
C ILE A 37 -11.79 7.48 -35.53
N GLY A 38 -11.47 8.78 -35.47
CA GLY A 38 -10.26 9.30 -34.82
C GLY A 38 -9.22 9.75 -35.83
N GLY A 39 -9.30 9.16 -37.03
CA GLY A 39 -8.29 9.34 -38.04
C GLY A 39 -6.90 9.13 -37.45
N LEU A 40 -6.12 10.21 -37.46
CA LEU A 40 -4.70 10.22 -37.08
C LEU A 40 -4.47 9.45 -35.76
N TRP A 41 -5.36 9.66 -34.79
CA TRP A 41 -5.14 9.27 -33.41
C TRP A 41 -5.52 7.79 -33.17
N ARG A 42 -6.17 7.16 -34.15
CA ARG A 42 -6.39 5.71 -34.10
C ARG A 42 -5.11 5.02 -34.60
N PHE A 43 -4.20 4.69 -33.68
CA PHE A 43 -2.96 3.97 -34.00
C PHE A 43 -3.27 2.62 -34.64
N LYS A 44 -2.74 2.39 -35.85
CA LYS A 44 -2.68 1.07 -36.44
C LYS A 44 -1.22 0.78 -36.79
N GLU A 45 -0.88 -0.52 -36.86
CA GLU A 45 0.52 -0.99 -36.92
C GLU A 45 1.04 -0.84 -38.36
N ASN A 46 0.16 -1.07 -39.34
CA ASN A 46 0.45 -0.84 -40.78
C ASN A 46 0.22 0.64 -41.11
N VAL A 47 0.50 1.04 -42.36
CA VAL A 47 0.41 2.46 -42.81
C VAL A 47 -0.64 2.60 -43.93
N GLU A 48 -1.89 2.22 -43.66
CA GLU A 48 -2.94 2.17 -44.71
C GLU A 48 -3.12 3.56 -45.36
N ASP A 49 -3.31 3.57 -46.69
CA ASP A 49 -3.45 4.80 -47.46
C ASP A 49 -4.73 5.57 -47.11
N GLY A 50 -4.62 6.91 -47.12
CA GLY A 50 -5.74 7.85 -46.92
C GLY A 50 -5.87 8.35 -45.49
N ARG A 51 -4.99 7.86 -44.60
CA ARG A 51 -5.05 8.20 -43.19
C ARG A 51 -3.61 8.30 -42.64
N ALA A 52 -3.40 9.24 -41.72
CA ALA A 52 -2.07 9.55 -41.22
C ALA A 52 -1.61 8.45 -40.25
N SER A 53 -0.35 8.01 -40.43
CA SER A 53 0.30 7.09 -39.51
C SER A 53 0.80 7.86 -38.29
N ILE A 54 0.74 7.22 -37.11
CA ILE A 54 1.48 7.68 -35.97
C ILE A 54 2.21 6.48 -35.35
N TYR A 55 3.39 6.77 -34.80
CA TYR A 55 4.19 5.78 -34.14
C TYR A 55 3.59 5.45 -32.77
N GLN A 56 3.69 4.18 -32.38
CA GLN A 56 2.95 3.56 -31.26
C GLN A 56 2.97 4.42 -29.97
N SER A 57 4.02 5.24 -29.80
CA SER A 57 4.36 5.80 -28.50
C SER A 57 4.16 7.33 -28.45
N VAL A 58 3.22 7.84 -29.23
CA VAL A 58 2.99 9.28 -29.28
C VAL A 58 2.19 9.71 -28.04
N ILE A 59 2.66 10.80 -27.43
CA ILE A 59 1.97 11.49 -26.32
C ILE A 59 1.54 12.86 -26.87
N THR A 60 0.45 13.42 -26.37
CA THR A 60 -0.05 14.73 -26.88
C THR A 60 0.85 15.86 -26.40
N ASN A 61 0.84 16.99 -27.09
CA ASN A 61 1.71 18.10 -26.61
C ASN A 61 0.84 19.24 -26.07
N THR A 62 -0.38 18.95 -25.65
CA THR A 62 -1.29 19.98 -25.09
C THR A 62 -2.02 19.41 -23.86
N SER A 63 -2.09 20.20 -22.78
CA SER A 63 -2.82 19.84 -21.57
C SER A 63 -4.25 19.41 -21.92
N LYS A 64 -4.86 18.65 -21.02
CA LYS A 64 -6.19 18.14 -21.18
C LYS A 64 -7.19 19.28 -21.00
N GLU A 65 -6.90 20.22 -20.09
CA GLU A 65 -7.83 21.32 -19.79
C GLU A 65 -7.54 22.54 -20.69
N MET A 66 -6.66 22.38 -21.67
CA MET A 66 -6.34 23.39 -22.63
C MET A 66 -6.68 22.92 -24.05
N SER A 67 -7.21 21.69 -24.15
CA SER A 67 -7.40 21.03 -25.43
C SER A 67 -8.74 20.28 -25.48
N CYS A 68 -9.43 20.13 -24.35
CA CYS A 68 -10.77 19.58 -24.36
C CYS A 68 -11.72 20.60 -25.01
N PHE A 69 -12.88 20.11 -25.47
CA PHE A 69 -13.88 20.96 -26.13
C PHE A 69 -14.55 21.89 -25.10
N SER A 70 -15.03 23.04 -25.59
CA SER A 70 -15.44 24.20 -24.76
C SER A 70 -16.51 23.85 -23.73
N ASP A 71 -17.26 22.76 -23.96
CA ASP A 71 -18.38 22.39 -23.09
C ASP A 71 -18.27 20.93 -22.63
N PHE A 72 -17.12 20.29 -22.85
CA PHE A 72 -16.94 18.86 -22.53
C PHE A 72 -15.54 18.60 -21.99
N PRO A 73 -15.30 18.96 -20.71
CA PRO A 73 -14.03 18.66 -20.05
C PRO A 73 -13.68 17.17 -20.11
N MET A 74 -12.36 16.90 -20.20
CA MET A 74 -11.82 15.58 -20.07
C MET A 74 -12.09 15.07 -18.67
N PRO A 75 -12.50 13.79 -18.52
CA PRO A 75 -12.78 13.21 -17.19
C PRO A 75 -11.65 13.59 -16.22
N GLU A 76 -11.97 13.71 -14.93
CA GLU A 76 -10.98 14.18 -13.97
C GLU A 76 -9.81 13.18 -13.88
N HIS A 77 -10.11 11.89 -14.02
CA HIS A 77 -9.15 10.81 -13.83
C HIS A 77 -8.27 10.58 -15.06
N PHE A 78 -8.21 11.57 -15.95
CA PHE A 78 -7.32 11.54 -17.14
C PHE A 78 -6.05 12.33 -16.82
N PRO A 79 -4.89 11.91 -17.35
CA PRO A 79 -3.64 12.63 -17.15
C PRO A 79 -3.61 13.86 -18.08
N ASN A 80 -2.72 14.82 -17.82
CA ASN A 80 -2.80 16.12 -18.47
C ASN A 80 -2.19 16.04 -19.88
N PHE A 81 -1.29 15.08 -20.11
CA PHE A 81 -0.86 14.74 -21.45
C PHE A 81 -1.18 13.27 -21.68
N LEU A 82 -1.52 12.94 -22.92
CA LEU A 82 -2.22 11.72 -23.23
C LEU A 82 -1.44 10.87 -24.24
N HIS A 83 -1.35 9.57 -23.94
CA HIS A 83 -1.00 8.60 -24.95
C HIS A 83 -2.10 8.63 -26.02
N ASN A 84 -1.70 8.59 -27.28
CA ASN A 84 -2.65 8.65 -28.41
C ASN A 84 -3.90 7.80 -28.11
N SER A 85 -3.70 6.59 -27.56
CA SER A 85 -4.79 5.68 -27.25
C SER A 85 -5.76 6.27 -26.22
N LYS A 86 -5.24 6.95 -25.18
CA LYS A 86 -6.06 7.51 -24.12
C LYS A 86 -6.81 8.75 -24.63
N LEU A 87 -6.26 9.41 -25.68
CA LEU A 87 -6.94 10.55 -26.27
C LEU A 87 -8.12 10.02 -27.08
N LEU A 88 -7.84 9.04 -27.94
CA LEU A 88 -8.85 8.41 -28.76
C LEU A 88 -10.09 8.14 -27.90
N GLU A 89 -9.84 7.60 -26.72
CA GLU A 89 -10.88 7.29 -25.74
C GLU A 89 -11.78 8.52 -25.49
N TYR A 90 -11.17 9.67 -25.23
CA TYR A 90 -11.90 10.92 -25.05
C TYR A 90 -12.85 11.11 -26.22
N PHE A 91 -12.29 10.98 -27.44
CA PHE A 91 -13.07 11.10 -28.67
C PHE A 91 -14.25 10.12 -28.68
N ARG A 92 -13.97 8.85 -28.39
CA ARG A 92 -15.01 7.82 -28.38
C ARG A 92 -16.08 8.20 -27.37
N ILE A 93 -15.64 8.65 -26.18
CA ILE A 93 -16.50 9.02 -25.06
C ILE A 93 -17.34 10.26 -25.42
N PHE A 94 -16.78 11.12 -26.26
CA PHE A 94 -17.45 12.31 -26.80
C PHE A 94 -18.52 11.92 -27.84
N ALA A 95 -18.16 10.98 -28.72
CA ALA A 95 -19.04 10.49 -29.79
C ALA A 95 -20.21 9.67 -29.19
N LYS A 96 -20.02 9.14 -27.98
CA LYS A 96 -21.05 8.45 -27.23
C LYS A 96 -22.02 9.50 -26.68
N LYS A 97 -21.50 10.42 -25.87
CA LYS A 97 -22.30 11.36 -25.11
C LYS A 97 -23.21 12.14 -26.06
N PHE A 98 -22.66 12.59 -27.18
CA PHE A 98 -23.38 13.48 -28.10
C PHE A 98 -23.99 12.71 -29.28
N ASP A 99 -23.95 11.37 -29.24
CA ASP A 99 -24.65 10.48 -30.17
C ASP A 99 -24.36 10.88 -31.63
N LEU A 100 -23.11 10.79 -32.05
CA LEU A 100 -22.67 11.27 -33.34
C LEU A 100 -22.33 10.10 -34.26
N LEU A 101 -22.37 8.89 -33.72
CA LEU A 101 -21.83 7.72 -34.39
C LEU A 101 -22.82 7.23 -35.46
N LYS A 102 -24.10 7.62 -35.30
CA LYS A 102 -25.16 7.18 -36.19
C LYS A 102 -25.04 7.79 -37.60
N TYR A 103 -24.39 8.96 -37.73
CA TYR A 103 -24.29 9.65 -39.03
C TYR A 103 -23.08 9.15 -39.83
N ILE A 104 -22.24 8.31 -39.21
CA ILE A 104 -20.98 7.90 -39.81
C ILE A 104 -21.28 6.73 -40.76
N GLN A 105 -20.98 6.94 -42.04
CA GLN A 105 -20.88 5.85 -42.99
C GLN A 105 -19.41 5.46 -43.11
N PHE A 106 -19.07 4.31 -42.50
CA PHE A 106 -17.70 3.78 -42.56
C PHE A 106 -17.50 3.07 -43.90
N GLN A 107 -16.22 2.85 -44.26
CA GLN A 107 -15.83 2.16 -45.50
C GLN A 107 -16.55 2.78 -46.72
N THR A 108 -16.73 4.11 -46.68
CA THR A 108 -17.44 4.85 -47.72
C THR A 108 -16.64 6.12 -48.06
N THR A 109 -15.60 5.94 -48.86
CA THR A 109 -14.68 7.02 -49.26
C THR A 109 -15.40 7.97 -50.23
N VAL A 110 -15.00 9.25 -50.25
CA VAL A 110 -15.58 10.28 -51.12
C VAL A 110 -14.63 10.53 -52.31
N LEU A 111 -15.19 10.43 -53.52
CA LEU A 111 -14.41 10.37 -54.75
C LEU A 111 -14.41 11.73 -55.46
N SER A 112 -15.55 12.43 -55.43
CA SER A 112 -15.65 13.77 -56.02
C SER A 112 -16.78 14.56 -55.34
N VAL A 113 -16.51 15.86 -55.14
CA VAL A 113 -17.48 16.82 -54.67
C VAL A 113 -17.62 17.86 -55.79
N LYS A 114 -18.76 17.77 -56.49
CA LYS A 114 -19.05 18.53 -57.67
C LYS A 114 -20.18 19.54 -57.37
N LYS A 115 -20.03 20.73 -57.95
CA LYS A 115 -21.01 21.78 -57.86
C LYS A 115 -22.21 21.39 -58.73
N CYS A 116 -23.42 21.63 -58.21
CA CYS A 116 -24.67 21.59 -59.00
C CYS A 116 -24.85 22.93 -59.71
N PRO A 117 -25.90 23.09 -60.56
CA PRO A 117 -26.47 24.42 -60.85
C PRO A 117 -26.82 25.27 -59.61
N ASP A 118 -25.77 25.95 -59.09
CA ASP A 118 -25.77 26.81 -57.86
C ASP A 118 -26.71 28.00 -58.14
N GLY A 123 -28.13 26.08 -54.29
CA GLY A 123 -26.74 26.38 -53.86
C GLY A 123 -25.92 25.15 -53.46
N GLN A 124 -26.22 24.00 -54.05
CA GLN A 124 -25.94 22.67 -53.50
C GLN A 124 -24.63 22.09 -54.06
N TRP A 125 -24.39 20.81 -53.72
CA TRP A 125 -23.23 20.03 -54.16
C TRP A 125 -23.63 18.57 -54.44
N GLU A 126 -22.96 17.97 -55.42
CA GLU A 126 -23.18 16.60 -55.89
C GLU A 126 -21.94 15.75 -55.55
N ILE A 127 -22.10 14.88 -54.56
CA ILE A 127 -20.99 14.13 -54.00
C ILE A 127 -21.07 12.68 -54.47
N VAL A 128 -19.98 12.23 -55.12
CA VAL A 128 -19.81 10.85 -55.50
C VAL A 128 -19.02 10.12 -54.42
N THR A 129 -19.62 9.09 -53.82
CA THR A 129 -18.95 8.23 -52.85
C THR A 129 -19.00 6.78 -53.37
N GLU A 130 -18.02 5.96 -52.95
CA GLU A 130 -18.02 4.52 -53.25
C GLU A 130 -18.14 3.75 -51.93
N SER A 131 -19.05 2.76 -51.89
CA SER A 131 -19.11 1.77 -50.81
C SER A 131 -18.44 0.48 -51.29
N ASN A 132 -18.64 -0.62 -50.57
CA ASN A 132 -17.96 -1.89 -50.81
C ASN A 132 -18.25 -2.39 -52.24
N GLY A 133 -17.62 -1.76 -53.24
CA GLY A 133 -17.74 -2.16 -54.65
C GLY A 133 -18.52 -1.16 -55.50
N LYS A 134 -19.83 -1.08 -55.27
CA LYS A 134 -20.73 -0.26 -56.10
C LYS A 134 -20.84 1.14 -55.50
N GLU A 135 -20.69 2.16 -56.36
CA GLU A 135 -20.57 3.57 -55.95
C GLU A 135 -21.90 4.29 -56.20
N GLN A 136 -22.50 4.81 -55.11
CA GLN A 136 -23.72 5.60 -55.18
C GLN A 136 -23.35 7.08 -55.43
N SER A 137 -24.38 7.94 -55.43
CA SER A 137 -24.27 9.39 -55.62
C SER A 137 -25.39 10.08 -54.83
N ALA A 138 -25.18 11.35 -54.44
CA ALA A 138 -26.16 12.13 -53.70
C ALA A 138 -25.84 13.62 -53.81
N VAL A 139 -26.80 14.44 -53.36
CA VAL A 139 -26.67 15.90 -53.36
C VAL A 139 -26.76 16.39 -51.93
N PHE A 140 -26.06 17.49 -51.65
CA PHE A 140 -26.05 18.12 -50.33
C PHE A 140 -26.11 19.65 -50.48
N ASP A 141 -26.61 20.29 -49.43
CA ASP A 141 -26.83 21.72 -49.39
C ASP A 141 -25.49 22.39 -49.15
N ALA A 142 -24.66 21.80 -48.27
CA ALA A 142 -23.32 22.31 -47.94
C ALA A 142 -22.37 21.16 -47.57
N VAL A 143 -21.08 21.51 -47.53
CA VAL A 143 -19.99 20.54 -47.44
C VAL A 143 -18.95 21.03 -46.43
N MET A 144 -18.54 20.13 -45.54
CA MET A 144 -17.46 20.35 -44.57
C MET A 144 -16.34 19.31 -44.79
N VAL A 145 -15.12 19.81 -45.01
CA VAL A 145 -14.01 18.96 -45.42
C VAL A 145 -13.05 18.75 -44.24
N CYS A 146 -12.89 17.48 -43.83
CA CYS A 146 -12.16 17.08 -42.65
C CYS A 146 -11.27 15.87 -42.97
N SER A 147 -10.49 16.00 -44.05
CA SER A 147 -9.75 14.90 -44.68
C SER A 147 -8.32 14.79 -44.13
N GLY A 148 -7.94 15.74 -43.27
CA GLY A 148 -6.60 15.80 -42.65
C GLY A 148 -5.58 16.44 -43.58
N HIS A 149 -4.34 16.62 -43.11
CA HIS A 149 -3.26 17.19 -43.94
C HIS A 149 -1.88 16.72 -43.48
N HIS A 150 -1.84 15.60 -42.75
CA HIS A 150 -0.59 14.93 -42.33
C HIS A 150 -0.56 13.50 -42.91
N ILE A 151 -0.95 13.41 -44.18
CA ILE A 151 -1.19 12.16 -44.88
C ILE A 151 -0.18 12.00 -46.03
N LEU A 152 0.06 13.07 -46.78
CA LEU A 152 1.01 13.05 -47.88
C LEU A 152 2.41 13.34 -47.35
N PRO A 153 3.33 12.34 -47.34
CA PRO A 153 4.70 12.59 -46.92
C PRO A 153 5.41 13.56 -47.88
N HIS A 154 6.14 14.52 -47.31
CA HIS A 154 7.04 15.37 -48.07
C HIS A 154 8.46 14.85 -47.88
N ILE A 155 9.06 14.36 -48.98
CA ILE A 155 10.40 13.79 -48.98
C ILE A 155 11.24 14.56 -50.00
N PRO A 156 12.01 15.58 -49.59
CA PRO A 156 12.68 16.47 -50.54
C PRO A 156 14.00 15.90 -51.07
N LEU A 157 13.95 14.67 -51.59
CA LEU A 157 15.13 13.88 -51.91
C LEU A 157 16.11 14.74 -52.73
N GLN A 158 15.55 15.66 -53.52
CA GLN A 158 16.31 16.42 -54.50
C GLN A 158 17.29 17.39 -53.84
N SER A 159 17.12 17.69 -52.54
CA SER A 159 18.11 18.49 -51.79
C SER A 159 18.99 17.58 -50.92
N PHE A 160 19.15 16.32 -51.35
CA PHE A 160 20.12 15.38 -50.80
C PHE A 160 20.86 14.71 -51.95
N PRO A 161 21.80 15.44 -52.59
CA PRO A 161 22.65 14.83 -53.62
C PRO A 161 23.33 13.55 -53.12
N GLY A 162 23.16 12.47 -53.91
CA GLY A 162 23.92 11.23 -53.73
C GLY A 162 23.06 10.11 -53.17
N ILE A 163 21.82 10.46 -52.80
CA ILE A 163 20.85 9.54 -52.19
C ILE A 163 20.77 8.25 -53.02
N GLU A 164 20.83 8.40 -54.34
CA GLU A 164 20.79 7.29 -55.32
C GLU A 164 21.88 6.26 -54.96
N ARG A 165 23.07 6.80 -54.65
CA ARG A 165 24.26 6.02 -54.38
C ARG A 165 24.14 5.32 -53.03
N PHE A 166 23.44 5.95 -52.08
CA PHE A 166 23.32 5.42 -50.72
C PHE A 166 22.71 4.02 -50.75
N LYS A 167 23.40 3.09 -50.09
CA LYS A 167 22.93 1.74 -49.88
C LYS A 167 21.99 1.77 -48.67
N GLY A 168 22.36 1.09 -47.58
CA GLY A 168 21.57 1.11 -46.34
C GLY A 168 20.07 1.03 -46.60
N GLN A 169 19.30 1.83 -45.86
CA GLN A 169 17.83 1.85 -45.87
C GLN A 169 17.36 3.26 -45.49
N TYR A 170 16.37 3.80 -46.19
CA TYR A 170 15.88 5.13 -45.87
C TYR A 170 14.35 5.17 -46.03
N PHE A 171 13.68 5.90 -45.13
CA PHE A 171 12.22 6.02 -45.15
C PHE A 171 11.75 7.20 -44.29
N HIS A 172 10.57 7.71 -44.64
CA HIS A 172 10.00 8.94 -44.11
C HIS A 172 9.32 8.64 -42.78
N SER A 173 9.20 9.69 -41.95
CA SER A 173 8.61 9.62 -40.60
C SER A 173 7.30 8.84 -40.62
N ARG A 174 6.41 9.19 -41.56
CA ARG A 174 5.12 8.52 -41.75
C ARG A 174 5.26 7.01 -41.50
N GLN A 175 6.21 6.38 -42.19
CA GLN A 175 6.41 4.92 -42.18
C GLN A 175 6.68 4.39 -40.77
N TYR A 176 7.32 5.21 -39.93
CA TYR A 176 7.79 4.82 -38.61
C TYR A 176 6.63 4.39 -37.70
N LYS A 177 6.92 3.39 -36.86
CA LYS A 177 5.97 2.82 -35.92
C LYS A 177 6.71 2.38 -34.64
N HIS A 178 7.60 1.40 -34.80
CA HIS A 178 8.28 0.83 -33.67
C HIS A 178 9.77 1.06 -33.80
N PRO A 179 10.50 1.11 -32.66
CA PRO A 179 11.96 1.16 -32.66
C PRO A 179 12.66 -0.21 -32.73
N GLU A 180 11.99 -1.25 -32.21
CA GLU A 180 12.52 -2.60 -32.27
C GLU A 180 12.81 -2.93 -33.73
N GLY A 181 14.05 -3.31 -34.02
CA GLY A 181 14.50 -3.56 -35.36
C GLY A 181 15.70 -2.71 -35.70
N PHE A 182 15.81 -1.53 -35.07
CA PHE A 182 16.92 -0.61 -35.34
C PHE A 182 17.86 -0.56 -34.13
N GLU A 183 17.96 -1.70 -33.42
CA GLU A 183 18.92 -1.85 -32.35
C GLU A 183 20.34 -1.71 -32.94
N GLY A 184 21.20 -1.03 -32.18
CA GLY A 184 22.63 -0.92 -32.43
C GLY A 184 23.00 -0.60 -33.88
N LYS A 185 22.12 0.13 -34.57
CA LYS A 185 22.39 0.57 -35.94
C LYS A 185 22.84 2.02 -35.87
N ARG A 186 23.63 2.45 -36.86
CA ARG A 186 23.94 3.84 -37.00
C ARG A 186 22.79 4.49 -37.77
N ILE A 187 22.18 5.54 -37.21
CA ILE A 187 20.92 6.13 -37.74
C ILE A 187 21.01 7.66 -37.78
N LEU A 188 20.67 8.22 -38.94
CA LEU A 188 20.60 9.66 -39.16
C LEU A 188 19.14 10.02 -39.42
N VAL A 189 18.58 10.96 -38.63
CA VAL A 189 17.26 11.51 -38.92
C VAL A 189 17.42 12.96 -39.36
N ILE A 190 16.54 13.36 -40.28
CA ILE A 190 16.56 14.66 -40.90
C ILE A 190 15.41 15.51 -40.34
N GLY A 191 15.73 16.77 -40.06
CA GLY A 191 14.76 17.78 -39.62
C GLY A 191 14.65 17.86 -38.11
N ILE A 192 14.04 18.94 -37.62
CA ILE A 192 13.71 19.06 -36.21
C ILE A 192 12.18 19.20 -36.06
N GLY A 193 11.47 18.27 -36.69
CA GLY A 193 10.07 18.04 -36.45
C GLY A 193 9.91 17.37 -35.11
N ASN A 194 8.76 17.58 -34.47
CA ASN A 194 8.43 16.85 -33.23
C ASN A 194 8.52 15.36 -33.53
N SER A 195 8.19 14.98 -34.77
CA SER A 195 8.53 13.68 -35.39
C SER A 195 10.03 13.40 -35.22
N ALA A 196 10.88 14.13 -35.94
CA ALA A 196 12.33 13.93 -35.89
C ALA A 196 12.79 13.68 -34.45
N SER A 197 12.35 14.57 -33.54
CA SER A 197 12.77 14.55 -32.16
C SER A 197 12.30 13.27 -31.47
N ASP A 198 10.99 13.05 -31.48
CA ASP A 198 10.40 11.86 -30.86
C ASP A 198 11.08 10.62 -31.41
N ILE A 199 11.18 10.55 -32.75
CA ILE A 199 11.77 9.40 -33.45
C ILE A 199 13.21 9.24 -32.93
N ALA A 200 14.07 10.19 -33.31
CA ALA A 200 15.48 10.18 -32.94
C ALA A 200 15.65 9.64 -31.52
N VAL A 201 14.91 10.24 -30.59
CA VAL A 201 14.99 9.91 -29.20
C VAL A 201 14.67 8.43 -29.01
N GLU A 202 13.45 8.04 -29.36
CA GLU A 202 13.02 6.68 -29.19
C GLU A 202 14.14 5.75 -29.70
N LEU A 203 14.55 5.93 -30.96
CA LEU A 203 15.56 5.06 -31.61
C LEU A 203 16.90 5.11 -30.88
N SER A 204 17.26 6.29 -30.34
CA SER A 204 18.58 6.58 -29.78
C SER A 204 18.90 5.74 -28.54
N LYS A 205 17.89 5.46 -27.71
CA LYS A 205 18.15 4.76 -26.47
C LYS A 205 18.89 3.44 -26.72
N LYS A 206 18.51 2.71 -27.77
CA LYS A 206 18.94 1.31 -28.01
C LYS A 206 19.79 1.20 -29.29
N ALA A 207 20.25 2.33 -29.84
CA ALA A 207 20.94 2.40 -31.13
C ALA A 207 22.44 2.63 -30.90
N ALA A 208 23.23 2.39 -31.95
CA ALA A 208 24.66 2.60 -31.91
C ALA A 208 24.94 4.10 -31.72
N GLN A 209 24.32 4.89 -32.61
CA GLN A 209 24.43 6.33 -32.61
C GLN A 209 23.25 6.89 -33.40
N VAL A 210 22.69 8.02 -32.94
CA VAL A 210 21.74 8.75 -33.72
C VAL A 210 22.26 10.17 -33.91
N PHE A 211 22.08 10.68 -35.14
CA PHE A 211 22.32 12.05 -35.48
C PHE A 211 20.97 12.70 -35.80
N ILE A 212 20.96 14.03 -35.91
CA ILE A 212 19.76 14.74 -36.29
C ILE A 212 20.19 16.02 -37.01
N SER A 213 19.87 16.09 -38.31
CA SER A 213 20.26 17.19 -39.18
C SER A 213 19.29 18.37 -39.00
N THR A 214 19.83 19.59 -38.98
CA THR A 214 19.05 20.79 -39.38
C THR A 214 19.98 21.86 -39.93
N ARG A 215 19.45 22.66 -40.87
CA ARG A 215 20.11 23.87 -41.28
C ARG A 215 19.86 24.89 -40.17
N HIS A 216 18.59 24.97 -39.78
CA HIS A 216 18.04 26.16 -39.18
C HIS A 216 18.08 26.05 -37.64
N GLY A 217 17.82 24.84 -37.12
CA GLY A 217 17.81 24.60 -35.69
C GLY A 217 16.59 25.22 -35.03
N SER A 218 15.94 24.47 -34.15
CA SER A 218 14.72 24.91 -33.47
C SER A 218 15.03 25.25 -32.02
N TRP A 219 13.99 25.69 -31.32
CA TRP A 219 14.03 25.81 -29.91
C TRP A 219 13.28 24.62 -29.31
N VAL A 220 13.96 23.91 -28.42
CA VAL A 220 13.38 22.81 -27.68
C VAL A 220 12.75 23.34 -26.39
N MET A 221 11.75 22.61 -25.88
CA MET A 221 10.94 23.05 -24.76
C MET A 221 10.14 21.87 -24.20
N SER A 222 10.16 21.72 -22.87
CA SER A 222 9.44 20.62 -22.21
C SER A 222 7.99 21.04 -21.93
N ARG A 223 7.12 20.03 -21.84
CA ARG A 223 5.68 20.23 -21.55
C ARG A 223 5.56 20.55 -20.06
N ILE A 224 6.62 20.26 -19.32
CA ILE A 224 6.69 20.63 -17.91
C ILE A 224 6.99 22.13 -17.84
N SER A 225 6.18 22.85 -17.06
CA SER A 225 6.34 24.28 -16.90
C SER A 225 6.19 24.66 -15.43
N ASP A 226 6.23 25.96 -15.19
CA ASP A 226 6.08 26.56 -13.87
C ASP A 226 5.40 25.57 -12.92
N ASP A 227 6.15 25.09 -11.91
CA ASP A 227 5.63 24.27 -10.81
C ASP A 227 4.96 23.00 -11.38
N GLY A 228 5.57 22.48 -12.45
CA GLY A 228 5.13 21.30 -13.16
C GLY A 228 3.70 21.40 -13.67
N TYR A 229 3.24 22.61 -13.99
CA TYR A 229 1.95 22.76 -14.65
C TYR A 229 2.22 22.76 -16.16
N PRO A 230 1.28 22.24 -16.97
CA PRO A 230 1.48 22.14 -18.42
C PRO A 230 1.90 23.47 -19.06
N TRP A 231 2.79 23.39 -20.04
CA TRP A 231 3.36 24.57 -20.70
C TRP A 231 2.27 25.48 -21.27
N ASP A 232 1.23 24.88 -21.83
CA ASP A 232 0.24 25.62 -22.60
C ASP A 232 -0.60 26.53 -21.67
N MET A 233 -0.70 26.18 -20.38
CA MET A 233 -1.57 26.93 -19.49
C MET A 233 -0.79 28.05 -18.81
N VAL A 234 0.51 28.12 -19.07
CA VAL A 234 1.29 29.26 -18.68
C VAL A 234 1.57 30.09 -19.93
N PHE A 235 1.80 29.44 -21.06
CA PHE A 235 2.14 30.12 -22.31
C PHE A 235 0.90 30.81 -22.88
N HIS A 236 -0.20 30.06 -23.06
CA HIS A 236 -1.42 30.56 -23.69
C HIS A 236 -2.37 31.15 -22.63
N THR A 237 -2.18 32.45 -22.34
CA THR A 237 -3.04 33.21 -21.43
C THR A 237 -3.16 34.63 -22.03
N ARG A 238 -4.41 35.06 -22.26
CA ARG A 238 -4.72 36.36 -22.86
C ARG A 238 -3.59 37.35 -22.58
N PHE A 239 -3.31 37.59 -21.29
CA PHE A 239 -2.37 38.61 -20.84
C PHE A 239 -1.02 38.48 -21.56
N SER A 240 -0.49 37.25 -21.57
CA SER A 240 0.80 36.99 -22.15
C SER A 240 0.76 37.19 -23.66
N SER A 241 -0.38 36.83 -24.29
CA SER A 241 -0.57 37.04 -25.74
C SER A 241 -0.34 38.52 -26.06
N MET A 242 -1.03 39.40 -25.31
CA MET A 242 -0.87 40.85 -25.44
C MET A 242 0.63 41.18 -25.53
N LEU A 243 1.37 40.81 -24.48
CA LEU A 243 2.78 41.08 -24.40
C LEU A 243 3.46 40.70 -25.71
N ARG A 244 3.15 39.52 -26.24
CA ARG A 244 3.80 39.02 -27.45
C ARG A 244 3.48 39.91 -28.65
N ASN A 245 2.25 40.43 -28.69
CA ASN A 245 1.80 41.21 -29.81
C ASN A 245 2.33 42.64 -29.69
N VAL A 246 2.09 43.30 -28.55
CA VAL A 246 2.34 44.73 -28.39
C VAL A 246 3.84 44.98 -28.29
N LEU A 247 4.54 44.18 -27.48
CA LEU A 247 5.95 44.44 -27.21
C LEU A 247 6.71 44.36 -28.53
N PRO A 248 7.81 45.13 -28.67
CA PRO A 248 8.58 45.16 -29.90
C PRO A 248 9.09 43.75 -30.23
N ARG A 249 9.19 43.44 -31.52
CA ARG A 249 9.50 42.10 -31.93
C ARG A 249 10.74 41.60 -31.14
N THR A 250 11.87 42.29 -31.27
CA THR A 250 13.11 41.76 -30.72
C THR A 250 13.19 42.02 -29.21
N VAL A 251 12.16 42.60 -28.61
CA VAL A 251 12.05 42.59 -27.15
C VAL A 251 11.36 41.29 -26.70
N VAL A 252 10.52 40.75 -27.58
CA VAL A 252 9.93 39.46 -27.34
C VAL A 252 10.97 38.37 -27.64
N LYS A 253 11.89 38.63 -28.57
CA LYS A 253 13.00 37.73 -28.83
C LYS A 253 13.79 37.54 -27.52
N TRP A 254 14.31 38.63 -26.95
CA TRP A 254 15.05 38.53 -25.67
C TRP A 254 14.23 37.70 -24.67
N MET A 255 12.91 37.90 -24.67
CA MET A 255 12.04 37.19 -23.77
C MET A 255 12.02 35.68 -24.10
N MET A 256 11.97 35.32 -25.37
CA MET A 256 12.00 33.89 -25.80
C MET A 256 13.33 33.26 -25.40
N GLU A 257 14.42 33.79 -25.93
CA GLU A 257 15.79 33.38 -25.61
C GLU A 257 15.88 32.96 -24.13
N GLN A 258 15.48 33.87 -23.24
CA GLN A 258 15.69 33.70 -21.80
C GLN A 258 14.79 32.56 -21.30
N GLN A 259 13.51 32.58 -21.71
CA GLN A 259 12.56 31.52 -21.37
C GLN A 259 13.11 30.17 -21.81
N MET A 260 13.50 30.10 -23.10
CA MET A 260 13.83 28.83 -23.70
C MET A 260 15.12 28.29 -23.06
N ASN A 261 16.07 29.20 -22.80
CA ASN A 261 17.39 28.81 -22.38
C ASN A 261 17.41 28.33 -20.94
N ARG A 262 16.41 28.70 -20.11
CA ARG A 262 16.35 28.21 -18.74
C ARG A 262 16.69 26.72 -18.68
N TRP A 263 16.09 25.91 -19.55
CA TRP A 263 16.28 24.46 -19.51
C TRP A 263 17.74 24.09 -19.81
N PHE A 264 18.23 24.56 -20.95
CA PHE A 264 19.65 24.38 -21.31
C PHE A 264 20.09 25.47 -22.32
N ASN A 265 21.37 25.80 -22.30
CA ASN A 265 21.94 26.72 -23.26
C ASN A 265 21.89 26.08 -24.66
N HIS A 266 21.05 26.62 -25.54
CA HIS A 266 20.80 25.99 -26.84
C HIS A 266 22.02 26.06 -27.75
N GLU A 267 22.86 27.09 -27.55
CA GLU A 267 24.12 27.23 -28.30
C GLU A 267 25.02 26.01 -28.03
N ASN A 268 25.19 25.72 -26.73
CA ASN A 268 26.09 24.70 -26.21
C ASN A 268 25.64 23.31 -26.66
N TYR A 269 24.33 23.08 -26.63
CA TYR A 269 23.73 21.77 -26.97
C TYR A 269 23.59 21.64 -28.48
N GLY A 270 23.57 22.81 -29.14
CA GLY A 270 23.86 22.97 -30.57
C GLY A 270 22.61 23.00 -31.43
N LEU A 271 21.54 23.62 -30.93
CA LEU A 271 20.40 23.87 -31.78
C LEU A 271 19.93 25.31 -31.62
N GLU A 272 20.88 26.19 -31.29
CA GLU A 272 20.73 27.61 -31.50
C GLU A 272 20.07 27.79 -32.86
N PRO A 273 18.90 28.46 -32.93
CA PRO A 273 18.30 28.84 -34.21
C PRO A 273 19.06 29.96 -34.93
N GLN A 274 18.92 29.98 -36.26
CA GLN A 274 19.49 31.02 -37.11
C GLN A 274 18.87 32.36 -36.74
N ASN A 275 17.58 32.52 -37.06
CA ASN A 275 16.86 33.73 -36.78
C ASN A 275 15.93 33.47 -35.59
N LYS A 276 16.36 33.96 -34.44
CA LYS A 276 15.63 33.91 -33.18
C LYS A 276 14.48 34.94 -33.22
N TYR A 277 14.57 35.86 -34.19
CA TYR A 277 13.52 36.74 -34.71
C TYR A 277 12.15 36.02 -34.69
N LEU A 278 12.13 34.74 -35.10
CA LEU A 278 10.87 34.01 -35.43
C LEU A 278 10.06 33.66 -34.17
N MET A 279 8.82 33.24 -34.41
CA MET A 279 7.95 32.67 -33.39
C MET A 279 7.27 31.40 -33.95
N LYS A 280 7.96 30.74 -34.88
CA LYS A 280 7.70 29.38 -35.38
C LYS A 280 7.24 28.50 -34.21
N GLU A 281 6.57 27.38 -34.49
CA GLU A 281 6.32 26.37 -33.47
C GLU A 281 7.65 25.74 -32.97
N PRO A 282 7.94 25.77 -31.65
CA PRO A 282 9.09 25.05 -31.09
C PRO A 282 8.78 23.57 -30.86
N VAL A 283 9.80 22.74 -30.66
CA VAL A 283 9.59 21.30 -30.49
C VAL A 283 9.25 21.03 -29.03
N LEU A 284 8.36 20.06 -28.82
CA LEU A 284 7.93 19.65 -27.49
C LEU A 284 8.32 18.19 -27.25
N ASN A 285 9.59 18.03 -26.88
CA ASN A 285 10.13 16.81 -26.42
C ASN A 285 10.61 17.05 -24.98
N ASP A 286 10.35 16.11 -24.08
CA ASP A 286 10.83 16.16 -22.69
C ASP A 286 12.18 15.45 -22.54
N ASP A 287 12.62 14.72 -23.58
CA ASP A 287 13.72 13.78 -23.47
C ASP A 287 14.96 14.30 -24.20
N LEU A 288 14.77 15.02 -25.31
CA LEU A 288 15.85 15.36 -26.30
C LEU A 288 17.07 15.97 -25.63
N PRO A 289 16.94 17.04 -24.83
CA PRO A 289 18.09 17.59 -24.11
C PRO A 289 18.90 16.53 -23.35
N SER A 290 18.24 15.72 -22.53
CA SER A 290 18.93 14.65 -21.76
C SER A 290 19.64 13.70 -22.72
N ARG A 291 18.93 13.31 -23.78
CA ARG A 291 19.37 12.26 -24.70
C ARG A 291 20.60 12.73 -25.49
N LEU A 292 20.69 14.04 -25.71
CA LEU A 292 21.90 14.65 -26.25
C LEU A 292 23.02 14.53 -25.22
N LEU A 293 22.69 14.89 -23.98
CA LEU A 293 23.68 14.92 -22.90
C LEU A 293 24.31 13.53 -22.76
N TYR A 294 23.45 12.51 -22.67
CA TYR A 294 23.84 11.10 -22.67
C TYR A 294 24.77 10.75 -23.84
N GLY A 295 24.63 11.48 -24.96
CA GLY A 295 25.45 11.30 -26.16
C GLY A 295 24.82 10.36 -27.18
N ALA A 296 23.56 9.95 -26.94
CA ALA A 296 22.84 8.98 -27.78
C ALA A 296 22.40 9.63 -29.09
N ILE A 297 22.21 10.96 -29.04
CA ILE A 297 21.92 11.81 -30.18
C ILE A 297 23.02 12.88 -30.28
N LYS A 298 23.50 13.14 -31.51
CA LYS A 298 24.32 14.31 -31.82
C LYS A 298 23.59 15.12 -32.89
N VAL A 299 23.37 16.41 -32.63
CA VAL A 299 22.77 17.29 -33.65
C VAL A 299 23.81 17.49 -34.73
N LYS A 300 23.37 17.99 -35.89
CA LYS A 300 24.27 18.17 -36.99
C LYS A 300 23.67 19.16 -37.99
N SER A 301 24.57 19.87 -38.68
CA SER A 301 24.22 20.74 -39.76
C SER A 301 23.50 19.95 -40.85
N ARG A 302 22.98 20.65 -41.87
CA ARG A 302 22.23 20.01 -42.93
C ARG A 302 23.17 19.08 -43.70
N VAL A 303 22.63 17.93 -44.08
CA VAL A 303 23.30 17.05 -45.00
C VAL A 303 23.59 17.84 -46.28
N LYS A 304 24.88 17.97 -46.63
CA LYS A 304 25.29 18.62 -47.88
C LYS A 304 25.20 17.62 -49.03
N GLU A 305 25.66 16.39 -48.76
CA GLU A 305 25.77 15.35 -49.76
C GLU A 305 25.75 13.97 -49.07
N LEU A 306 25.30 12.97 -49.82
CA LEU A 306 25.26 11.59 -49.37
C LEU A 306 26.11 10.75 -50.32
N THR A 307 26.69 9.69 -49.76
CA THR A 307 27.43 8.67 -50.50
C THR A 307 26.76 7.32 -50.23
N GLU A 308 27.51 6.23 -50.39
CA GLU A 308 27.00 4.87 -50.25
C GLU A 308 26.79 4.55 -48.77
N THR A 309 27.74 4.93 -47.92
CA THR A 309 27.70 4.60 -46.48
C THR A 309 28.17 5.77 -45.60
N SER A 310 28.37 6.96 -46.18
CA SER A 310 28.72 8.15 -45.40
C SER A 310 27.72 9.27 -45.70
N ALA A 311 27.84 10.40 -44.98
CA ALA A 311 27.07 11.62 -45.26
C ALA A 311 27.97 12.83 -45.04
N ILE A 312 28.15 13.64 -46.08
CA ILE A 312 28.90 14.90 -45.95
C ILE A 312 27.93 15.91 -45.34
N PHE A 313 28.47 16.93 -44.67
CA PHE A 313 27.66 17.93 -43.99
C PHE A 313 28.05 19.33 -44.44
N GLU A 314 27.14 20.28 -44.19
CA GLU A 314 27.24 21.66 -44.62
C GLU A 314 28.45 22.36 -43.98
N ASP A 315 28.88 21.90 -42.79
CA ASP A 315 29.99 22.52 -42.06
C ASP A 315 31.28 21.69 -42.27
N GLY A 316 31.25 20.76 -43.23
CA GLY A 316 32.44 20.02 -43.66
C GLY A 316 32.81 18.90 -42.71
N THR A 317 31.81 18.39 -42.00
CA THR A 317 31.98 17.23 -41.18
C THR A 317 31.49 16.04 -42.00
N VAL A 318 31.80 14.84 -41.52
CA VAL A 318 31.36 13.61 -42.15
C VAL A 318 31.12 12.57 -41.06
N GLU A 319 29.97 11.90 -41.14
CA GLU A 319 29.72 10.71 -40.34
C GLU A 319 29.77 9.48 -41.27
N GLU A 320 30.31 8.39 -40.74
CA GLU A 320 30.65 7.21 -41.51
C GLU A 320 29.70 6.06 -41.15
N ASP A 321 29.63 5.06 -42.04
CA ASP A 321 28.84 3.83 -41.85
C ASP A 321 27.51 4.16 -41.17
N ILE A 322 26.63 4.83 -41.92
CA ILE A 322 25.26 5.18 -41.49
C ILE A 322 24.29 4.22 -42.17
N ASP A 323 23.74 3.29 -41.40
CA ASP A 323 22.93 2.18 -41.89
C ASP A 323 21.52 2.65 -42.30
N VAL A 324 21.07 3.81 -41.77
CA VAL A 324 19.68 4.24 -41.92
C VAL A 324 19.59 5.78 -41.97
N ILE A 325 18.77 6.29 -42.90
CA ILE A 325 18.35 7.68 -42.96
C ILE A 325 16.83 7.69 -42.75
N VAL A 326 16.33 8.56 -41.86
CA VAL A 326 14.89 8.71 -41.67
C VAL A 326 14.53 10.19 -41.89
N PHE A 327 13.85 10.46 -43.01
CA PHE A 327 13.43 11.80 -43.43
C PHE A 327 12.15 12.21 -42.69
N ALA A 328 12.31 12.88 -41.54
CA ALA A 328 11.19 13.44 -40.77
C ALA A 328 10.97 14.89 -41.19
N THR A 329 10.91 15.11 -42.51
CA THR A 329 10.88 16.42 -43.13
C THR A 329 9.44 16.87 -43.32
N GLY A 330 8.49 16.22 -42.62
CA GLY A 330 7.12 16.71 -42.53
C GLY A 330 6.28 16.33 -43.74
N TYR A 331 5.07 16.87 -43.79
CA TYR A 331 4.05 16.42 -44.69
C TYR A 331 3.59 17.53 -45.64
N THR A 332 2.71 17.14 -46.57
CA THR A 332 1.94 18.07 -47.37
C THR A 332 0.47 17.63 -47.35
N PHE A 333 -0.32 18.17 -48.29
CA PHE A 333 -1.77 17.97 -48.28
C PHE A 333 -2.35 18.30 -49.66
N SER A 334 -3.39 17.54 -50.00
CA SER A 334 -4.08 17.64 -51.26
C SER A 334 -5.56 17.40 -51.04
N PHE A 335 -6.37 17.75 -52.04
CA PHE A 335 -7.78 17.41 -52.08
C PHE A 335 -8.07 16.76 -53.42
N PRO A 336 -7.99 15.41 -53.50
CA PRO A 336 -8.16 14.69 -54.77
C PRO A 336 -9.64 14.36 -55.09
N PHE A 337 -10.56 14.87 -54.27
CA PHE A 337 -11.98 14.75 -54.53
C PHE A 337 -12.57 16.15 -54.74
N LEU A 338 -11.78 17.05 -55.32
CA LEU A 338 -12.15 18.46 -55.33
C LEU A 338 -11.64 19.16 -56.61
N GLU A 339 -12.45 20.14 -57.05
CA GLU A 339 -12.11 21.13 -58.09
C GLU A 339 -10.72 21.71 -57.77
N ASP A 340 -9.85 21.75 -58.78
CA ASP A 340 -8.45 22.14 -58.64
C ASP A 340 -8.32 23.66 -58.39
N SER A 341 -9.43 24.39 -58.50
CA SER A 341 -9.46 25.84 -58.34
C SER A 341 -10.02 26.24 -56.96
N LEU A 342 -10.59 25.25 -56.26
CA LEU A 342 -11.33 25.47 -55.02
C LEU A 342 -10.34 25.83 -53.91
N VAL A 343 -9.34 24.97 -53.73
CA VAL A 343 -8.31 25.12 -52.73
C VAL A 343 -7.03 25.55 -53.44
N LYS A 344 -7.02 26.81 -53.86
CA LYS A 344 -5.92 27.42 -54.61
C LYS A 344 -4.77 27.67 -53.64
N VAL A 345 -3.62 27.03 -53.89
CA VAL A 345 -2.46 27.09 -53.00
C VAL A 345 -1.20 27.35 -53.83
N GLU A 346 -0.66 28.57 -53.73
CA GLU A 346 0.29 29.11 -54.72
C GLU A 346 1.39 29.88 -54.00
N ASN A 347 2.65 29.56 -54.32
CA ASN A 347 3.84 30.26 -53.80
C ASN A 347 3.75 30.40 -52.27
N ASN A 348 3.47 29.28 -51.58
CA ASN A 348 3.54 29.18 -50.11
C ASN A 348 2.34 29.87 -49.46
N MET A 349 1.22 29.96 -50.19
CA MET A 349 0.03 30.70 -49.74
C MET A 349 -1.23 29.93 -50.11
N VAL A 350 -2.04 29.65 -49.09
CA VAL A 350 -3.34 29.03 -49.25
C VAL A 350 -4.37 30.15 -49.33
N SER A 351 -4.95 30.33 -50.53
CA SER A 351 -6.09 31.24 -50.72
C SER A 351 -7.37 30.53 -50.24
N LEU A 352 -7.61 30.70 -48.93
CA LEU A 352 -8.86 30.34 -48.25
C LEU A 352 -9.11 31.39 -47.16
N TYR A 353 -10.32 31.99 -47.15
CA TYR A 353 -10.63 32.95 -46.11
C TYR A 353 -10.46 32.25 -44.76
N LYS A 354 -9.39 32.61 -44.05
CA LYS A 354 -9.10 32.13 -42.69
C LYS A 354 -8.97 30.60 -42.66
N TYR A 355 -8.35 30.04 -43.71
CA TYR A 355 -8.10 28.62 -43.83
C TYR A 355 -9.42 27.89 -43.64
N MET A 356 -10.43 28.29 -44.43
CA MET A 356 -11.76 27.81 -44.26
C MET A 356 -12.51 27.89 -45.59
N PHE A 357 -12.90 29.11 -46.00
CA PHE A 357 -13.84 29.32 -47.11
C PHE A 357 -13.06 29.67 -48.37
N PRO A 358 -13.36 29.04 -49.53
CA PRO A 358 -12.84 29.51 -50.81
C PRO A 358 -13.50 30.83 -51.19
N PRO A 359 -12.74 31.93 -51.43
CA PRO A 359 -13.34 33.24 -51.66
C PRO A 359 -14.04 33.42 -53.03
N HIS A 360 -13.69 32.55 -53.99
CA HIS A 360 -14.20 32.62 -55.35
C HIS A 360 -15.56 31.93 -55.44
N LEU A 361 -16.08 31.38 -54.34
CA LEU A 361 -17.45 30.91 -54.29
C LEU A 361 -18.38 32.12 -54.28
N GLU A 362 -19.66 31.86 -54.54
CA GLU A 362 -20.73 32.85 -54.67
C GLU A 362 -21.83 32.56 -53.64
N LYS A 363 -22.11 31.27 -53.39
CA LYS A 363 -22.90 30.83 -52.25
C LYS A 363 -21.93 30.23 -51.22
N PRO A 364 -21.78 30.81 -50.00
CA PRO A 364 -20.85 30.30 -49.00
C PRO A 364 -21.20 28.94 -48.37
N THR A 365 -21.14 27.88 -49.18
CA THR A 365 -21.75 26.58 -48.87
C THR A 365 -20.71 25.47 -48.70
N LEU A 366 -19.41 25.82 -48.72
CA LEU A 366 -18.33 24.83 -48.50
C LEU A 366 -17.15 25.50 -47.78
N ALA A 367 -16.62 24.78 -46.77
CA ALA A 367 -15.48 25.23 -45.95
C ALA A 367 -14.57 24.05 -45.60
N CYS A 368 -13.28 24.37 -45.40
CA CYS A 368 -12.25 23.41 -44.99
C CYS A 368 -11.96 23.54 -43.49
N ILE A 369 -12.25 22.48 -42.73
CA ILE A 369 -11.98 22.48 -41.28
C ILE A 369 -10.84 21.48 -40.99
N GLY A 370 -9.85 21.95 -40.23
CA GLY A 370 -8.69 21.17 -39.86
C GLY A 370 -7.53 21.36 -40.82
N LEU A 371 -7.59 22.45 -41.63
CA LEU A 371 -6.49 22.79 -42.51
C LEU A 371 -5.74 23.97 -41.89
N ILE A 372 -5.10 23.72 -40.75
CA ILE A 372 -4.54 24.78 -39.95
C ILE A 372 -3.65 24.18 -38.85
N GLN A 373 -2.57 24.89 -38.50
CA GLN A 373 -1.66 24.49 -37.42
C GLN A 373 -1.37 25.68 -36.50
N PRO A 374 -2.18 25.83 -35.42
CA PRO A 374 -2.02 26.90 -34.44
C PRO A 374 -0.99 26.55 -33.37
N LEU A 375 -0.46 27.56 -32.65
CA LEU A 375 0.59 27.36 -31.65
C LEU A 375 0.03 26.61 -30.41
N GLY A 376 -1.29 26.60 -30.26
CA GLY A 376 -1.98 25.84 -29.24
C GLY A 376 -2.77 24.69 -29.83
N SER A 377 -3.63 24.07 -29.01
CA SER A 377 -4.31 22.84 -29.36
C SER A 377 -5.28 23.11 -30.51
N ILE A 378 -5.40 22.14 -31.42
CA ILE A 378 -6.21 22.27 -32.62
C ILE A 378 -7.67 21.99 -32.26
N PHE A 379 -7.90 21.05 -31.33
CA PHE A 379 -9.23 20.55 -31.07
C PHE A 379 -10.19 21.70 -30.78
N PRO A 380 -9.85 22.65 -29.87
CA PRO A 380 -10.72 23.80 -29.63
C PRO A 380 -10.73 24.79 -30.81
N THR A 381 -9.67 24.78 -31.62
CA THR A 381 -9.62 25.61 -32.84
C THR A 381 -10.68 25.12 -33.84
N VAL A 382 -10.71 23.82 -34.17
CA VAL A 382 -11.69 23.26 -35.15
C VAL A 382 -13.09 23.24 -34.55
N GLU A 383 -13.20 23.55 -33.28
CA GLU A 383 -14.55 23.61 -32.70
C GLU A 383 -15.12 24.98 -33.05
N LEU A 384 -14.30 26.02 -32.92
CA LEU A 384 -14.76 27.38 -33.25
C LEU A 384 -14.81 27.52 -34.77
N GLN A 385 -13.94 26.78 -35.49
CA GLN A 385 -14.03 26.66 -36.95
C GLN A 385 -15.43 26.16 -37.34
N ALA A 386 -15.94 25.17 -36.61
CA ALA A 386 -17.21 24.50 -36.93
C ALA A 386 -18.40 25.36 -36.48
N ARG A 387 -18.27 26.05 -35.34
CA ARG A 387 -19.32 26.94 -34.81
C ARG A 387 -19.59 28.07 -35.81
N TRP A 388 -18.52 28.72 -36.26
CA TRP A 388 -18.57 29.82 -37.23
C TRP A 388 -19.21 29.34 -38.54
N VAL A 389 -18.88 28.12 -38.95
CA VAL A 389 -19.27 27.60 -40.26
C VAL A 389 -20.74 27.19 -40.23
N THR A 390 -21.14 26.31 -39.31
CA THR A 390 -22.56 25.86 -39.23
C THR A 390 -23.50 27.07 -39.29
N ARG A 391 -23.09 28.14 -38.61
CA ARG A 391 -23.88 29.36 -38.44
C ARG A 391 -23.85 30.19 -39.73
N VAL A 392 -22.81 30.03 -40.57
CA VAL A 392 -22.72 30.71 -41.87
C VAL A 392 -23.66 30.05 -42.87
N PHE A 393 -23.59 28.71 -42.93
CA PHE A 393 -24.46 27.91 -43.76
C PHE A 393 -25.92 28.33 -43.57
N LYS A 394 -26.39 28.29 -42.31
CA LYS A 394 -27.75 28.67 -41.94
C LYS A 394 -28.06 30.09 -42.48
N GLY A 395 -27.06 30.97 -42.38
CA GLY A 395 -27.13 32.35 -42.83
C GLY A 395 -27.23 33.32 -41.66
N LEU A 396 -27.02 32.82 -40.45
CA LEU A 396 -27.03 33.63 -39.26
C LEU A 396 -25.71 34.40 -39.19
N CYS A 397 -24.75 34.02 -40.05
CA CYS A 397 -23.43 34.63 -40.19
C CYS A 397 -23.10 34.78 -41.68
N THR A 398 -22.30 35.79 -42.01
CA THR A 398 -22.05 36.19 -43.40
C THR A 398 -20.59 36.57 -43.64
N LEU A 399 -20.09 36.18 -44.80
CA LEU A 399 -18.78 36.58 -45.25
C LEU A 399 -18.91 37.99 -45.81
N PRO A 400 -17.83 38.81 -45.79
CA PRO A 400 -17.75 40.00 -46.63
C PRO A 400 -17.66 39.62 -48.13
N SER A 401 -17.33 40.62 -48.95
CA SER A 401 -17.27 40.48 -50.40
C SER A 401 -15.93 39.90 -50.81
N GLU A 402 -15.91 39.26 -51.99
CA GLU A 402 -14.69 38.68 -52.55
C GLU A 402 -13.55 39.69 -52.50
N SER A 403 -13.86 40.95 -52.80
CA SER A 403 -12.89 42.04 -52.78
C SER A 403 -12.17 42.05 -51.42
N THR A 404 -12.96 42.02 -50.35
CA THR A 404 -12.50 42.09 -48.96
C THR A 404 -11.73 40.83 -48.56
N MET A 405 -12.28 39.67 -48.95
CA MET A 405 -11.75 38.35 -48.56
C MET A 405 -10.42 38.07 -49.27
N MET A 406 -10.27 38.54 -50.51
CA MET A 406 -9.03 38.39 -51.26
C MET A 406 -7.92 39.26 -50.64
N ALA A 407 -8.32 40.39 -50.03
CA ALA A 407 -7.39 41.35 -49.43
C ALA A 407 -6.88 40.85 -48.07
N ASP A 408 -7.76 40.17 -47.33
CA ASP A 408 -7.46 39.60 -46.03
C ASP A 408 -6.47 38.44 -46.17
N ILE A 409 -6.80 37.52 -47.08
CA ILE A 409 -5.96 36.37 -47.43
C ILE A 409 -4.51 36.82 -47.69
N ILE A 410 -4.33 37.92 -48.41
CA ILE A 410 -3.01 38.45 -48.69
C ILE A 410 -2.36 38.86 -47.35
N LYS A 411 -3.03 39.74 -46.61
CA LYS A 411 -2.42 40.43 -45.50
C LYS A 411 -2.14 39.44 -44.35
N ARG A 412 -3.03 38.47 -44.20
CA ARG A 412 -2.86 37.37 -43.23
C ARG A 412 -1.55 36.60 -43.54
N ASN A 413 -1.44 36.14 -44.80
CA ASN A 413 -0.28 35.40 -45.27
C ASN A 413 1.00 36.24 -45.09
N GLU A 414 0.90 37.55 -45.37
CA GLU A 414 2.07 38.45 -45.36
C GLU A 414 2.57 38.65 -43.93
N LYS A 415 1.62 38.77 -43.00
CA LYS A 415 1.94 38.78 -41.59
C LYS A 415 2.59 37.45 -41.21
N ARG A 416 1.93 36.36 -41.59
CA ARG A 416 2.30 35.00 -41.20
C ARG A 416 3.77 34.72 -41.55
N ILE A 417 4.15 34.91 -42.80
CA ILE A 417 5.52 34.60 -43.23
C ILE A 417 6.51 35.45 -42.41
N ASP A 418 6.11 36.68 -42.08
CA ASP A 418 6.95 37.60 -41.29
C ASP A 418 7.14 37.07 -39.87
N LEU A 419 6.23 36.21 -39.41
CA LEU A 419 6.12 35.85 -38.00
C LEU A 419 6.60 34.43 -37.76
N PHE A 420 6.63 33.58 -38.80
CA PHE A 420 6.93 32.15 -38.66
C PHE A 420 7.94 31.65 -39.72
N GLY A 421 8.43 32.57 -40.57
CA GLY A 421 9.42 32.22 -41.58
C GLY A 421 8.79 31.66 -42.84
N GLU A 422 9.66 31.38 -43.80
CA GLU A 422 9.29 31.15 -45.19
C GLU A 422 9.17 29.64 -45.48
N SER A 423 9.19 28.80 -44.44
CA SER A 423 9.27 27.37 -44.64
C SER A 423 7.92 26.82 -45.11
N GLN A 424 8.06 25.71 -45.86
CA GLN A 424 7.04 24.86 -46.43
C GLN A 424 6.39 24.02 -45.33
N SER A 425 6.85 24.22 -44.08
CA SER A 425 6.37 23.55 -42.89
C SER A 425 5.47 24.47 -42.08
N GLN A 426 5.25 25.70 -42.58
CA GLN A 426 4.56 26.73 -41.81
C GLN A 426 3.53 27.44 -42.69
N ILE A 427 2.91 26.71 -43.61
CA ILE A 427 1.94 27.32 -44.49
C ILE A 427 0.70 27.69 -43.65
N LEU A 428 0.49 26.96 -42.54
CA LEU A 428 -0.75 27.04 -41.79
C LEU A 428 -0.49 27.47 -40.34
N GLN A 429 0.61 28.18 -40.09
CA GLN A 429 0.92 28.60 -38.73
C GLN A 429 0.03 29.80 -38.38
N THR A 430 -0.26 29.95 -37.09
CA THR A 430 -1.14 31.00 -36.60
C THR A 430 -1.07 31.06 -35.07
N ASN A 431 -0.92 32.28 -34.53
CA ASN A 431 -1.01 32.49 -33.09
C ASN A 431 -2.38 31.97 -32.63
N TYR A 432 -2.40 31.38 -31.43
CA TYR A 432 -3.47 30.51 -30.98
C TYR A 432 -4.70 31.34 -30.63
N ILE A 433 -4.54 32.24 -29.64
CA ILE A 433 -5.65 32.96 -29.03
C ILE A 433 -6.26 33.89 -30.08
N ASP A 434 -5.40 34.77 -30.61
CA ASP A 434 -5.78 35.81 -31.56
C ASP A 434 -6.75 35.22 -32.59
N TYR A 435 -6.40 34.04 -33.11
CA TYR A 435 -7.24 33.29 -34.04
C TYR A 435 -8.55 32.90 -33.33
N LEU A 436 -8.44 32.17 -32.22
CA LEU A 436 -9.62 31.72 -31.46
C LEU A 436 -10.58 32.88 -31.20
N ASP A 437 -10.03 34.04 -30.82
CA ASP A 437 -10.80 35.26 -30.66
C ASP A 437 -11.49 35.58 -31.98
N GLU A 438 -10.70 35.74 -33.05
CA GLU A 438 -11.19 36.03 -34.40
C GLU A 438 -12.45 35.21 -34.70
N LEU A 439 -12.39 33.90 -34.46
CA LEU A 439 -13.48 32.98 -34.79
C LEU A 439 -14.69 33.25 -33.91
N ALA A 440 -14.46 33.69 -32.67
CA ALA A 440 -15.52 33.86 -31.69
C ALA A 440 -16.13 35.26 -31.78
N LEU A 441 -15.39 36.21 -32.35
CA LEU A 441 -15.92 37.51 -32.68
C LEU A 441 -17.06 37.32 -33.68
N GLU A 442 -16.77 36.54 -34.72
CA GLU A 442 -17.66 36.29 -35.85
C GLU A 442 -19.03 35.83 -35.36
N ILE A 443 -19.06 34.90 -34.40
CA ILE A 443 -20.32 34.34 -33.86
C ILE A 443 -20.69 35.04 -32.53
N GLY A 444 -19.82 35.96 -32.07
CA GLY A 444 -20.07 36.79 -30.90
C GLY A 444 -20.11 35.99 -29.62
N ALA A 445 -19.20 35.02 -29.50
CA ALA A 445 -19.07 34.13 -28.36
C ALA A 445 -17.82 34.47 -27.53
N LYS A 446 -17.00 35.39 -28.05
CA LYS A 446 -15.79 35.88 -27.39
C LYS A 446 -16.19 36.84 -26.28
N PRO A 447 -15.89 36.54 -25.00
CA PRO A 447 -16.08 37.52 -23.93
C PRO A 447 -15.36 38.85 -24.18
N ASP A 448 -16.06 39.95 -23.90
CA ASP A 448 -15.50 41.28 -23.79
C ASP A 448 -15.26 41.57 -22.30
N LEU A 449 -14.02 41.35 -21.88
CA LEU A 449 -13.65 41.32 -20.47
C LEU A 449 -13.96 42.67 -19.83
N LEU A 450 -13.48 43.72 -20.49
CA LEU A 450 -13.59 45.10 -20.03
C LEU A 450 -14.97 45.28 -19.39
N SER A 451 -16.02 44.97 -20.15
CA SER A 451 -17.41 45.10 -19.69
C SER A 451 -17.66 44.18 -18.49
N LEU A 452 -17.18 42.94 -18.58
CA LEU A 452 -17.45 41.94 -17.57
C LEU A 452 -16.75 42.29 -16.25
N LEU A 453 -15.64 43.02 -16.30
CA LEU A 453 -14.90 43.40 -15.06
C LEU A 453 -15.87 43.97 -14.01
N LEU A 454 -16.80 44.81 -14.50
CA LEU A 454 -17.82 45.48 -13.69
C LEU A 454 -18.81 44.46 -13.12
N LYS A 455 -19.38 43.60 -13.98
CA LYS A 455 -20.28 42.53 -13.49
C LYS A 455 -19.49 41.57 -12.59
N ASP A 456 -18.61 40.75 -13.21
CA ASP A 456 -17.91 39.64 -12.51
C ASP A 456 -16.41 39.89 -12.58
N PRO A 457 -15.78 40.39 -11.50
CA PRO A 457 -14.34 40.64 -11.50
C PRO A 457 -13.49 39.38 -11.25
N LYS A 458 -13.99 38.44 -10.45
CA LYS A 458 -13.32 37.18 -10.18
C LYS A 458 -13.06 36.45 -11.50
N LEU A 459 -14.06 36.44 -12.39
CA LEU A 459 -13.88 35.89 -13.74
C LEU A 459 -12.86 36.75 -14.47
N ALA A 460 -13.26 38.00 -14.74
CA ALA A 460 -12.51 38.94 -15.58
C ALA A 460 -11.00 38.75 -15.38
N MET A 461 -10.58 38.68 -14.11
CA MET A 461 -9.17 38.56 -13.76
C MET A 461 -8.65 37.22 -14.33
N LYS A 462 -9.39 36.15 -14.04
CA LYS A 462 -8.99 34.76 -14.29
C LYS A 462 -9.11 34.41 -15.78
N LEU A 463 -9.85 35.24 -16.52
CA LEU A 463 -10.01 35.06 -17.96
C LEU A 463 -8.80 35.67 -18.69
N TYR A 464 -8.26 36.76 -18.12
CA TYR A 464 -7.22 37.53 -18.76
C TYR A 464 -5.85 37.05 -18.29
N PHE A 465 -5.69 36.91 -16.97
CA PHE A 465 -4.41 36.53 -16.37
C PHE A 465 -4.27 35.00 -16.24
N GLY A 466 -5.39 34.33 -15.92
CA GLY A 466 -5.42 32.86 -15.82
C GLY A 466 -5.29 32.19 -17.18
N PRO A 467 -5.42 30.85 -17.24
CA PRO A 467 -5.21 30.10 -18.48
C PRO A 467 -6.44 30.25 -19.35
N CYS A 468 -6.21 30.50 -20.65
CA CYS A 468 -7.29 30.65 -21.65
C CYS A 468 -7.77 29.27 -22.16
N ASN A 469 -8.67 28.66 -21.38
CA ASN A 469 -9.25 27.35 -21.69
C ASN A 469 -10.16 27.46 -22.91
N SER A 470 -10.51 26.32 -23.49
CA SER A 470 -11.59 26.22 -24.48
C SER A 470 -12.90 26.72 -23.88
N TYR A 471 -13.08 26.51 -22.58
CA TYR A 471 -14.33 26.77 -21.88
C TYR A 471 -14.79 28.23 -22.08
N GLN A 472 -13.86 29.18 -22.24
CA GLN A 472 -14.14 30.64 -22.22
C GLN A 472 -15.16 31.04 -23.29
N TYR A 473 -15.15 30.29 -24.40
CA TYR A 473 -15.89 30.64 -25.59
C TYR A 473 -17.36 30.22 -25.45
N ARG A 474 -17.74 29.66 -24.30
CA ARG A 474 -19.15 29.27 -23.99
C ARG A 474 -19.69 30.11 -22.81
N LEU A 475 -19.07 31.26 -22.56
CA LEU A 475 -19.52 32.16 -21.51
C LEU A 475 -20.66 33.03 -22.08
N VAL A 476 -20.38 33.66 -23.23
CA VAL A 476 -21.36 34.51 -23.93
C VAL A 476 -21.67 33.86 -25.29
N GLY A 477 -22.47 34.56 -26.09
CA GLY A 477 -22.79 34.16 -27.45
C GLY A 477 -23.79 33.01 -27.47
N PRO A 478 -24.07 32.42 -28.65
CA PRO A 478 -24.99 31.28 -28.74
C PRO A 478 -24.47 29.99 -28.07
N GLY A 479 -25.35 28.98 -28.01
CA GLY A 479 -25.03 27.61 -27.57
C GLY A 479 -24.01 27.57 -26.45
N GLN A 480 -24.46 27.83 -25.22
CA GLN A 480 -23.58 28.00 -24.09
C GLN A 480 -23.59 26.70 -23.27
N TRP A 481 -22.92 26.77 -22.10
CA TRP A 481 -22.76 25.69 -21.18
C TRP A 481 -22.57 26.31 -19.79
N GLU A 482 -23.51 26.08 -18.87
CA GLU A 482 -23.43 26.63 -17.52
C GLU A 482 -22.08 26.24 -16.91
N GLY A 483 -21.71 24.95 -16.98
CA GLY A 483 -20.45 24.45 -16.49
C GLY A 483 -19.29 24.95 -17.33
N ALA A 484 -19.23 26.27 -17.52
CA ALA A 484 -18.16 26.95 -18.23
C ALA A 484 -17.49 27.92 -17.26
N ARG A 485 -18.27 28.81 -16.66
CA ARG A 485 -17.82 29.55 -15.50
C ARG A 485 -17.26 28.53 -14.51
N ASN A 486 -18.05 27.49 -14.24
CA ASN A 486 -17.71 26.51 -13.22
C ASN A 486 -16.40 25.82 -13.57
N ALA A 487 -16.40 25.18 -14.75
CA ALA A 487 -15.24 24.46 -15.30
C ALA A 487 -13.97 25.26 -15.06
N ILE A 488 -13.99 26.52 -15.48
CA ILE A 488 -12.86 27.40 -15.37
C ILE A 488 -12.39 27.47 -13.90
N PHE A 489 -13.34 27.64 -12.98
CA PHE A 489 -13.00 27.94 -11.60
C PHE A 489 -12.42 26.71 -10.88
N THR A 490 -12.67 25.51 -11.43
CA THR A 490 -12.32 24.26 -10.75
C THR A 490 -11.30 23.41 -11.54
N GLN A 491 -10.60 24.02 -12.50
CA GLN A 491 -9.70 23.27 -13.39
C GLN A 491 -8.48 22.76 -12.61
N LYS A 492 -8.14 23.45 -11.52
CA LYS A 492 -6.96 23.11 -10.75
C LYS A 492 -7.14 21.72 -10.12
N GLN A 493 -8.38 21.42 -9.69
CA GLN A 493 -8.73 20.12 -9.13
C GLN A 493 -8.41 19.02 -10.14
N ARG A 494 -8.95 19.18 -11.35
CA ARG A 494 -8.91 18.16 -12.39
C ARG A 494 -7.47 17.91 -12.88
N ILE A 495 -6.63 18.95 -12.84
CA ILE A 495 -5.25 18.84 -13.25
C ILE A 495 -4.44 18.06 -12.19
N LEU A 496 -4.86 18.16 -10.92
CA LEU A 496 -4.11 17.56 -9.85
C LEU A 496 -4.70 16.21 -9.48
N LYS A 497 -5.90 15.90 -9.97
CA LYS A 497 -6.57 14.65 -9.63
C LYS A 497 -5.66 13.48 -10.01
N PRO A 498 -5.14 13.43 -11.25
CA PRO A 498 -4.33 12.28 -11.68
C PRO A 498 -2.87 12.32 -11.20
N LEU A 499 -2.37 13.51 -10.82
CA LEU A 499 -0.99 13.68 -10.41
C LEU A 499 -0.84 13.46 -8.91
N LYS A 500 -1.57 14.29 -8.14
CA LYS A 500 -1.37 14.42 -6.71
C LYS A 500 -2.00 13.23 -6.02
N THR A 501 -1.26 12.13 -6.05
CA THR A 501 -1.76 10.81 -5.82
C THR A 501 -1.19 10.29 -4.50
N ARG A 502 -0.76 11.21 -3.62
CA ARG A 502 -0.02 10.89 -2.36
C ARG A 502 -0.07 12.09 -1.40
N ALA A 503 -0.50 11.86 -0.18
CA ALA A 503 -0.89 12.93 0.76
C ALA A 503 0.03 12.93 1.99
N LEU A 504 0.50 14.12 2.38
CA LEU A 504 1.27 14.29 3.61
C LEU A 504 0.32 14.36 4.81
N LYS A 505 -0.58 15.35 4.80
CA LYS A 505 -1.62 15.59 5.84
C LYS A 505 -1.01 16.32 7.05
N ALA A 506 -0.81 17.64 6.90
CA ALA A 506 -0.42 18.53 8.01
C ALA A 506 -1.59 19.48 8.31
N SER A 507 -1.53 20.72 7.79
CA SER A 507 -2.54 21.78 8.05
C SER A 507 -2.29 22.99 7.15
N SER A 508 -3.22 23.96 7.14
CA SER A 508 -3.01 25.27 6.51
C SER A 508 -3.75 26.39 7.26
N ASN A 509 -3.94 26.21 8.58
CA ASN A 509 -4.57 27.20 9.50
C ASN A 509 -3.54 27.67 10.55
N PHE A 510 -2.70 26.75 11.04
CA PHE A 510 -1.51 27.08 11.86
C PHE A 510 -0.48 25.95 11.67
N PRO A 511 0.14 25.84 10.46
CA PRO A 511 1.33 25.02 10.25
C PRO A 511 2.64 25.82 10.33
N VAL A 512 3.58 25.27 11.11
CA VAL A 512 4.93 25.85 11.36
C VAL A 512 5.82 25.59 10.14
N SER A 513 5.23 24.96 9.11
CA SER A 513 5.97 24.71 7.85
C SER A 513 6.02 26.02 7.09
N PHE A 514 7.08 26.23 6.31
CA PHE A 514 7.23 27.46 5.49
C PHE A 514 7.07 28.72 6.36
N LEU A 515 6.15 29.59 5.98
CA LEU A 515 5.91 30.91 6.62
C LEU A 515 4.59 31.51 6.09
N LEU A 516 4.65 32.14 4.91
CA LEU A 516 3.51 32.69 4.18
C LEU A 516 2.71 33.65 5.08
N LYS A 517 1.62 34.21 4.53
CA LYS A 517 0.77 35.28 5.13
C LYS A 517 1.49 36.64 5.07
N ILE A 518 2.78 36.67 5.42
CA ILE A 518 3.63 37.89 5.31
C ILE A 518 3.32 38.61 3.98
N LEU A 519 3.62 37.94 2.85
CA LEU A 519 3.41 38.52 1.50
C LEU A 519 2.10 39.32 1.44
N GLY A 520 1.04 38.83 2.13
CA GLY A 520 -0.25 39.51 2.26
C GLY A 520 -0.16 40.79 3.08
N LEU A 521 0.04 40.63 4.40
CA LEU A 521 0.13 41.77 5.36
C LEU A 521 1.22 42.77 4.96
N LEU A 522 2.36 42.26 4.44
CA LEU A 522 3.53 43.09 4.10
C LEU A 522 3.12 44.15 3.06
N ALA A 523 2.49 43.70 1.97
CA ALA A 523 2.05 44.61 0.91
C ALA A 523 0.87 45.46 1.40
N VAL A 524 -0.03 44.87 2.21
CA VAL A 524 -1.29 45.51 2.69
C VAL A 524 -0.98 46.89 3.30
N VAL A 525 0.08 46.95 4.14
CA VAL A 525 0.49 48.17 4.84
C VAL A 525 1.07 49.16 3.82
N VAL A 526 1.82 48.65 2.84
CA VAL A 526 2.45 49.46 1.79
C VAL A 526 1.36 50.20 0.99
N ALA A 527 0.19 49.56 0.84
CA ALA A 527 -0.97 50.16 0.16
C ALA A 527 -1.28 51.52 0.77
N PHE A 528 -1.54 51.52 2.08
CA PHE A 528 -1.76 52.72 2.85
C PHE A 528 -0.41 53.41 3.11
N PHE A 529 0.14 54.09 2.10
CA PHE A 529 1.27 55.00 2.29
C PHE A 529 0.78 56.43 1.97
N PHE A 530 1.42 57.14 1.02
CA PHE A 530 1.28 58.61 0.87
C PHE A 530 0.02 58.97 0.06
N GLN A 531 -1.12 58.43 0.52
CA GLN A 531 -2.38 58.49 -0.18
C GLN A 531 -3.38 59.30 0.65
N LEU A 532 -2.89 60.21 1.52
CA LEU A 532 -3.78 61.05 2.36
C LEU A 532 -4.53 62.02 1.42
N GLN A 533 -5.81 62.27 1.73
CA GLN A 533 -6.83 62.80 0.79
C GLN A 533 -6.28 64.00 0.01
N TRP A 534 -5.87 63.75 -1.24
CA TRP A 534 -5.62 64.79 -2.25
C TRP A 534 -6.91 64.99 -3.06
N PHE A 535 -7.75 65.94 -2.64
CA PHE A 535 -9.15 66.08 -3.11
C PHE A 535 -9.17 66.63 -4.55
N ALA B 2 -8.66 -5.70 28.46
CA ALA B 2 -7.85 -5.80 29.72
C ALA B 2 -6.40 -5.39 29.45
N LYS B 3 -6.00 -4.19 29.93
CA LYS B 3 -4.64 -3.64 29.76
C LYS B 3 -3.87 -3.71 31.10
N LYS B 4 -4.44 -3.10 32.14
CA LYS B 4 -3.75 -2.95 33.43
C LYS B 4 -3.84 -4.28 34.21
N VAL B 5 -2.72 -5.03 34.24
CA VAL B 5 -2.66 -6.42 34.79
C VAL B 5 -1.76 -6.48 36.02
N ALA B 6 -2.09 -7.39 36.93
CA ALA B 6 -1.38 -7.63 38.18
C ALA B 6 -0.65 -8.97 38.10
N VAL B 7 0.61 -8.99 38.55
CA VAL B 7 1.38 -10.22 38.76
C VAL B 7 1.85 -10.26 40.22
N ILE B 8 1.32 -11.22 40.96
CA ILE B 8 1.62 -11.41 42.35
C ILE B 8 2.96 -12.15 42.42
N GLY B 9 3.99 -11.49 42.97
CA GLY B 9 5.30 -12.13 43.20
C GLY B 9 6.22 -12.03 41.98
N ALA B 10 7.51 -11.85 42.26
CA ALA B 10 8.56 -11.66 41.26
C ALA B 10 9.44 -12.92 41.19
N GLY B 11 8.79 -14.09 41.33
CA GLY B 11 9.48 -15.34 41.20
C GLY B 11 10.00 -15.53 39.79
N VAL B 12 10.20 -16.79 39.40
CA VAL B 12 10.47 -17.12 38.02
C VAL B 12 9.21 -16.81 37.21
N SER B 13 8.07 -17.23 37.79
CA SER B 13 6.79 -17.16 37.15
C SER B 13 6.40 -15.69 36.93
N GLY B 14 6.65 -14.85 37.94
CA GLY B 14 6.38 -13.41 37.86
C GLY B 14 7.13 -12.76 36.72
N LEU B 15 8.39 -13.17 36.55
CA LEU B 15 9.28 -12.54 35.59
C LEU B 15 8.91 -12.94 34.16
N ILE B 16 8.40 -14.17 33.98
CA ILE B 16 8.09 -14.68 32.63
C ILE B 16 6.74 -14.11 32.18
N SER B 17 5.77 -14.05 33.10
CA SER B 17 4.49 -13.43 32.79
C SER B 17 4.71 -11.95 32.47
N LEU B 18 5.49 -11.27 33.31
CA LEU B 18 5.85 -9.87 33.11
C LEU B 18 6.30 -9.66 31.65
N LYS B 19 7.12 -10.59 31.15
CA LYS B 19 7.67 -10.52 29.81
C LYS B 19 6.62 -10.91 28.78
N CYS B 20 5.86 -11.97 29.08
CA CYS B 20 4.78 -12.42 28.21
C CYS B 20 3.72 -11.32 28.04
N CYS B 21 3.58 -10.47 29.07
CA CYS B 21 2.66 -9.34 29.08
C CYS B 21 3.11 -8.28 28.09
N VAL B 22 4.27 -7.70 28.32
CA VAL B 22 4.75 -6.65 27.45
C VAL B 22 4.72 -7.20 26.01
N ASP B 23 4.93 -8.52 25.87
CA ASP B 23 4.99 -9.19 24.57
C ASP B 23 3.60 -9.23 23.91
N GLU B 24 2.53 -9.38 24.69
CA GLU B 24 1.15 -9.32 24.17
C GLU B 24 0.58 -7.91 24.37
N GLY B 25 1.48 -6.94 24.60
CA GLY B 25 1.17 -5.52 24.69
C GLY B 25 0.17 -5.21 25.77
N LEU B 26 0.47 -5.63 27.00
CA LEU B 26 -0.30 -5.25 28.19
C LEU B 26 0.57 -4.29 29.03
N GLU B 27 -0.01 -3.77 30.11
CA GLU B 27 0.72 -2.97 31.09
C GLU B 27 0.60 -3.68 32.43
N PRO B 28 1.71 -4.31 32.89
CA PRO B 28 1.72 -5.02 34.17
C PRO B 28 2.25 -4.23 35.37
N THR B 29 1.76 -4.57 36.56
CA THR B 29 2.33 -4.14 37.85
C THR B 29 2.62 -5.38 38.70
N CYS B 30 3.90 -5.56 39.03
CA CYS B 30 4.38 -6.68 39.81
C CYS B 30 4.57 -6.25 41.26
N PHE B 31 3.94 -6.98 42.17
CA PHE B 31 4.14 -6.79 43.59
C PHE B 31 5.10 -7.88 44.06
N GLU B 32 6.13 -7.47 44.83
CA GLU B 32 7.10 -8.38 45.42
C GLU B 32 7.20 -8.07 46.92
N ARG B 33 7.02 -9.11 47.74
CA ARG B 33 7.10 -8.97 49.20
C ARG B 33 8.54 -8.62 49.60
N THR B 34 9.54 -9.25 48.95
CA THR B 34 10.98 -9.13 49.32
C THR B 34 11.61 -7.94 48.58
N GLU B 35 12.90 -7.73 48.85
CA GLU B 35 13.69 -6.63 48.30
C GLU B 35 14.10 -6.93 46.86
N ASP B 36 14.06 -8.20 46.44
CA ASP B 36 14.67 -8.60 45.16
C ASP B 36 13.91 -9.77 44.50
N ILE B 37 14.36 -10.09 43.28
CA ILE B 37 13.74 -11.05 42.37
C ILE B 37 14.31 -12.46 42.61
N GLY B 38 13.67 -13.44 41.96
CA GLY B 38 14.14 -14.83 41.89
C GLY B 38 13.36 -15.75 42.81
N GLY B 39 12.76 -15.17 43.84
CA GLY B 39 12.15 -15.90 44.91
C GLY B 39 13.06 -17.01 45.39
N LEU B 40 12.61 -18.25 45.17
CA LEU B 40 13.23 -19.48 45.69
C LEU B 40 14.76 -19.45 45.47
N TRP B 41 15.18 -19.02 44.28
CA TRP B 41 16.53 -19.23 43.79
C TRP B 41 17.49 -18.16 44.31
N ARG B 42 16.95 -17.10 44.94
CA ARG B 42 17.79 -16.13 45.63
C ARG B 42 18.13 -16.69 47.02
N PHE B 43 19.26 -17.41 47.12
CA PHE B 43 19.74 -17.95 48.38
C PHE B 43 19.96 -16.84 49.40
N LYS B 44 19.28 -16.94 50.54
CA LYS B 44 19.62 -16.16 51.73
C LYS B 44 19.88 -17.14 52.88
N GLU B 45 20.68 -16.69 53.86
CA GLU B 45 21.25 -17.56 54.89
C GLU B 45 20.18 -17.81 55.97
N ASN B 46 19.35 -16.80 56.26
CA ASN B 46 18.18 -16.91 57.15
C ASN B 46 16.99 -17.50 56.37
N VAL B 47 15.86 -17.74 57.04
CA VAL B 47 14.67 -18.38 56.42
C VAL B 47 13.48 -17.41 56.49
N GLU B 48 13.60 -16.22 55.88
CA GLU B 48 12.57 -15.17 56.00
C GLU B 48 11.21 -15.69 55.51
N ASP B 49 10.14 -15.32 56.22
CA ASP B 49 8.78 -15.83 55.98
C ASP B 49 8.25 -15.28 54.65
N GLY B 50 7.49 -16.11 53.91
CA GLY B 50 6.82 -15.69 52.66
C GLY B 50 7.58 -16.07 51.38
N ARG B 51 8.77 -16.66 51.56
CA ARG B 51 9.63 -17.06 50.46
C ARG B 51 10.33 -18.37 50.80
N ALA B 52 10.52 -19.23 49.79
CA ALA B 52 11.05 -20.57 50.01
C ALA B 52 12.57 -20.50 50.30
N SER B 53 12.99 -21.24 51.32
CA SER B 53 14.41 -21.40 51.64
C SER B 53 15.02 -22.45 50.72
N ILE B 54 16.27 -22.24 50.35
CA ILE B 54 17.07 -23.30 49.77
C ILE B 54 18.41 -23.36 50.48
N TYR B 55 18.92 -24.59 50.60
CA TYR B 55 20.19 -24.83 51.18
C TYR B 55 21.30 -24.37 50.22
N GLN B 56 22.37 -23.80 50.78
CA GLN B 56 23.43 -23.05 50.07
C GLN B 56 23.90 -23.77 48.79
N SER B 57 23.79 -25.10 48.75
CA SER B 57 24.56 -25.94 47.82
C SER B 57 23.63 -26.65 46.83
N VAL B 58 22.49 -26.03 46.49
CA VAL B 58 21.57 -26.63 45.55
C VAL B 58 22.10 -26.41 44.13
N ILE B 59 22.11 -27.52 43.36
CA ILE B 59 22.32 -27.54 41.93
C ILE B 59 21.00 -27.91 41.26
N THR B 60 20.76 -27.36 40.06
CA THR B 60 19.56 -27.65 39.28
C THR B 60 19.51 -29.14 38.99
N ASN B 61 18.35 -29.59 38.52
CA ASN B 61 18.24 -30.93 38.01
C ASN B 61 17.56 -30.86 36.64
N THR B 62 17.91 -29.85 35.84
CA THR B 62 17.52 -29.77 34.43
C THR B 62 18.62 -29.04 33.64
N SER B 63 18.99 -29.60 32.47
CA SER B 63 19.95 -29.01 31.55
C SER B 63 19.58 -27.55 31.28
N LYS B 64 20.58 -26.78 30.85
CA LYS B 64 20.42 -25.39 30.55
C LYS B 64 19.64 -25.23 29.25
N GLU B 65 19.85 -26.14 28.29
CA GLU B 65 19.20 -26.04 26.97
C GLU B 65 17.88 -26.82 26.94
N MET B 66 17.45 -27.30 28.11
CA MET B 66 16.18 -27.97 28.27
C MET B 66 15.25 -27.17 29.22
N SER B 67 15.77 -26.03 29.72
CA SER B 67 15.13 -25.30 30.78
C SER B 67 15.21 -23.79 30.54
N CYS B 68 16.01 -23.33 29.58
CA CYS B 68 16.02 -21.92 29.21
C CYS B 68 14.70 -21.60 28.50
N PHE B 69 14.35 -20.31 28.46
CA PHE B 69 13.09 -19.86 27.83
C PHE B 69 13.18 -20.01 26.31
N SER B 70 12.00 -20.19 25.69
CA SER B 70 11.86 -20.61 24.28
C SER B 70 12.61 -19.70 23.29
N ASP B 71 12.88 -18.44 23.67
CA ASP B 71 13.49 -17.45 22.79
C ASP B 71 14.71 -16.79 23.44
N PHE B 72 15.20 -17.35 24.56
CA PHE B 72 16.32 -16.76 25.28
C PHE B 72 17.24 -17.85 25.83
N PRO B 73 18.09 -18.44 24.96
CA PRO B 73 19.08 -19.43 25.39
C PRO B 73 20.01 -18.89 26.48
N MET B 74 20.43 -19.80 27.35
CA MET B 74 21.46 -19.54 28.34
C MET B 74 22.77 -19.27 27.62
N PRO B 75 23.55 -18.26 28.06
CA PRO B 75 24.85 -17.97 27.45
C PRO B 75 25.63 -19.28 27.22
N GLU B 76 26.49 -19.31 26.20
CA GLU B 76 27.17 -20.57 25.86
C GLU B 76 28.12 -20.96 26.99
N HIS B 77 28.71 -19.97 27.67
CA HIS B 77 29.74 -20.22 28.70
C HIS B 77 29.11 -20.59 30.06
N PHE B 78 27.85 -21.03 30.06
CA PHE B 78 27.17 -21.53 31.25
C PHE B 78 27.26 -23.05 31.29
N PRO B 79 27.40 -23.66 32.47
CA PRO B 79 27.40 -25.11 32.60
C PRO B 79 25.97 -25.64 32.50
N ASN B 80 25.81 -26.93 32.26
CA ASN B 80 24.54 -27.49 31.85
C ASN B 80 23.64 -27.73 33.08
N PHE B 81 24.26 -27.87 34.27
CA PHE B 81 23.53 -27.82 35.52
C PHE B 81 24.14 -26.69 36.36
N LEU B 82 23.28 -26.05 37.14
CA LEU B 82 23.57 -24.73 37.67
C LEU B 82 23.47 -24.73 39.20
N HIS B 83 24.48 -24.12 39.83
CA HIS B 83 24.34 -23.70 41.21
C HIS B 83 23.24 -22.65 41.25
N ASN B 84 22.38 -22.73 42.26
CA ASN B 84 21.25 -21.80 42.42
C ASN B 84 21.68 -20.37 42.06
N SER B 85 22.85 -19.95 42.54
CA SER B 85 23.38 -18.61 42.31
C SER B 85 23.59 -18.34 40.81
N LYS B 86 24.13 -19.32 40.07
CA LYS B 86 24.42 -19.16 38.64
C LYS B 86 23.11 -19.16 37.82
N LEU B 87 22.06 -19.78 38.35
CA LEU B 87 20.77 -19.75 37.68
C LEU B 87 20.15 -18.37 37.87
N LEU B 88 20.13 -17.91 39.13
CA LEU B 88 19.61 -16.60 39.47
C LEU B 88 20.15 -15.59 38.45
N GLU B 89 21.45 -15.69 38.17
CA GLU B 89 22.14 -14.83 37.23
C GLU B 89 21.40 -14.81 35.88
N TYR B 90 21.06 -15.99 35.36
CA TYR B 90 20.29 -16.09 34.13
C TYR B 90 19.05 -15.20 34.22
N PHE B 91 18.32 -15.37 35.31
CA PHE B 91 17.12 -14.60 35.59
C PHE B 91 17.41 -13.09 35.59
N ARG B 92 18.46 -12.68 36.31
CA ARG B 92 18.83 -11.28 36.39
C ARG B 92 19.15 -10.77 34.98
N ILE B 93 19.90 -11.57 34.22
CA ILE B 93 20.35 -11.26 32.86
C ILE B 93 19.14 -11.19 31.90
N PHE B 94 18.11 -11.96 32.21
CA PHE B 94 16.82 -11.96 31.49
C PHE B 94 16.02 -10.69 31.81
N ALA B 95 15.98 -10.33 33.09
CA ALA B 95 15.28 -9.14 33.59
C ALA B 95 15.93 -7.84 33.08
N LYS B 96 17.22 -7.92 32.75
CA LYS B 96 17.95 -6.81 32.13
C LYS B 96 17.52 -6.69 30.66
N LYS B 97 17.72 -7.77 29.90
CA LYS B 97 17.55 -7.77 28.46
C LYS B 97 16.13 -7.30 28.12
N PHE B 98 15.13 -7.82 28.83
CA PHE B 98 13.72 -7.57 28.49
C PHE B 98 13.12 -6.44 29.35
N ASP B 99 13.96 -5.76 30.15
CA ASP B 99 13.60 -4.53 30.89
C ASP B 99 12.28 -4.75 31.66
N LEU B 100 12.31 -5.66 32.64
CA LEU B 100 11.11 -6.03 33.38
C LEU B 100 11.19 -5.49 34.80
N LEU B 101 12.31 -4.85 35.14
CA LEU B 101 12.63 -4.53 36.51
C LEU B 101 11.88 -3.25 36.94
N LYS B 102 11.45 -2.46 35.96
CA LYS B 102 10.75 -1.19 36.22
C LYS B 102 9.34 -1.40 36.79
N TYR B 103 8.70 -2.55 36.52
CA TYR B 103 7.33 -2.81 36.96
C TYR B 103 7.32 -3.43 38.38
N ILE B 104 8.49 -3.75 38.91
CA ILE B 104 8.58 -4.46 40.19
C ILE B 104 8.46 -3.43 41.32
N GLN B 105 7.41 -3.57 42.13
CA GLN B 105 7.33 -2.91 43.40
C GLN B 105 7.83 -3.88 44.49
N PHE B 106 9.05 -3.63 44.97
CA PHE B 106 9.64 -4.44 46.04
C PHE B 106 9.07 -4.00 47.39
N GLN B 107 9.23 -4.86 48.40
CA GLN B 107 8.75 -4.61 49.78
C GLN B 107 7.28 -4.15 49.78
N THR B 108 6.49 -4.73 48.87
CA THR B 108 5.08 -4.39 48.69
C THR B 108 4.26 -5.68 48.54
N THR B 109 3.99 -6.32 49.67
CA THR B 109 3.28 -7.61 49.72
C THR B 109 1.78 -7.37 49.39
N VAL B 110 1.12 -8.38 48.85
CA VAL B 110 -0.31 -8.34 48.48
C VAL B 110 -1.15 -9.04 49.55
N LEU B 111 -2.16 -8.33 50.08
CA LEU B 111 -2.87 -8.75 51.28
C LEU B 111 -4.24 -9.36 50.93
N SER B 112 -4.91 -8.81 49.91
CA SER B 112 -6.19 -9.35 49.42
C SER B 112 -6.41 -8.98 47.96
N VAL B 113 -6.95 -9.94 47.21
CA VAL B 113 -7.37 -9.76 45.84
C VAL B 113 -8.87 -10.02 45.81
N LYS B 114 -9.64 -8.93 45.70
CA LYS B 114 -11.07 -8.90 45.82
C LYS B 114 -11.71 -8.61 44.46
N LYS B 115 -12.82 -9.32 44.21
CA LYS B 115 -13.60 -9.13 43.01
C LYS B 115 -14.34 -7.79 43.11
N CYS B 116 -14.38 -7.02 42.01
CA CYS B 116 -15.28 -5.87 41.85
C CYS B 116 -16.64 -6.36 41.37
N PRO B 117 -17.66 -5.48 41.25
CA PRO B 117 -18.80 -5.72 40.35
C PRO B 117 -18.43 -6.06 38.88
N ASP B 118 -18.13 -7.37 38.67
CA ASP B 118 -17.58 -7.97 37.42
C ASP B 118 -18.56 -7.72 36.27
N GLY B 123 -14.85 -6.19 34.35
CA GLY B 123 -14.48 -7.54 34.75
C GLY B 123 -13.27 -7.61 35.68
N GLN B 124 -13.13 -6.62 36.57
CA GLN B 124 -11.85 -6.23 37.19
C GLN B 124 -11.65 -6.90 38.55
N TRP B 125 -10.60 -6.46 39.25
CA TRP B 125 -10.21 -6.91 40.61
C TRP B 125 -9.68 -5.73 41.43
N GLU B 126 -9.93 -5.79 42.74
CA GLU B 126 -9.53 -4.77 43.72
C GLU B 126 -8.47 -5.38 44.65
N ILE B 127 -7.21 -4.94 44.48
CA ILE B 127 -6.10 -5.54 45.16
C ILE B 127 -5.62 -4.59 46.27
N VAL B 128 -5.59 -5.11 47.50
CA VAL B 128 -5.02 -4.43 48.64
C VAL B 128 -3.57 -4.89 48.81
N THR B 129 -2.64 -3.93 48.75
CA THR B 129 -1.23 -4.17 49.01
C THR B 129 -0.78 -3.26 50.17
N GLU B 130 0.24 -3.69 50.91
CA GLU B 130 0.86 -2.86 51.97
C GLU B 130 2.32 -2.56 51.57
N SER B 131 2.71 -1.28 51.69
CA SER B 131 4.11 -0.86 51.60
C SER B 131 4.64 -0.66 53.03
N ASN B 132 5.81 -0.02 53.17
CA ASN B 132 6.50 0.12 54.46
C ASN B 132 5.61 0.85 55.47
N GLY B 133 4.62 0.14 56.02
CA GLY B 133 3.72 0.64 57.08
C GLY B 133 2.29 0.84 56.60
N LYS B 134 2.08 1.85 55.76
CA LYS B 134 0.73 2.26 55.32
C LYS B 134 0.37 1.52 54.03
N GLU B 135 -0.86 0.98 54.00
CA GLU B 135 -1.35 0.10 52.93
C GLU B 135 -2.27 0.88 51.96
N GLN B 136 -1.87 0.94 50.69
CA GLN B 136 -2.68 1.56 49.64
C GLN B 136 -3.61 0.49 49.03
N SER B 137 -4.36 0.88 47.99
CA SER B 137 -5.32 0.01 47.28
C SER B 137 -5.39 0.43 45.80
N ALA B 138 -5.77 -0.51 44.92
CA ALA B 138 -5.90 -0.24 43.48
C ALA B 138 -6.77 -1.33 42.82
N VAL B 139 -7.12 -1.07 41.55
CA VAL B 139 -7.95 -1.97 40.77
C VAL B 139 -7.15 -2.41 39.54
N PHE B 140 -7.41 -3.65 39.10
CA PHE B 140 -6.75 -4.22 37.94
C PHE B 140 -7.78 -4.99 37.09
N ASP B 141 -7.46 -5.10 35.80
CA ASP B 141 -8.31 -5.73 34.81
C ASP B 141 -8.22 -7.24 34.98
N ALA B 142 -6.99 -7.74 35.24
CA ALA B 142 -6.73 -9.16 35.46
C ALA B 142 -5.54 -9.37 36.40
N VAL B 143 -5.42 -10.62 36.87
CA VAL B 143 -4.52 -10.99 37.94
C VAL B 143 -3.79 -12.29 37.60
N MET B 144 -2.47 -12.27 37.79
CA MET B 144 -1.59 -13.44 37.63
C MET B 144 -0.88 -13.74 38.95
N VAL B 145 -1.03 -14.98 39.44
CA VAL B 145 -0.59 -15.36 40.77
C VAL B 145 0.67 -16.22 40.68
N CYS B 146 1.77 -15.72 41.27
CA CYS B 146 3.12 -16.29 41.15
C CYS B 146 3.80 -16.29 42.53
N SER B 147 3.07 -16.82 43.52
CA SER B 147 3.40 -16.71 44.93
C SER B 147 4.21 -17.93 45.40
N GLY B 148 4.41 -18.90 44.50
CA GLY B 148 5.17 -20.15 44.77
C GLY B 148 4.32 -21.18 45.48
N HIS B 149 4.89 -22.36 45.78
CA HIS B 149 4.16 -23.41 46.53
C HIS B 149 5.10 -24.36 47.27
N HIS B 150 6.36 -23.91 47.50
CA HIS B 150 7.35 -24.64 48.30
C HIS B 150 7.76 -23.75 49.50
N ILE B 151 6.75 -23.17 50.13
CA ILE B 151 6.90 -22.17 51.19
C ILE B 151 6.34 -22.73 52.50
N LEU B 152 5.19 -23.39 52.45
CA LEU B 152 4.56 -23.96 53.64
C LEU B 152 5.12 -25.36 53.88
N PRO B 153 5.94 -25.58 54.94
CA PRO B 153 6.45 -26.92 55.22
C PRO B 153 5.31 -27.87 55.60
N HIS B 154 5.38 -29.09 55.08
CA HIS B 154 4.49 -30.16 55.50
C HIS B 154 5.28 -31.06 56.45
N ILE B 155 4.86 -31.10 57.72
CA ILE B 155 5.52 -31.84 58.77
C ILE B 155 4.50 -32.79 59.40
N PRO B 156 4.43 -34.07 58.96
CA PRO B 156 3.35 -34.97 59.38
C PRO B 156 3.62 -35.63 60.74
N LEU B 157 3.91 -34.81 61.74
CA LEU B 157 4.38 -35.26 63.05
C LEU B 157 3.48 -36.40 63.55
N GLN B 158 2.20 -36.33 63.19
CA GLN B 158 1.17 -37.20 63.73
C GLN B 158 1.33 -38.65 63.25
N SER B 159 2.14 -38.91 62.22
CA SER B 159 2.48 -40.29 61.82
C SER B 159 3.89 -40.66 62.32
N PHE B 160 4.32 -40.02 63.41
CA PHE B 160 5.53 -40.37 64.14
C PHE B 160 5.21 -40.42 65.63
N PRO B 161 4.53 -41.50 66.10
CA PRO B 161 4.28 -41.68 67.52
C PRO B 161 5.57 -41.56 68.34
N GLY B 162 5.56 -40.68 69.36
CA GLY B 162 6.58 -40.61 70.38
C GLY B 162 7.48 -39.40 70.23
N ILE B 163 7.27 -38.66 69.13
CA ILE B 163 8.06 -37.45 68.77
C ILE B 163 8.14 -36.52 70.00
N GLU B 164 7.03 -36.41 70.73
CA GLU B 164 6.91 -35.60 71.96
C GLU B 164 8.04 -35.98 72.93
N ARG B 165 8.24 -37.29 73.08
CA ARG B 165 9.20 -37.86 74.01
C ARG B 165 10.64 -37.61 73.53
N PHE B 166 10.85 -37.56 72.21
CA PHE B 166 12.17 -37.41 71.62
C PHE B 166 12.84 -36.13 72.13
N LYS B 167 14.06 -36.30 72.65
CA LYS B 167 14.91 -35.20 73.05
C LYS B 167 15.60 -34.67 71.80
N GLY B 168 16.92 -34.77 71.72
CA GLY B 168 17.66 -34.35 70.52
C GLY B 168 17.16 -33.04 69.94
N GLN B 169 17.08 -32.99 68.61
CA GLN B 169 16.70 -31.79 67.83
C GLN B 169 16.08 -32.26 66.51
N TYR B 170 14.97 -31.62 66.09
CA TYR B 170 14.31 -32.01 64.87
C TYR B 170 13.78 -30.78 64.15
N PHE B 171 13.88 -30.79 62.81
CA PHE B 171 13.44 -29.67 61.97
C PHE B 171 13.30 -30.09 60.51
N HIS B 172 12.45 -29.35 59.79
CA HIS B 172 12.03 -29.67 58.44
C HIS B 172 13.08 -29.17 57.44
N SER B 173 13.09 -29.79 56.26
CA SER B 173 14.04 -29.49 55.18
C SER B 173 14.15 -27.98 54.94
N ARG B 174 13.00 -27.31 54.83
CA ARG B 174 12.92 -25.84 54.69
C ARG B 174 14.04 -25.15 55.48
N GLN B 175 14.10 -25.47 56.78
CA GLN B 175 14.98 -24.80 57.75
C GLN B 175 16.46 -24.97 57.37
N TYR B 176 16.78 -26.09 56.70
CA TYR B 176 18.16 -26.48 56.38
C TYR B 176 18.82 -25.44 55.47
N LYS B 177 20.13 -25.27 55.69
CA LYS B 177 20.98 -24.33 54.97
C LYS B 177 22.39 -24.89 54.83
N HIS B 178 23.05 -25.06 55.97
CA HIS B 178 24.43 -25.48 55.99
C HIS B 178 24.53 -26.82 56.72
N PRO B 179 25.55 -27.63 56.40
CA PRO B 179 25.86 -28.84 57.16
C PRO B 179 26.78 -28.62 58.38
N GLU B 180 27.61 -27.58 58.33
CA GLU B 180 28.46 -27.23 59.45
C GLU B 180 27.60 -27.06 60.70
N GLY B 181 27.90 -27.82 61.75
CA GLY B 181 27.13 -27.84 62.95
C GLY B 181 26.67 -29.24 63.27
N PHE B 182 26.50 -30.09 62.26
CA PHE B 182 26.02 -31.46 62.46
C PHE B 182 27.15 -32.46 62.21
N GLU B 183 28.39 -32.02 62.50
CA GLU B 183 29.55 -32.90 62.42
C GLU B 183 29.36 -34.03 63.42
N GLY B 184 29.76 -35.24 62.98
CA GLY B 184 29.85 -36.44 63.81
C GLY B 184 28.64 -36.68 64.70
N LYS B 185 27.45 -36.24 64.25
CA LYS B 185 26.21 -36.48 64.98
C LYS B 185 25.50 -37.65 64.33
N ARG B 186 24.69 -38.37 65.09
CA ARG B 186 23.85 -39.39 64.51
C ARG B 186 22.60 -38.69 64.00
N ILE B 187 22.26 -38.85 62.70
CA ILE B 187 21.19 -38.06 62.03
C ILE B 187 20.28 -38.96 61.17
N LEU B 188 18.98 -38.81 61.36
CA LEU B 188 17.96 -39.53 60.62
C LEU B 188 17.18 -38.50 59.81
N VAL B 189 17.10 -38.70 58.49
CA VAL B 189 16.25 -37.88 57.63
C VAL B 189 15.10 -38.74 57.11
N ILE B 190 13.93 -38.10 56.99
CA ILE B 190 12.69 -38.74 56.62
C ILE B 190 12.34 -38.36 55.17
N GLY B 191 11.89 -39.37 54.42
CA GLY B 191 11.40 -39.22 53.05
C GLY B 191 12.50 -39.41 52.03
N ILE B 192 12.11 -39.60 50.76
CA ILE B 192 13.06 -39.66 49.66
C ILE B 192 12.72 -38.54 48.67
N GLY B 193 12.62 -37.32 49.23
CA GLY B 193 12.61 -36.11 48.46
C GLY B 193 14.00 -35.84 47.97
N ASN B 194 14.10 -35.11 46.85
CA ASN B 194 15.38 -34.65 46.35
C ASN B 194 16.05 -33.83 47.46
N SER B 195 15.22 -33.15 48.27
CA SER B 195 15.62 -32.60 49.57
C SER B 195 16.27 -33.68 50.43
N ALA B 196 15.47 -34.65 50.88
CA ALA B 196 15.99 -35.74 51.76
C ALA B 196 17.36 -36.21 51.26
N SER B 197 17.43 -36.50 49.96
CA SER B 197 18.62 -37.08 49.34
C SER B 197 19.78 -36.09 49.41
N ASP B 198 19.57 -34.90 48.86
CA ASP B 198 20.62 -33.88 48.84
C ASP B 198 21.09 -33.64 50.28
N ILE B 199 20.12 -33.46 51.20
CA ILE B 199 20.41 -33.18 52.61
C ILE B 199 21.24 -34.35 53.16
N ALA B 200 20.60 -35.51 53.30
CA ALA B 200 21.22 -36.72 53.82
C ALA B 200 22.66 -36.78 53.36
N VAL B 201 22.86 -36.68 52.03
CA VAL B 201 24.16 -36.79 51.42
C VAL B 201 25.09 -35.74 52.00
N GLU B 202 24.74 -34.47 51.80
CA GLU B 202 25.57 -33.38 52.27
C GLU B 202 26.00 -33.69 53.71
N LEU B 203 25.02 -33.91 54.61
CA LEU B 203 25.27 -34.14 56.05
C LEU B 203 26.13 -35.39 56.28
N SER B 204 25.94 -36.41 55.45
CA SER B 204 26.50 -37.77 55.64
C SER B 204 28.03 -37.79 55.55
N LYS B 205 28.60 -36.96 54.69
CA LYS B 205 30.03 -37.00 54.46
C LYS B 205 30.78 -36.86 55.81
N LYS B 206 30.31 -35.94 56.66
CA LYS B 206 31.05 -35.46 57.85
C LYS B 206 30.32 -35.83 59.16
N ALA B 207 29.33 -36.73 59.06
CA ALA B 207 28.46 -37.11 60.19
C ALA B 207 28.85 -38.49 60.69
N ALA B 208 28.39 -38.83 61.89
CA ALA B 208 28.65 -40.12 62.50
C ALA B 208 27.99 -41.21 61.64
N GLN B 209 26.69 -41.01 61.40
CA GLN B 209 25.89 -41.89 60.56
C GLN B 209 24.66 -41.09 60.10
N VAL B 210 24.24 -41.34 58.87
CA VAL B 210 22.97 -40.85 58.41
C VAL B 210 22.11 -42.03 57.97
N PHE B 211 20.83 -41.97 58.36
CA PHE B 211 19.81 -42.88 57.91
C PHE B 211 18.84 -42.10 57.03
N ILE B 212 17.99 -42.82 56.31
CA ILE B 212 16.99 -42.16 55.47
C ILE B 212 15.79 -43.10 55.39
N SER B 213 14.67 -42.66 55.98
CA SER B 213 13.45 -43.44 56.07
C SER B 213 12.66 -43.33 54.77
N THR B 214 12.07 -44.44 54.32
CA THR B 214 10.89 -44.42 53.45
C THR B 214 10.06 -45.68 53.64
N ARG B 215 8.75 -45.53 53.47
CA ARG B 215 7.87 -46.67 53.34
C ARG B 215 8.05 -47.17 51.90
N HIS B 216 8.02 -46.23 50.97
CA HIS B 216 7.65 -46.48 49.61
C HIS B 216 8.89 -46.73 48.74
N GLY B 217 9.97 -45.97 48.98
CA GLY B 217 11.24 -46.13 48.27
C GLY B 217 11.14 -45.61 46.86
N SER B 218 12.14 -44.84 46.42
CA SER B 218 12.11 -44.18 45.10
C SER B 218 13.03 -44.88 44.10
N TRP B 219 13.02 -44.38 42.87
CA TRP B 219 14.05 -44.70 41.94
C TRP B 219 15.04 -43.53 41.89
N VAL B 220 16.31 -43.84 42.14
CA VAL B 220 17.38 -42.88 42.05
C VAL B 220 17.92 -42.88 40.63
N MET B 221 18.51 -41.75 40.22
CA MET B 221 18.91 -41.52 38.85
C MET B 221 19.86 -40.32 38.78
N SER B 222 20.99 -40.48 38.07
CA SER B 222 21.98 -39.40 37.92
C SER B 222 21.58 -38.48 36.77
N ARG B 223 22.03 -37.23 36.86
CA ARG B 223 21.80 -36.20 35.83
C ARG B 223 22.70 -36.53 34.65
N ILE B 224 23.70 -37.37 34.89
CA ILE B 224 24.61 -37.87 33.84
C ILE B 224 23.85 -38.95 33.08
N SER B 225 23.83 -38.83 31.76
CA SER B 225 23.12 -39.75 30.90
C SER B 225 23.98 -40.09 29.69
N ASP B 226 23.42 -40.91 28.81
CA ASP B 226 24.03 -41.35 27.57
C ASP B 226 25.16 -40.38 27.19
N ASP B 227 26.40 -40.89 27.19
CA ASP B 227 27.59 -40.18 26.71
C ASP B 227 27.74 -38.85 27.46
N GLY B 228 27.40 -38.91 28.76
CA GLY B 228 27.48 -37.77 29.66
C GLY B 228 26.68 -36.57 29.18
N TYR B 229 25.59 -36.80 28.45
CA TYR B 229 24.66 -35.71 28.12
C TYR B 229 23.60 -35.67 29.22
N PRO B 230 23.10 -34.46 29.56
CA PRO B 230 22.07 -34.34 30.59
C PRO B 230 20.89 -35.29 30.40
N TRP B 231 20.39 -35.83 31.51
CA TRP B 231 19.34 -36.84 31.51
C TRP B 231 18.09 -36.36 30.74
N ASP B 232 17.76 -35.07 30.88
CA ASP B 232 16.50 -34.56 30.41
C ASP B 232 16.47 -34.54 28.86
N MET B 233 17.64 -34.48 28.23
CA MET B 233 17.66 -34.32 26.76
C MET B 233 17.74 -35.69 26.09
N VAL B 234 17.82 -36.75 26.90
CA VAL B 234 17.62 -38.07 26.38
C VAL B 234 16.23 -38.55 26.81
N PHE B 235 15.80 -38.19 28.02
CA PHE B 235 14.53 -38.64 28.57
C PHE B 235 13.38 -37.91 27.87
N HIS B 236 13.43 -36.56 27.86
CA HIS B 236 12.35 -35.73 27.31
C HIS B 236 12.58 -35.46 25.81
N THR B 237 12.08 -36.38 24.97
CA THR B 237 12.10 -36.26 23.51
C THR B 237 10.77 -36.82 22.96
N ARG B 238 10.03 -35.99 22.21
CA ARG B 238 8.73 -36.36 21.64
C ARG B 238 8.64 -37.88 21.48
N PHE B 239 9.57 -38.45 20.69
CA PHE B 239 9.52 -39.86 20.29
C PHE B 239 9.39 -40.76 21.52
N SER B 240 10.22 -40.51 22.53
CA SER B 240 10.24 -41.32 23.73
C SER B 240 8.93 -41.14 24.51
N SER B 241 8.38 -39.92 24.51
CA SER B 241 7.09 -39.63 25.14
C SER B 241 6.02 -40.59 24.58
N MET B 242 5.94 -40.64 23.25
CA MET B 242 5.05 -41.57 22.56
C MET B 242 5.14 -42.95 23.20
N LEU B 243 6.34 -43.53 23.18
CA LEU B 243 6.59 -44.85 23.72
C LEU B 243 5.93 -44.97 25.10
N ARG B 244 6.15 -43.98 25.95
CA ARG B 244 5.66 -44.01 27.33
C ARG B 244 4.13 -44.04 27.37
N ASN B 245 3.51 -43.33 26.43
CA ASN B 245 2.06 -43.19 26.39
C ASN B 245 1.44 -44.44 25.75
N VAL B 246 1.89 -44.80 24.54
CA VAL B 246 1.24 -45.83 23.74
C VAL B 246 1.55 -47.22 24.31
N LEU B 247 2.80 -47.49 24.66
CA LEU B 247 3.17 -48.82 25.09
C LEU B 247 2.40 -49.17 26.36
N PRO B 248 2.11 -50.47 26.59
CA PRO B 248 1.32 -50.89 27.75
C PRO B 248 2.04 -50.45 29.03
N ARG B 249 1.27 -50.13 30.06
CA ARG B 249 1.83 -49.58 31.27
C ARG B 249 3.02 -50.46 31.73
N THR B 250 2.76 -51.76 31.99
CA THR B 250 3.77 -52.60 32.62
C THR B 250 4.82 -53.06 31.59
N VAL B 251 4.70 -52.64 30.33
CA VAL B 251 5.80 -52.82 29.38
C VAL B 251 6.75 -51.61 29.48
N VAL B 252 6.22 -50.47 29.90
CA VAL B 252 7.02 -49.30 30.19
C VAL B 252 7.71 -49.52 31.55
N LYS B 253 7.05 -50.23 32.46
CA LYS B 253 7.65 -50.62 33.74
C LYS B 253 8.95 -51.39 33.46
N TRP B 254 8.87 -52.52 32.76
CA TRP B 254 10.07 -53.32 32.41
C TRP B 254 11.13 -52.38 31.84
N MET B 255 10.71 -51.42 31.01
CA MET B 255 11.63 -50.46 30.40
C MET B 255 12.30 -49.59 31.48
N MET B 256 11.52 -49.07 32.45
CA MET B 256 12.04 -48.23 33.55
C MET B 256 13.04 -49.04 34.39
N GLU B 257 12.55 -50.13 34.98
CA GLU B 257 13.34 -51.08 35.76
C GLU B 257 14.75 -51.19 35.17
N GLN B 258 14.83 -51.54 33.88
CA GLN B 258 16.10 -51.89 33.25
C GLN B 258 16.97 -50.64 33.12
N GLN B 259 16.36 -49.53 32.67
CA GLN B 259 17.05 -48.24 32.56
C GLN B 259 17.60 -47.85 33.94
N MET B 260 16.73 -47.86 34.96
CA MET B 260 17.06 -47.32 36.26
C MET B 260 18.15 -48.19 36.90
N ASN B 261 18.03 -49.50 36.71
CA ASN B 261 18.86 -50.46 37.43
C ASN B 261 20.28 -50.49 36.86
N ARG B 262 20.49 -50.06 35.61
CA ARG B 262 21.85 -49.99 35.05
C ARG B 262 22.83 -49.45 36.10
N TRP B 263 22.48 -48.33 36.77
CA TRP B 263 23.38 -47.64 37.69
C TRP B 263 23.70 -48.54 38.87
N PHE B 264 22.65 -49.01 39.55
CA PHE B 264 22.81 -49.98 40.63
C PHE B 264 21.50 -50.76 40.81
N ASN B 265 21.62 -51.99 41.31
CA ASN B 265 20.47 -52.79 41.61
C ASN B 265 19.76 -52.15 42.82
N HIS B 266 18.57 -51.60 42.61
CA HIS B 266 17.88 -50.83 43.62
C HIS B 266 17.42 -51.73 44.79
N GLU B 267 17.15 -53.00 44.50
CA GLU B 267 16.77 -53.99 45.53
C GLU B 267 17.91 -54.10 46.56
N ASN B 268 19.13 -54.32 46.02
CA ASN B 268 20.34 -54.58 46.77
C ASN B 268 20.72 -53.39 47.64
N TYR B 269 20.59 -52.18 47.07
CA TYR B 269 20.97 -50.93 47.75
C TYR B 269 19.84 -50.50 48.69
N GLY B 270 18.63 -50.99 48.39
CA GLY B 270 17.48 -51.04 49.29
C GLY B 270 16.55 -49.86 49.12
N LEU B 271 16.33 -49.42 47.88
CA LEU B 271 15.26 -48.47 47.63
C LEU B 271 14.42 -48.93 46.43
N GLU B 272 14.36 -50.25 46.22
CA GLU B 272 13.34 -50.86 45.41
C GLU B 272 12.04 -50.18 45.78
N PRO B 273 11.31 -49.58 44.80
CA PRO B 273 9.97 -49.07 45.04
C PRO B 273 8.92 -50.18 45.25
N GLN B 274 7.84 -49.85 45.98
CA GLN B 274 6.72 -50.76 46.20
C GLN B 274 6.07 -51.11 44.85
N ASN B 275 5.39 -50.12 44.26
CA ASN B 275 4.70 -50.29 42.99
C ASN B 275 5.53 -49.56 41.92
N LYS B 276 6.25 -50.37 41.14
CA LYS B 276 7.09 -49.90 40.04
C LYS B 276 6.19 -49.51 38.85
N TYR B 277 4.93 -49.94 38.93
CA TYR B 277 3.77 -49.44 38.17
C TYR B 277 3.89 -47.92 37.92
N LEU B 278 4.32 -47.15 38.93
CA LEU B 278 4.19 -45.67 38.95
C LEU B 278 5.19 -45.02 37.99
N MET B 279 4.94 -43.74 37.74
CA MET B 279 5.84 -42.87 37.00
C MET B 279 5.99 -41.53 37.75
N LYS B 280 5.81 -41.58 39.07
CA LYS B 280 6.18 -40.54 40.04
C LYS B 280 7.51 -39.89 39.60
N GLU B 281 7.78 -38.68 40.09
CA GLU B 281 9.11 -38.07 39.88
C GLU B 281 10.19 -38.87 40.62
N PRO B 282 11.25 -39.37 39.94
CA PRO B 282 12.38 -40.03 40.62
C PRO B 282 13.37 -39.00 41.17
N VAL B 283 14.28 -39.43 42.06
CA VAL B 283 15.22 -38.50 42.70
C VAL B 283 16.42 -38.32 41.78
N LEU B 284 16.94 -37.08 41.75
CA LEU B 284 18.10 -36.74 40.95
C LEU B 284 19.25 -36.29 41.85
N ASN B 285 19.94 -37.30 42.37
CA ASN B 285 21.15 -37.17 43.10
C ASN B 285 22.23 -37.92 42.33
N ASP B 286 23.42 -37.32 42.20
CA ASP B 286 24.57 -37.98 41.57
C ASP B 286 25.41 -38.73 42.60
N ASP B 287 25.13 -38.53 43.89
CA ASP B 287 26.04 -38.89 44.98
C ASP B 287 25.49 -40.07 45.79
N LEU B 288 24.16 -40.12 45.94
CA LEU B 288 23.48 -41.01 46.91
C LEU B 288 23.94 -42.47 46.77
N PRO B 289 23.90 -43.08 45.57
CA PRO B 289 24.37 -44.45 45.41
C PRO B 289 25.77 -44.67 46.00
N SER B 290 26.73 -43.81 45.64
CA SER B 290 28.11 -43.93 46.14
C SER B 290 28.12 -43.82 47.68
N ARG B 291 27.36 -42.83 48.18
CA ARG B 291 27.40 -42.44 49.58
C ARG B 291 26.80 -43.56 50.44
N LEU B 292 25.86 -44.33 49.86
CA LEU B 292 25.39 -45.57 50.48
C LEU B 292 26.55 -46.58 50.53
N LEU B 293 27.22 -46.74 49.39
CA LEU B 293 28.25 -47.74 49.25
C LEU B 293 29.34 -47.48 50.30
N TYR B 294 29.80 -46.23 50.36
CA TYR B 294 30.74 -45.75 51.39
C TYR B 294 30.26 -46.05 52.82
N GLY B 295 28.94 -46.17 53.00
CA GLY B 295 28.31 -46.55 54.27
C GLY B 295 27.88 -45.34 55.11
N ALA B 296 27.98 -44.13 54.54
CA ALA B 296 27.70 -42.87 55.22
C ALA B 296 26.20 -42.66 55.39
N ILE B 297 25.43 -43.27 54.47
CA ILE B 297 23.97 -43.33 54.53
C ILE B 297 23.53 -44.81 54.57
N LYS B 298 22.55 -45.11 55.42
CA LYS B 298 21.81 -46.38 55.41
C LYS B 298 20.33 -46.06 55.19
N VAL B 299 19.73 -46.64 54.14
CA VAL B 299 18.29 -46.44 53.93
C VAL B 299 17.57 -47.23 55.02
N LYS B 300 16.29 -46.96 55.19
CA LYS B 300 15.55 -47.62 56.25
C LYS B 300 14.04 -47.52 55.96
N SER B 301 13.32 -48.53 56.43
CA SER B 301 11.88 -48.56 56.41
C SER B 301 11.33 -47.34 57.18
N ARG B 302 10.02 -47.14 57.11
CA ARG B 302 9.39 -46.01 57.76
C ARG B 302 9.58 -46.14 59.26
N VAL B 303 9.82 -45.00 59.91
CA VAL B 303 9.79 -44.91 61.34
C VAL B 303 8.41 -45.38 61.81
N LYS B 304 8.37 -46.43 62.63
CA LYS B 304 7.14 -46.93 63.23
C LYS B 304 6.81 -46.11 64.48
N GLU B 305 7.84 -45.84 65.28
CA GLU B 305 7.70 -45.15 66.55
C GLU B 305 9.04 -44.50 66.92
N LEU B 306 8.93 -43.43 67.72
CA LEU B 306 10.06 -42.68 68.22
C LEU B 306 10.02 -42.72 69.76
N THR B 307 11.22 -42.70 70.36
CA THR B 307 11.41 -42.59 71.80
C THR B 307 12.25 -41.34 72.06
N GLU B 308 12.95 -41.31 73.21
CA GLU B 308 13.74 -40.15 73.62
C GLU B 308 15.03 -40.08 72.79
N THR B 309 15.68 -41.23 72.57
CA THR B 309 16.96 -41.27 71.87
C THR B 309 17.09 -42.46 70.90
N SER B 310 16.00 -43.21 70.67
CA SER B 310 15.98 -44.28 69.68
C SER B 310 14.86 -44.04 68.67
N ALA B 311 14.78 -44.90 67.64
CA ALA B 311 13.68 -44.91 66.68
C ALA B 311 13.37 -46.36 66.30
N ILE B 312 12.12 -46.78 66.55
CA ILE B 312 11.66 -48.11 66.11
C ILE B 312 11.32 -47.98 64.63
N PHE B 313 11.36 -49.09 63.91
CA PHE B 313 11.12 -49.10 62.48
C PHE B 313 10.05 -50.13 62.14
N GLU B 314 9.47 -49.94 60.94
CA GLU B 314 8.34 -50.71 60.43
C GLU B 314 8.71 -52.19 60.27
N ASP B 315 9.99 -52.50 60.05
CA ASP B 315 10.45 -53.88 59.84
C ASP B 315 11.10 -54.43 61.12
N GLY B 316 10.88 -53.72 62.25
CA GLY B 316 11.28 -54.20 63.57
C GLY B 316 12.78 -54.04 63.83
N THR B 317 13.38 -53.06 63.15
CA THR B 317 14.74 -52.70 63.43
C THR B 317 14.70 -51.50 64.38
N VAL B 318 15.86 -51.19 64.97
CA VAL B 318 15.99 -50.03 65.84
C VAL B 318 17.37 -49.43 65.66
N GLU B 319 17.42 -48.10 65.51
CA GLU B 319 18.66 -47.37 65.58
C GLU B 319 18.65 -46.56 66.88
N GLU B 320 19.84 -46.47 67.49
CA GLU B 320 20.02 -45.95 68.83
C GLU B 320 20.72 -44.59 68.76
N ASP B 321 20.57 -43.82 69.84
CA ASP B 321 21.27 -42.55 70.08
C ASP B 321 21.29 -41.76 68.76
N ILE B 322 20.10 -41.28 68.35
CA ILE B 322 19.89 -40.46 67.16
C ILE B 322 19.69 -39.02 67.62
N ASP B 323 20.72 -38.18 67.40
CA ASP B 323 20.77 -36.82 67.93
C ASP B 323 19.85 -35.86 67.15
N VAL B 324 19.46 -36.23 65.92
CA VAL B 324 18.77 -35.30 65.01
C VAL B 324 17.80 -36.07 64.10
N ILE B 325 16.60 -35.52 63.94
CA ILE B 325 15.63 -35.94 62.92
C ILE B 325 15.44 -34.76 61.98
N VAL B 326 15.51 -34.99 60.66
CA VAL B 326 15.22 -33.95 59.68
C VAL B 326 14.10 -34.44 58.76
N PHE B 327 12.91 -33.83 58.91
CA PHE B 327 11.70 -34.17 58.16
C PHE B 327 11.72 -33.48 56.78
N ALA B 328 12.25 -34.17 55.77
CA ALA B 328 12.25 -33.68 54.39
C ALA B 328 11.02 -34.21 53.64
N THR B 329 9.86 -34.04 54.28
CA THR B 329 8.62 -34.68 53.87
C THR B 329 7.84 -33.74 52.95
N GLY B 330 8.52 -32.73 52.40
CA GLY B 330 7.95 -31.91 51.34
C GLY B 330 7.06 -30.80 51.88
N TYR B 331 6.41 -30.08 50.95
CA TYR B 331 5.74 -28.84 51.27
C TYR B 331 4.25 -28.92 50.95
N THR B 332 3.55 -27.83 51.30
CA THR B 332 2.21 -27.56 50.85
C THR B 332 2.13 -26.11 50.33
N PHE B 333 0.90 -25.60 50.18
CA PHE B 333 0.65 -24.32 49.53
C PHE B 333 -0.75 -23.80 49.88
N SER B 334 -0.85 -22.49 50.00
CA SER B 334 -2.04 -21.78 50.37
C SER B 334 -2.09 -20.47 49.60
N PHE B 335 -3.26 -19.83 49.56
CA PHE B 335 -3.42 -18.50 49.04
C PHE B 335 -4.14 -17.65 50.07
N PRO B 336 -3.40 -16.95 50.95
CA PRO B 336 -3.99 -16.18 52.04
C PRO B 336 -4.40 -14.75 51.66
N PHE B 337 -4.28 -14.42 50.37
CA PHE B 337 -4.73 -13.14 49.86
C PHE B 337 -5.86 -13.39 48.85
N LEU B 338 -6.67 -14.43 49.10
CA LEU B 338 -7.58 -14.91 48.09
C LEU B 338 -8.86 -15.48 48.73
N GLU B 339 -9.97 -15.28 48.02
CA GLU B 339 -11.28 -15.90 48.25
C GLU B 339 -11.08 -17.41 48.46
N ASP B 340 -11.70 -17.96 49.51
CA ASP B 340 -11.49 -19.33 49.94
C ASP B 340 -12.15 -20.34 48.97
N SER B 341 -12.91 -19.81 48.00
CA SER B 341 -13.62 -20.63 47.01
C SER B 341 -12.88 -20.65 45.67
N LEU B 342 -11.88 -19.76 45.52
CA LEU B 342 -11.22 -19.49 44.24
C LEU B 342 -10.36 -20.69 43.86
N VAL B 343 -9.47 -21.05 44.80
CA VAL B 343 -8.55 -22.16 44.65
C VAL B 343 -9.05 -23.29 45.53
N LYS B 344 -10.12 -23.93 45.05
CA LYS B 344 -10.79 -25.03 45.72
C LYS B 344 -9.89 -26.27 45.62
N VAL B 345 -9.47 -26.79 46.77
CA VAL B 345 -8.53 -27.93 46.85
C VAL B 345 -9.08 -28.96 47.84
N GLU B 346 -9.52 -30.11 47.31
CA GLU B 346 -10.35 -31.04 48.09
C GLU B 346 -9.89 -32.47 47.82
N ASN B 347 -9.57 -33.20 48.89
CA ASN B 347 -9.26 -34.64 48.85
C ASN B 347 -8.26 -34.95 47.73
N ASN B 348 -7.14 -34.22 47.76
CA ASN B 348 -5.96 -34.53 46.93
C ASN B 348 -6.20 -34.05 45.50
N MET B 349 -7.06 -33.05 45.32
CA MET B 349 -7.43 -32.54 44.00
C MET B 349 -7.54 -31.02 44.04
N VAL B 350 -6.81 -30.37 43.13
CA VAL B 350 -6.87 -28.95 42.90
C VAL B 350 -7.86 -28.71 41.75
N SER B 351 -9.01 -28.12 42.09
CA SER B 351 -9.98 -27.68 41.07
C SER B 351 -9.52 -26.33 40.51
N LEU B 352 -8.66 -26.44 39.47
CA LEU B 352 -8.23 -25.34 38.60
C LEU B 352 -8.07 -25.90 37.19
N TYR B 353 -8.69 -25.24 36.19
CA TYR B 353 -8.52 -25.68 34.82
C TYR B 353 -7.03 -25.67 34.51
N LYS B 354 -6.42 -26.86 34.42
CA LYS B 354 -5.02 -27.06 34.03
C LYS B 354 -4.09 -26.32 35.00
N TYR B 355 -4.43 -26.33 36.29
CA TYR B 355 -3.65 -25.72 37.34
C TYR B 355 -3.37 -24.27 36.95
N MET B 356 -4.46 -23.55 36.67
CA MET B 356 -4.36 -22.23 36.10
C MET B 356 -5.62 -21.43 36.47
N PHE B 357 -6.75 -21.72 35.79
CA PHE B 357 -7.95 -20.89 35.85
C PHE B 357 -8.96 -21.50 36.80
N PRO B 358 -9.56 -20.70 37.72
CA PRO B 358 -10.70 -21.18 38.50
C PRO B 358 -11.93 -21.30 37.61
N PRO B 359 -12.57 -22.49 37.53
CA PRO B 359 -13.67 -22.70 36.58
C PRO B 359 -15.00 -21.99 36.93
N HIS B 360 -15.15 -21.64 38.21
CA HIS B 360 -16.37 -21.02 38.72
C HIS B 360 -16.37 -19.51 38.47
N LEU B 361 -15.32 -18.98 37.83
CA LEU B 361 -15.35 -17.61 37.35
C LEU B 361 -16.27 -17.54 36.12
N GLU B 362 -16.61 -16.30 35.75
CA GLU B 362 -17.54 -15.98 34.66
C GLU B 362 -16.82 -15.11 33.62
N LYS B 363 -15.95 -14.19 34.07
CA LYS B 363 -14.97 -13.55 33.19
C LYS B 363 -13.60 -14.17 33.52
N PRO B 364 -12.94 -14.90 32.58
CA PRO B 364 -11.64 -15.54 32.84
C PRO B 364 -10.46 -14.58 33.01
N THR B 365 -10.47 -13.82 34.10
CA THR B 365 -9.61 -12.65 34.32
C THR B 365 -8.56 -12.90 35.44
N LEU B 366 -8.48 -14.13 35.97
CA LEU B 366 -7.47 -14.50 36.97
C LEU B 366 -7.03 -15.95 36.77
N ALA B 367 -5.71 -16.17 36.86
CA ALA B 367 -5.07 -17.48 36.67
C ALA B 367 -3.85 -17.62 37.59
N CYS B 368 -3.56 -18.87 37.96
CA CYS B 368 -2.45 -19.25 38.83
C CYS B 368 -1.31 -19.85 38.01
N ILE B 369 -0.15 -19.18 38.00
CA ILE B 369 1.03 -19.65 37.27
C ILE B 369 2.11 -20.10 38.26
N GLY B 370 2.65 -21.30 38.04
CA GLY B 370 3.72 -21.86 38.85
C GLY B 370 3.21 -22.79 39.93
N LEU B 371 1.93 -23.19 39.81
CA LEU B 371 1.31 -24.12 40.76
C LEU B 371 1.21 -25.48 40.05
N ILE B 372 2.37 -26.09 39.82
CA ILE B 372 2.47 -27.28 39.01
C ILE B 372 3.88 -27.87 39.18
N GLN B 373 3.97 -29.22 39.10
CA GLN B 373 5.28 -29.91 39.15
C GLN B 373 5.34 -30.96 38.04
N PRO B 374 5.87 -30.56 36.85
CA PRO B 374 6.01 -31.45 35.70
C PRO B 374 7.31 -32.26 35.78
N LEU B 375 7.41 -33.36 35.03
CA LEU B 375 8.56 -34.27 35.09
C LEU B 375 9.81 -33.61 34.49
N GLY B 376 9.62 -32.55 33.70
CA GLY B 376 10.71 -31.75 33.16
C GLY B 376 10.74 -30.38 33.80
N SER B 377 11.52 -29.48 33.21
CA SER B 377 11.80 -28.17 33.79
C SER B 377 10.52 -27.33 33.83
N ILE B 378 10.38 -26.52 34.88
CA ILE B 378 9.19 -25.73 35.10
C ILE B 378 9.29 -24.45 34.26
N PHE B 379 10.49 -23.91 34.13
CA PHE B 379 10.67 -22.57 33.55
C PHE B 379 10.00 -22.47 32.18
N PRO B 380 10.22 -23.42 31.25
CA PRO B 380 9.50 -23.41 29.98
C PRO B 380 8.00 -23.74 30.12
N THR B 381 7.63 -24.47 31.18
CA THR B 381 6.22 -24.76 31.47
C THR B 381 5.48 -23.45 31.80
N VAL B 382 6.00 -22.65 32.75
CA VAL B 382 5.36 -21.38 33.18
C VAL B 382 5.47 -20.31 32.08
N GLU B 383 6.27 -20.61 31.07
CA GLU B 383 6.33 -19.64 29.96
C GLU B 383 5.09 -19.88 29.09
N LEU B 384 4.80 -21.14 28.80
CA LEU B 384 3.63 -21.47 27.97
C LEU B 384 2.34 -21.24 28.79
N GLN B 385 2.44 -21.42 30.10
CA GLN B 385 1.36 -21.04 31.02
C GLN B 385 1.05 -19.55 30.83
N ALA B 386 2.08 -18.71 30.71
CA ALA B 386 1.92 -17.24 30.65
C ALA B 386 1.47 -16.82 29.25
N ARG B 387 1.98 -17.49 28.21
CA ARG B 387 1.60 -17.22 26.81
C ARG B 387 0.08 -17.44 26.62
N TRP B 388 -0.41 -18.60 27.07
CA TRP B 388 -1.81 -19.00 26.99
C TRP B 388 -2.70 -17.99 27.75
N VAL B 389 -2.21 -17.52 28.90
CA VAL B 389 -2.99 -16.69 29.82
C VAL B 389 -3.08 -15.27 29.25
N THR B 390 -1.94 -14.62 28.99
CA THR B 390 -1.95 -13.22 28.50
C THR B 390 -2.94 -13.10 27.32
N ARG B 391 -2.95 -14.14 26.48
CA ARG B 391 -3.73 -14.20 25.24
C ARG B 391 -5.21 -14.45 25.56
N VAL B 392 -5.52 -15.07 26.71
CA VAL B 392 -6.90 -15.30 27.16
C VAL B 392 -7.51 -13.98 27.67
N PHE B 393 -6.74 -13.30 28.52
CA PHE B 393 -7.09 -11.99 29.05
C PHE B 393 -7.54 -11.05 27.92
N LYS B 394 -6.66 -10.86 26.93
CA LYS B 394 -6.92 -10.00 25.78
C LYS B 394 -8.22 -10.44 25.09
N GLY B 395 -8.44 -11.76 25.03
CA GLY B 395 -9.63 -12.38 24.44
C GLY B 395 -9.33 -13.05 23.11
N LEU B 396 -8.04 -13.17 22.79
CA LEU B 396 -7.61 -13.84 21.58
C LEU B 396 -7.74 -15.35 21.78
N CYS B 397 -7.95 -15.75 23.04
CA CYS B 397 -8.12 -17.13 23.45
C CYS B 397 -9.29 -17.21 24.43
N THR B 398 -9.96 -18.36 24.41
CA THR B 398 -11.19 -18.57 25.19
C THR B 398 -11.22 -19.94 25.82
N LEU B 399 -11.72 -19.96 27.06
CA LEU B 399 -11.96 -21.18 27.79
C LEU B 399 -13.24 -21.80 27.25
N PRO B 400 -13.40 -23.14 27.34
CA PRO B 400 -14.71 -23.74 27.18
C PRO B 400 -15.66 -23.35 28.34
N SER B 401 -16.81 -24.02 28.39
CA SER B 401 -17.85 -23.76 29.39
C SER B 401 -17.50 -24.45 30.71
N GLU B 402 -18.01 -23.91 31.82
CA GLU B 402 -17.79 -24.46 33.15
C GLU B 402 -18.07 -25.97 33.14
N SER B 403 -19.13 -26.38 32.42
CA SER B 403 -19.51 -27.78 32.28
C SER B 403 -18.30 -28.60 31.84
N THR B 404 -17.65 -28.13 30.77
CA THR B 404 -16.50 -28.78 30.12
C THR B 404 -15.27 -28.75 31.04
N MET B 405 -15.00 -27.59 31.66
CA MET B 405 -13.81 -27.36 32.48
C MET B 405 -13.88 -28.15 33.80
N MET B 406 -15.08 -28.30 34.35
CA MET B 406 -15.29 -29.11 35.55
C MET B 406 -15.07 -30.61 35.27
N ALA B 407 -15.34 -31.01 34.02
CA ALA B 407 -15.23 -32.41 33.58
C ALA B 407 -13.77 -32.77 33.32
N ASP B 408 -13.01 -31.80 32.79
CA ASP B 408 -11.57 -31.94 32.50
C ASP B 408 -10.77 -32.10 33.80
N ILE B 409 -11.02 -31.17 34.74
CA ILE B 409 -10.41 -31.16 36.07
C ILE B 409 -10.53 -32.54 36.70
N ILE B 410 -11.72 -33.16 36.59
CA ILE B 410 -11.93 -34.50 37.13
C ILE B 410 -11.01 -35.48 36.42
N LYS B 411 -11.12 -35.54 35.08
CA LYS B 411 -10.52 -36.61 34.30
C LYS B 411 -8.98 -36.49 34.36
N ARG B 412 -8.48 -35.26 34.38
CA ARG B 412 -7.04 -34.98 34.55
C ARG B 412 -6.54 -35.57 35.88
N ASN B 413 -7.21 -35.21 36.98
CA ASN B 413 -6.88 -35.69 38.31
C ASN B 413 -6.96 -37.22 38.36
N GLU B 414 -7.98 -37.80 37.69
CA GLU B 414 -8.24 -39.25 37.74
C GLU B 414 -7.14 -40.02 37.02
N LYS B 415 -6.70 -39.46 35.88
CA LYS B 415 -5.54 -39.96 35.19
C LYS B 415 -4.32 -39.86 36.12
N ARG B 416 -4.12 -38.64 36.65
CA ARG B 416 -2.93 -38.28 37.40
C ARG B 416 -2.69 -39.27 38.56
N ILE B 417 -3.69 -39.47 39.43
CA ILE B 417 -3.50 -40.33 40.59
C ILE B 417 -3.14 -41.75 40.11
N ASP B 418 -3.72 -42.16 38.97
CA ASP B 418 -3.47 -43.49 38.39
C ASP B 418 -2.01 -43.61 37.92
N LEU B 419 -1.36 -42.46 37.67
CA LEU B 419 -0.09 -42.42 36.97
C LEU B 419 1.06 -42.07 37.91
N PHE B 420 0.76 -41.45 39.06
CA PHE B 420 1.79 -40.93 39.99
C PHE B 420 1.53 -41.32 41.45
N GLY B 421 0.45 -42.07 41.70
CA GLY B 421 0.11 -42.51 43.06
C GLY B 421 -0.63 -41.44 43.85
N GLU B 422 -0.98 -41.81 45.09
CA GLU B 422 -1.99 -41.09 45.88
C GLU B 422 -1.33 -40.13 46.87
N SER B 423 -0.03 -39.87 46.74
CA SER B 423 0.67 -39.07 47.73
C SER B 423 0.30 -37.59 47.58
N GLN B 424 0.35 -36.88 48.71
CA GLN B 424 0.11 -35.43 48.74
C GLN B 424 1.42 -34.70 48.45
N SER B 425 2.37 -35.44 47.85
CA SER B 425 3.58 -34.89 47.23
C SER B 425 3.41 -34.85 45.72
N GLN B 426 2.28 -35.38 45.24
CA GLN B 426 2.04 -35.45 43.78
C GLN B 426 0.67 -34.88 43.41
N ILE B 427 0.26 -33.79 44.06
CA ILE B 427 -1.01 -33.17 43.71
C ILE B 427 -0.85 -32.52 42.33
N LEU B 428 0.36 -32.14 41.96
CA LEU B 428 0.61 -31.31 40.80
C LEU B 428 1.53 -32.00 39.79
N GLN B 429 1.58 -33.34 39.82
CA GLN B 429 2.45 -34.07 38.91
C GLN B 429 1.81 -34.08 37.52
N THR B 430 2.64 -34.14 36.48
CA THR B 430 2.20 -34.11 35.09
C THR B 430 3.35 -34.44 34.17
N ASN B 431 3.12 -35.35 33.20
CA ASN B 431 4.11 -35.63 32.16
C ASN B 431 4.39 -34.29 31.43
N TYR B 432 5.63 -34.13 31.02
CA TYR B 432 6.23 -32.83 30.71
C TYR B 432 5.70 -32.32 29.36
N ILE B 433 5.98 -33.09 28.31
CA ILE B 433 5.75 -32.68 26.92
C ILE B 433 4.24 -32.56 26.71
N ASP B 434 3.52 -33.65 26.97
CA ASP B 434 2.09 -33.79 26.76
C ASP B 434 1.41 -32.50 27.23
N TYR B 435 1.78 -32.04 28.42
CA TYR B 435 1.31 -30.77 29.00
C TYR B 435 1.76 -29.60 28.10
N LEU B 436 3.08 -29.48 27.88
CA LEU B 436 3.65 -28.38 27.06
C LEU B 436 2.91 -28.29 25.72
N ASP B 437 2.65 -29.45 25.10
CA ASP B 437 1.86 -29.53 23.88
C ASP B 437 0.49 -28.90 24.14
N GLU B 438 -0.23 -29.45 25.13
CA GLU B 438 -1.56 -28.97 25.55
C GLU B 438 -1.61 -27.43 25.54
N LEU B 439 -0.61 -26.81 26.19
CA LEU B 439 -0.58 -25.36 26.36
C LEU B 439 -0.36 -24.66 25.01
N ALA B 440 0.38 -25.31 24.12
CA ALA B 440 0.78 -24.70 22.85
C ALA B 440 -0.26 -24.96 21.76
N LEU B 441 -1.09 -26.00 21.95
CA LEU B 441 -2.25 -26.22 21.11
C LEU B 441 -3.18 -25.00 21.23
N GLU B 442 -3.43 -24.62 22.48
CA GLU B 442 -4.36 -23.57 22.85
C GLU B 442 -4.04 -22.27 22.10
N ILE B 443 -2.76 -21.91 22.04
CA ILE B 443 -2.30 -20.68 21.37
C ILE B 443 -1.78 -20.98 19.96
N GLY B 444 -1.78 -22.27 19.59
CA GLY B 444 -1.42 -22.75 18.26
C GLY B 444 0.04 -22.48 17.92
N ALA B 445 0.92 -22.72 18.91
CA ALA B 445 2.37 -22.53 18.79
C ALA B 445 3.09 -23.88 18.73
N LYS B 446 2.33 -24.96 18.92
CA LYS B 446 2.83 -26.33 18.86
C LYS B 446 3.03 -26.72 17.40
N PRO B 447 4.26 -27.02 16.96
CA PRO B 447 4.47 -27.58 15.61
C PRO B 447 3.66 -28.86 15.37
N ASP B 448 3.06 -28.95 14.17
CA ASP B 448 2.51 -30.19 13.63
C ASP B 448 3.53 -30.80 12.67
N LEU B 449 4.32 -31.74 13.22
CA LEU B 449 5.52 -32.26 12.57
C LEU B 449 5.12 -32.90 11.24
N LEU B 450 4.12 -33.78 11.32
CA LEU B 450 3.65 -34.56 10.19
C LEU B 450 3.66 -33.68 8.93
N SER B 451 3.00 -32.52 9.02
CA SER B 451 2.93 -31.57 7.90
C SER B 451 4.34 -31.06 7.55
N LEU B 452 5.11 -30.71 8.58
CA LEU B 452 6.41 -30.08 8.39
C LEU B 452 7.41 -31.08 7.77
N LEU B 453 7.21 -32.39 7.97
CA LEU B 453 8.10 -33.42 7.38
C LEU B 453 8.39 -33.11 5.90
N LEU B 454 7.30 -32.74 5.18
CA LEU B 454 7.31 -32.45 3.75
C LEU B 454 8.09 -31.16 3.49
N LYS B 455 7.76 -30.08 4.21
CA LYS B 455 8.50 -28.82 4.07
C LYS B 455 9.95 -29.02 4.52
N ASP B 456 10.17 -29.16 5.83
CA ASP B 456 11.53 -29.22 6.42
C ASP B 456 11.73 -30.57 7.12
N PRO B 457 12.44 -31.53 6.48
CA PRO B 457 12.66 -32.84 7.10
C PRO B 457 13.80 -32.86 8.14
N LYS B 458 14.83 -32.04 7.92
CA LYS B 458 15.94 -31.91 8.86
C LYS B 458 15.40 -31.50 10.23
N LEU B 459 14.48 -30.54 10.26
CA LEU B 459 13.81 -30.17 11.50
C LEU B 459 12.98 -31.36 11.98
N ALA B 460 11.94 -31.68 11.20
CA ALA B 460 10.93 -32.69 11.56
C ALA B 460 11.56 -33.84 12.34
N MET B 461 12.68 -34.36 11.83
CA MET B 461 13.39 -35.47 12.46
C MET B 461 13.85 -35.06 13.85
N LYS B 462 14.52 -33.90 13.92
CA LYS B 462 15.22 -33.39 15.10
C LYS B 462 14.24 -32.86 16.15
N LEU B 463 13.00 -32.60 15.72
CA LEU B 463 11.94 -32.14 16.61
C LEU B 463 11.31 -33.34 17.32
N TYR B 464 11.25 -34.47 16.62
CA TYR B 464 10.58 -35.65 17.10
C TYR B 464 11.55 -36.56 17.84
N PHE B 465 12.70 -36.84 17.20
CA PHE B 465 13.69 -37.78 17.72
C PHE B 465 14.72 -37.08 18.60
N GLY B 466 15.10 -35.85 18.22
CA GLY B 466 16.02 -35.02 19.00
C GLY B 466 15.41 -34.53 20.31
N PRO B 467 16.12 -33.68 21.07
CA PRO B 467 15.67 -33.24 22.38
C PRO B 467 14.60 -32.16 22.18
N CYS B 468 13.50 -32.27 22.93
CA CYS B 468 12.39 -31.33 22.91
C CYS B 468 12.69 -30.09 23.77
N ASN B 469 13.43 -29.14 23.18
CA ASN B 469 13.85 -27.89 23.82
C ASN B 469 12.61 -27.02 24.03
N SER B 470 12.77 -25.99 24.87
CA SER B 470 11.82 -24.89 24.98
C SER B 470 11.67 -24.19 23.62
N TYR B 471 12.74 -24.14 22.85
CA TYR B 471 12.82 -23.40 21.60
C TYR B 471 11.71 -23.78 20.62
N GLN B 472 11.25 -25.04 20.66
CA GLN B 472 10.35 -25.62 19.63
C GLN B 472 9.04 -24.83 19.51
N TYR B 473 8.62 -24.24 20.63
CA TYR B 473 7.31 -23.64 20.76
C TYR B 473 7.31 -22.23 20.15
N ARG B 474 8.44 -21.80 19.57
CA ARG B 474 8.58 -20.49 18.87
C ARG B 474 8.86 -20.71 17.37
N LEU B 475 8.51 -21.89 16.86
CA LEU B 475 8.67 -22.20 15.46
C LEU B 475 7.45 -21.66 14.71
N VAL B 476 6.26 -22.04 15.19
CA VAL B 476 4.99 -21.63 14.62
C VAL B 476 4.25 -20.79 15.67
N GLY B 477 3.01 -20.41 15.35
CA GLY B 477 2.13 -19.69 16.27
C GLY B 477 2.58 -18.24 16.45
N PRO B 478 1.97 -17.49 17.40
CA PRO B 478 2.34 -16.09 17.62
C PRO B 478 3.75 -15.88 18.19
N GLY B 479 4.16 -14.60 18.26
CA GLY B 479 5.41 -14.15 18.90
C GLY B 479 6.55 -15.15 18.77
N GLN B 480 7.20 -15.14 17.61
CA GLN B 480 8.19 -16.13 17.28
C GLN B 480 9.59 -15.53 17.48
N TRP B 481 10.61 -16.29 17.08
CA TRP B 481 12.02 -15.99 17.30
C TRP B 481 12.80 -16.73 16.21
N GLU B 482 13.48 -16.01 15.31
CA GLU B 482 14.23 -16.65 14.22
C GLU B 482 15.21 -17.65 14.82
N GLY B 483 15.98 -17.21 15.82
CA GLY B 483 16.93 -18.07 16.51
C GLY B 483 16.22 -19.12 17.34
N ALA B 484 15.31 -19.87 16.69
CA ALA B 484 14.60 -20.97 17.29
C ALA B 484 14.93 -22.22 16.48
N ARG B 485 14.68 -22.17 15.17
CA ARG B 485 15.22 -23.16 14.26
C ARG B 485 16.73 -23.24 14.54
N ASN B 486 17.37 -22.07 14.56
CA ASN B 486 18.81 -21.97 14.68
C ASN B 486 19.28 -22.60 15.98
N ALA B 487 18.76 -22.03 17.08
CA ALA B 487 19.03 -22.48 18.45
C ALA B 487 19.04 -24.02 18.52
N ILE B 488 17.96 -24.62 18.02
CA ILE B 488 17.81 -26.05 18.02
C ILE B 488 19.02 -26.72 17.35
N PHE B 489 19.40 -26.19 16.18
CA PHE B 489 20.38 -26.86 15.32
C PHE B 489 21.78 -26.77 15.92
N THR B 490 22.00 -25.81 16.83
CA THR B 490 23.35 -25.51 17.34
C THR B 490 23.48 -25.73 18.86
N GLN B 491 22.55 -26.48 19.46
CA GLN B 491 22.54 -26.65 20.93
C GLN B 491 23.74 -27.51 21.36
N LYS B 492 24.25 -28.34 20.45
CA LYS B 492 25.34 -29.26 20.77
C LYS B 492 26.59 -28.46 21.12
N GLN B 493 26.79 -27.36 20.39
CA GLN B 493 27.89 -26.42 20.62
C GLN B 493 27.85 -25.90 22.04
N ARG B 494 26.69 -25.37 22.43
CA ARG B 494 26.50 -24.65 23.69
C ARG B 494 26.63 -25.62 24.88
N ILE B 495 26.26 -26.88 24.68
CA ILE B 495 26.36 -27.88 25.72
C ILE B 495 27.83 -28.27 25.95
N LEU B 496 28.64 -28.21 24.89
CA LEU B 496 30.01 -28.65 24.97
C LEU B 496 30.95 -27.49 25.21
N LYS B 497 30.45 -26.27 25.07
CA LYS B 497 31.27 -25.08 25.23
C LYS B 497 31.92 -25.08 26.61
N PRO B 498 31.14 -25.26 27.70
CA PRO B 498 31.69 -25.19 29.05
C PRO B 498 32.41 -26.47 29.50
N LEU B 499 32.12 -27.61 28.85
CA LEU B 499 32.65 -28.91 29.24
C LEU B 499 33.97 -29.17 28.52
N LYS B 500 33.90 -29.17 27.18
CA LYS B 500 35.00 -29.64 26.35
C LYS B 500 36.05 -28.56 26.30
N THR B 501 36.85 -28.53 27.37
CA THR B 501 37.67 -27.42 27.74
C THR B 501 39.14 -27.86 27.60
N ARG B 502 39.35 -28.99 26.91
CA ARG B 502 40.68 -29.60 26.67
C ARG B 502 40.70 -30.25 25.28
N ALA B 503 41.74 -29.98 24.48
CA ALA B 503 41.75 -30.35 23.08
C ALA B 503 42.92 -31.28 22.76
N LEU B 504 42.61 -32.39 22.09
CA LEU B 504 43.62 -33.35 21.69
C LEU B 504 44.24 -32.89 20.37
N LYS B 505 43.40 -32.76 19.33
CA LYS B 505 43.74 -32.18 18.00
C LYS B 505 44.51 -33.20 17.14
N ALA B 506 43.77 -34.16 16.56
CA ALA B 506 44.31 -35.16 15.62
C ALA B 506 43.69 -34.92 14.24
N SER B 507 42.61 -35.63 13.89
CA SER B 507 41.85 -35.41 12.63
C SER B 507 40.50 -36.13 12.69
N SER B 508 39.63 -35.88 11.71
CA SER B 508 38.41 -36.69 11.49
C SER B 508 38.05 -36.77 9.99
N ASN B 509 39.08 -36.69 9.13
CA ASN B 509 39.01 -36.79 7.66
C ASN B 509 39.82 -38.02 7.19
N PHE B 510 40.96 -38.29 7.86
CA PHE B 510 41.79 -39.49 7.62
C PHE B 510 42.55 -39.88 8.91
N PRO B 511 41.85 -40.18 10.03
CA PRO B 511 42.49 -40.70 11.25
C PRO B 511 42.40 -42.23 11.38
N VAL B 512 43.47 -42.83 11.93
CA VAL B 512 43.56 -44.31 12.12
C VAL B 512 43.83 -44.63 13.60
N SER B 513 42.87 -44.32 14.48
CA SER B 513 42.99 -44.61 15.94
C SER B 513 41.59 -44.70 16.55
N PHE B 514 40.67 -45.22 15.72
CA PHE B 514 39.24 -45.51 15.99
C PHE B 514 38.72 -46.19 14.71
N LEU B 515 37.46 -45.99 14.31
CA LEU B 515 37.06 -46.62 13.03
C LEU B 515 35.96 -45.78 12.36
N LEU B 516 34.70 -46.01 12.75
CA LEU B 516 33.50 -45.29 12.24
C LEU B 516 33.45 -45.33 10.70
N LYS B 517 32.42 -44.69 10.13
CA LYS B 517 32.10 -44.67 8.67
C LYS B 517 31.49 -46.01 8.22
N ILE B 518 32.07 -47.14 8.69
CA ILE B 518 31.51 -48.50 8.44
C ILE B 518 29.98 -48.46 8.59
N LEU B 519 29.51 -48.17 9.81
CA LEU B 519 28.05 -48.13 10.11
C LEU B 519 27.27 -47.47 8.95
N GLY B 520 27.85 -46.44 8.32
CA GLY B 520 27.30 -45.78 7.12
C GLY B 520 27.29 -46.69 5.90
N LEU B 521 28.48 -46.97 5.35
CA LEU B 521 28.65 -47.82 4.14
C LEU B 521 28.04 -49.20 4.33
N LEU B 522 28.14 -49.77 5.55
CA LEU B 522 27.66 -51.13 5.85
C LEU B 522 26.15 -51.21 5.56
N ALA B 523 25.38 -50.28 6.13
CA ALA B 523 23.94 -50.25 5.92
C ALA B 523 23.60 -49.83 4.48
N VAL B 524 24.39 -48.92 3.90
CA VAL B 524 24.16 -48.33 2.55
C VAL B 524 23.95 -49.46 1.51
N VAL B 525 24.80 -50.48 1.58
CA VAL B 525 24.78 -51.63 0.66
C VAL B 525 23.52 -52.47 0.94
N VAL B 526 23.19 -52.63 2.22
CA VAL B 526 22.03 -53.42 2.66
C VAL B 526 20.75 -52.79 2.08
N ALA B 527 20.74 -51.46 1.91
CA ALA B 527 19.60 -50.73 1.33
C ALA B 527 19.25 -51.36 -0.02
N PHE B 528 20.24 -51.37 -0.92
CA PHE B 528 20.12 -52.01 -2.21
C PHE B 528 20.24 -53.54 -2.04
N PHE B 529 19.17 -54.18 -1.57
CA PHE B 529 19.06 -55.66 -1.62
C PHE B 529 17.92 -56.02 -2.57
N PHE B 530 16.89 -56.73 -2.11
CA PHE B 530 15.96 -57.48 -3.01
C PHE B 530 14.84 -56.56 -3.50
N GLN B 531 15.21 -55.38 -4.04
CA GLN B 531 14.29 -54.26 -4.18
C GLN B 531 14.09 -53.89 -5.65
N LEU B 532 14.31 -54.86 -6.57
CA LEU B 532 14.19 -54.61 -8.03
C LEU B 532 12.71 -54.33 -8.36
N GLN B 533 12.48 -53.37 -9.28
CA GLN B 533 11.15 -52.77 -9.54
C GLN B 533 10.08 -53.87 -9.70
N TRP B 534 9.26 -54.05 -8.65
CA TRP B 534 8.05 -54.87 -8.69
C TRP B 534 6.85 -53.95 -9.02
N PHE B 535 6.51 -53.84 -10.32
CA PHE B 535 5.56 -52.80 -10.81
C PHE B 535 4.12 -53.19 -10.43
N ALA C 2 -15.60 -18.83 16.00
CA ALA C 2 -16.02 -17.38 16.16
C ALA C 2 -17.34 -17.29 16.92
N LYS C 3 -17.28 -16.85 18.19
CA LYS C 3 -18.44 -16.73 19.09
C LYS C 3 -18.76 -15.24 19.30
N LYS C 4 -17.76 -14.49 19.80
CA LYS C 4 -17.97 -13.13 20.26
C LYS C 4 -18.01 -12.19 19.05
N VAL C 5 -19.22 -11.73 18.69
CA VAL C 5 -19.48 -10.95 17.46
C VAL C 5 -19.94 -9.54 17.81
N ALA C 6 -19.61 -8.59 16.91
CA ALA C 6 -19.92 -7.18 17.04
C ALA C 6 -20.99 -6.79 16.02
N VAL C 7 -22.00 -6.03 16.46
CA VAL C 7 -22.95 -5.37 15.56
C VAL C 7 -22.92 -3.86 15.84
N ILE C 8 -22.46 -3.12 14.83
CA ILE C 8 -22.34 -1.69 14.92
C ILE C 8 -23.71 -1.09 14.65
N GLY C 9 -24.30 -0.43 15.65
CA GLY C 9 -25.58 0.26 15.47
C GLY C 9 -26.78 -0.66 15.75
N ALA C 10 -27.81 -0.07 16.36
CA ALA C 10 -29.02 -0.76 16.75
C ALA C 10 -30.18 -0.34 15.84
N GLY C 11 -29.88 -0.18 14.55
CA GLY C 11 -30.90 0.12 13.58
C GLY C 11 -31.88 -1.06 13.49
N VAL C 12 -32.57 -1.13 12.37
CA VAL C 12 -33.34 -2.31 12.01
C VAL C 12 -32.33 -3.44 11.78
N SER C 13 -31.25 -3.13 11.06
CA SER C 13 -30.26 -4.09 10.66
C SER C 13 -29.57 -4.69 11.89
N GLY C 14 -29.23 -3.83 12.86
CA GLY C 14 -28.61 -4.27 14.10
C GLY C 14 -29.47 -5.28 14.85
N LEU C 15 -30.78 -5.03 14.85
CA LEU C 15 -31.69 -5.81 15.66
C LEU C 15 -31.95 -7.17 15.01
N ILE C 16 -31.88 -7.24 13.68
CA ILE C 16 -32.17 -8.50 12.96
C ILE C 16 -30.94 -9.40 13.01
N SER C 17 -29.76 -8.81 12.85
CA SER C 17 -28.52 -9.56 12.98
C SER C 17 -28.40 -10.10 14.42
N LEU C 18 -28.66 -9.22 15.40
CA LEU C 18 -28.67 -9.59 16.81
C LEU C 18 -29.48 -10.89 17.01
N LYS C 19 -30.64 -10.95 16.35
CA LYS C 19 -31.54 -12.10 16.45
C LYS C 19 -31.02 -13.27 15.63
N CYS C 20 -30.53 -12.99 14.42
CA CYS C 20 -29.94 -14.01 13.55
C CYS C 20 -28.73 -14.67 14.24
N CYS C 21 -28.05 -13.90 15.09
CA CYS C 21 -26.89 -14.35 15.85
C CYS C 21 -27.30 -15.37 16.89
N VAL C 22 -28.14 -14.95 17.85
CA VAL C 22 -28.55 -15.85 18.89
C VAL C 22 -29.11 -17.10 18.21
N ASP C 23 -29.72 -16.93 17.04
CA ASP C 23 -30.38 -18.01 16.29
C ASP C 23 -29.34 -19.00 15.73
N GLU C 24 -28.16 -18.51 15.33
CA GLU C 24 -27.06 -19.40 14.88
C GLU C 24 -26.10 -19.67 16.05
N GLY C 25 -26.57 -19.38 17.27
CA GLY C 25 -25.88 -19.67 18.52
C GLY C 25 -24.53 -18.98 18.60
N LEU C 26 -24.51 -17.65 18.40
CA LEU C 26 -23.31 -16.82 18.66
C LEU C 26 -23.62 -15.92 19.85
N GLU C 27 -22.61 -15.15 20.28
CA GLU C 27 -22.77 -14.20 21.39
C GLU C 27 -22.43 -12.83 20.81
N PRO C 28 -23.45 -11.97 20.64
CA PRO C 28 -23.25 -10.62 20.11
C PRO C 28 -23.14 -9.49 21.15
N THR C 29 -22.42 -8.43 20.77
CA THR C 29 -22.43 -7.15 21.50
C THR C 29 -22.75 -6.02 20.52
N CYS C 30 -23.84 -5.31 20.79
CA CYS C 30 -24.34 -4.23 19.97
C CYS C 30 -23.91 -2.89 20.59
N PHE C 31 -23.26 -2.05 19.78
CA PHE C 31 -22.98 -0.70 20.19
C PHE C 31 -24.00 0.22 19.50
N GLU C 32 -24.59 1.12 20.29
CA GLU C 32 -25.52 2.13 19.82
C GLU C 32 -25.04 3.52 20.28
N ARG C 33 -24.87 4.44 19.34
CA ARG C 33 -24.47 5.81 19.63
C ARG C 33 -25.56 6.53 20.45
N THR C 34 -26.83 6.31 20.12
CA THR C 34 -27.98 7.03 20.73
C THR C 34 -28.48 6.30 21.97
N GLU C 35 -29.51 6.88 22.61
CA GLU C 35 -30.09 6.34 23.84
C GLU C 35 -31.01 5.16 23.53
N ASP C 36 -31.46 5.00 22.28
CA ASP C 36 -32.52 4.05 21.96
C ASP C 36 -32.36 3.44 20.56
N ILE C 37 -33.24 2.48 20.27
CA ILE C 37 -33.24 1.64 19.06
C ILE C 37 -34.05 2.30 17.94
N GLY C 38 -33.95 1.70 16.75
CA GLY C 38 -34.77 2.02 15.59
C GLY C 38 -33.99 2.81 14.54
N GLY C 39 -32.96 3.53 15.01
CA GLY C 39 -32.28 4.49 14.20
C GLY C 39 -33.27 5.43 13.51
N LEU C 40 -33.30 5.33 12.18
CA LEU C 40 -34.04 6.22 11.29
C LEU C 40 -35.48 6.40 11.79
N TRP C 41 -36.10 5.30 12.22
CA TRP C 41 -37.53 5.24 12.45
C TRP C 41 -37.93 5.82 13.81
N ARG C 42 -36.94 6.08 14.67
CA ARG C 42 -37.21 6.80 15.91
C ARG C 42 -37.22 8.30 15.62
N PHE C 43 -38.40 8.85 15.33
CA PHE C 43 -38.59 10.29 15.10
C PHE C 43 -38.13 11.10 16.31
N LYS C 44 -37.19 12.01 16.09
CA LYS C 44 -36.89 13.08 17.06
C LYS C 44 -37.05 14.42 16.34
N GLU C 45 -37.31 15.48 17.09
CA GLU C 45 -37.72 16.79 16.54
C GLU C 45 -36.46 17.54 16.06
N ASN C 46 -35.34 17.38 16.78
CA ASN C 46 -34.03 17.91 16.38
C ASN C 46 -33.38 16.93 15.38
N VAL C 47 -32.21 17.31 14.85
CA VAL C 47 -31.51 16.52 13.81
C VAL C 47 -30.12 16.09 14.33
N GLU C 48 -30.10 15.34 15.44
CA GLU C 48 -28.84 14.95 16.11
C GLU C 48 -27.92 14.20 15.13
N ASP C 49 -26.62 14.50 15.21
CA ASP C 49 -25.60 13.96 14.32
C ASP C 49 -25.41 12.45 14.52
N GLY C 50 -25.19 11.73 13.42
CA GLY C 50 -24.89 10.29 13.40
C GLY C 50 -26.09 9.41 13.08
N ARG C 51 -27.29 10.01 13.02
CA ARG C 51 -28.53 9.26 12.83
C ARG C 51 -29.46 10.03 11.90
N ALA C 52 -30.21 9.29 11.08
CA ALA C 52 -31.02 9.87 10.03
C ALA C 52 -32.27 10.55 10.62
N SER C 53 -32.54 11.77 10.14
CA SER C 53 -33.76 12.50 10.46
C SER C 53 -34.90 11.98 9.60
N ILE C 54 -36.10 11.95 10.16
CA ILE C 54 -37.31 11.83 9.37
C ILE C 54 -38.32 12.88 9.83
N TYR C 55 -39.10 13.36 8.88
CA TYR C 55 -40.13 14.32 9.12
C TYR C 55 -41.31 13.64 9.84
N GLN C 56 -41.93 14.36 10.78
CA GLN C 56 -42.89 13.82 11.78
C GLN C 56 -43.93 12.87 11.16
N SER C 57 -44.24 13.06 9.88
CA SER C 57 -45.46 12.55 9.25
C SER C 57 -45.16 11.46 8.21
N VAL C 58 -44.07 10.73 8.38
CA VAL C 58 -43.68 9.68 7.43
C VAL C 58 -44.55 8.44 7.66
N ILE C 59 -45.09 7.95 6.54
CA ILE C 59 -45.73 6.64 6.43
C ILE C 59 -44.85 5.72 5.58
N THR C 60 -44.86 4.42 5.90
CA THR C 60 -44.08 3.43 5.16
C THR C 60 -44.52 3.42 3.70
N ASN C 61 -43.74 2.77 2.87
CA ASN C 61 -44.16 2.49 1.51
C ASN C 61 -43.97 1.00 1.22
N THR C 62 -44.25 0.14 2.22
CA THR C 62 -44.34 -1.32 2.02
C THR C 62 -45.38 -1.90 2.97
N SER C 63 -46.25 -2.79 2.44
CA SER C 63 -47.26 -3.51 3.23
C SER C 63 -46.59 -4.15 4.46
N LYS C 64 -47.41 -4.41 5.47
CA LYS C 64 -46.99 -4.99 6.72
C LYS C 64 -46.66 -6.46 6.48
N GLU C 65 -47.42 -7.15 5.61
CA GLU C 65 -47.22 -8.60 5.38
C GLU C 65 -46.26 -8.85 4.22
N MET C 66 -45.62 -7.78 3.75
CA MET C 66 -44.60 -7.86 2.73
C MET C 66 -43.24 -7.40 3.26
N SER C 67 -43.24 -6.96 4.53
CA SER C 67 -42.11 -6.26 5.10
C SER C 67 -41.82 -6.72 6.54
N CYS C 68 -42.74 -7.47 7.16
CA CYS C 68 -42.46 -8.12 8.44
C CYS C 68 -41.41 -9.20 8.23
N PHE C 69 -40.74 -9.61 9.31
CA PHE C 69 -39.67 -10.62 9.25
C PHE C 69 -40.28 -12.00 8.97
N SER C 70 -39.48 -12.87 8.36
CA SER C 70 -39.92 -14.15 7.78
C SER C 70 -40.66 -15.06 8.78
N ASP C 71 -40.44 -14.87 10.08
CA ASP C 71 -41.00 -15.74 11.12
C ASP C 71 -41.70 -14.92 12.21
N PHE C 72 -41.93 -13.63 11.97
CA PHE C 72 -42.57 -12.77 12.97
C PHE C 72 -43.53 -11.79 12.29
N PRO C 73 -44.73 -12.26 11.90
CA PRO C 73 -45.77 -11.39 11.34
C PRO C 73 -46.10 -10.22 12.27
N MET C 74 -46.48 -9.11 11.62
CA MET C 74 -46.98 -7.95 12.30
C MET C 74 -48.30 -8.30 12.95
N PRO C 75 -48.55 -7.82 14.20
CA PRO C 75 -49.85 -8.00 14.85
C PRO C 75 -51.00 -7.79 13.85
N GLU C 76 -52.09 -8.53 14.03
CA GLU C 76 -53.17 -8.50 13.07
C GLU C 76 -53.80 -7.10 13.06
N HIS C 77 -53.86 -6.44 14.22
CA HIS C 77 -54.59 -5.18 14.39
C HIS C 77 -53.75 -3.97 13.93
N PHE C 78 -52.69 -4.22 13.14
CA PHE C 78 -51.83 -3.18 12.59
C PHE C 78 -52.29 -2.85 11.18
N PRO C 79 -52.19 -1.58 10.76
CA PRO C 79 -52.57 -1.19 9.40
C PRO C 79 -51.46 -1.59 8.44
N ASN C 80 -51.76 -1.63 7.15
CA ASN C 80 -50.87 -2.26 6.18
C ASN C 80 -49.74 -1.30 5.79
N PHE C 81 -49.96 0.01 5.96
CA PHE C 81 -48.89 0.98 5.89
C PHE C 81 -48.87 1.72 7.24
N LEU C 82 -47.66 2.09 7.67
CA LEU C 82 -47.40 2.43 9.05
C LEU C 82 -46.84 3.84 9.17
N HIS C 83 -47.39 4.60 10.12
CA HIS C 83 -46.74 5.77 10.62
C HIS C 83 -45.43 5.32 11.27
N ASN C 84 -44.35 6.07 11.02
CA ASN C 84 -43.02 5.73 11.54
C ASN C 84 -43.11 5.23 12.99
N SER C 85 -43.90 5.91 13.81
CA SER C 85 -44.08 5.58 15.21
C SER C 85 -44.66 4.17 15.39
N LYS C 86 -45.65 3.80 14.58
CA LYS C 86 -46.32 2.51 14.69
C LYS C 86 -45.38 1.40 14.17
N LEU C 87 -44.43 1.73 13.30
CA LEU C 87 -43.48 0.74 12.83
C LEU C 87 -42.48 0.46 13.96
N LEU C 88 -41.93 1.55 14.49
CA LEU C 88 -40.98 1.49 15.59
C LEU C 88 -41.49 0.48 16.63
N GLU C 89 -42.79 0.61 16.94
CA GLU C 89 -43.49 -0.26 17.88
C GLU C 89 -43.26 -1.74 17.54
N TYR C 90 -43.46 -2.10 16.27
CA TYR C 90 -43.20 -3.47 15.79
C TYR C 90 -41.79 -3.87 16.22
N PHE C 91 -40.82 -3.00 15.92
CA PHE C 91 -39.43 -3.23 16.28
C PHE C 91 -39.27 -3.45 17.79
N ARG C 92 -39.86 -2.56 18.60
CA ARG C 92 -39.78 -2.66 20.04
C ARG C 92 -40.37 -4.02 20.47
N ILE C 93 -41.52 -4.37 19.89
CA ILE C 93 -42.27 -5.58 20.20
C ILE C 93 -41.48 -6.83 19.77
N PHE C 94 -40.67 -6.68 18.72
CA PHE C 94 -39.74 -7.70 18.22
C PHE C 94 -38.55 -7.88 19.18
N ALA C 95 -38.00 -6.76 19.65
CA ALA C 95 -36.88 -6.71 20.59
C ALA C 95 -37.27 -7.27 21.98
N LYS C 96 -38.57 -7.22 22.28
CA LYS C 96 -39.12 -7.82 23.48
C LYS C 96 -39.16 -9.35 23.30
N LYS C 97 -39.89 -9.79 22.27
CA LYS C 97 -40.19 -11.18 22.07
C LYS C 97 -38.90 -12.00 22.02
N PHE C 98 -37.90 -11.50 21.29
CA PHE C 98 -36.67 -12.26 21.04
C PHE C 98 -35.54 -11.83 21.98
N ASP C 99 -35.85 -10.98 22.98
CA ASP C 99 -34.94 -10.63 24.09
C ASP C 99 -33.56 -10.20 23.55
N LEU C 100 -33.53 -9.10 22.79
CA LEU C 100 -32.33 -8.65 22.12
C LEU C 100 -31.79 -7.39 22.77
N LEU C 101 -32.55 -6.86 23.75
CA LEU C 101 -32.35 -5.53 24.26
C LEU C 101 -31.18 -5.54 25.26
N LYS C 102 -30.87 -6.72 25.81
CA LYS C 102 -29.82 -6.90 26.80
C LYS C 102 -28.42 -6.70 26.20
N TYR C 103 -28.23 -6.93 24.88
CA TYR C 103 -26.90 -6.83 24.26
C TYR C 103 -26.60 -5.39 23.81
N ILE C 104 -27.61 -4.50 23.92
CA ILE C 104 -27.47 -3.13 23.40
C ILE C 104 -26.72 -2.31 24.44
N GLN C 105 -25.55 -1.80 24.05
CA GLN C 105 -24.89 -0.75 24.80
C GLN C 105 -25.24 0.60 24.18
N PHE C 106 -26.14 1.35 24.83
CA PHE C 106 -26.57 2.67 24.38
C PHE C 106 -25.49 3.70 24.75
N GLN C 107 -25.54 4.86 24.10
CA GLN C 107 -24.62 5.99 24.33
C GLN C 107 -23.16 5.51 24.29
N THR C 108 -22.89 4.55 23.40
CA THR C 108 -21.56 3.94 23.25
C THR C 108 -21.22 3.83 21.75
N THR C 109 -20.80 4.96 21.18
CA THR C 109 -20.46 5.06 19.76
C THR C 109 -19.15 4.31 19.48
N VAL C 110 -19.00 3.82 18.24
CA VAL C 110 -17.81 3.07 17.77
C VAL C 110 -16.92 4.00 16.95
N LEU C 111 -15.64 4.07 17.34
CA LEU C 111 -14.71 5.08 16.83
C LEU C 111 -13.77 4.49 15.78
N SER C 112 -13.35 3.24 15.99
CA SER C 112 -12.53 2.51 15.00
C SER C 112 -12.75 1.00 15.13
N VAL C 113 -12.76 0.34 13.96
CA VAL C 113 -12.76 -1.11 13.86
C VAL C 113 -11.49 -1.49 13.13
N LYS C 114 -10.55 -2.02 13.90
CA LYS C 114 -9.19 -2.28 13.45
C LYS C 114 -8.92 -3.79 13.42
N LYS C 115 -8.20 -4.21 12.39
CA LYS C 115 -7.81 -5.59 12.20
C LYS C 115 -6.71 -5.91 13.22
N CYS C 116 -6.79 -7.10 13.83
CA CYS C 116 -5.65 -7.68 14.60
C CYS C 116 -4.73 -8.41 13.63
N PRO C 117 -3.56 -8.93 14.09
CA PRO C 117 -2.86 -10.00 13.35
C PRO C 117 -3.71 -11.26 13.04
N ASP C 118 -4.50 -11.15 11.95
CA ASP C 118 -5.55 -12.09 11.46
C ASP C 118 -4.89 -13.45 11.18
N GLY C 123 -8.46 -14.65 13.78
CA GLY C 123 -9.07 -13.90 12.62
C GLY C 123 -9.93 -12.68 13.01
N GLN C 124 -9.52 -12.00 14.08
CA GLN C 124 -10.37 -11.15 14.91
C GLN C 124 -10.28 -9.68 14.49
N TRP C 125 -10.89 -8.81 15.31
CA TRP C 125 -10.95 -7.35 15.13
C TRP C 125 -10.87 -6.65 16.50
N GLU C 126 -10.27 -5.45 16.48
CA GLU C 126 -10.07 -4.62 17.67
C GLU C 126 -10.91 -3.34 17.51
N ILE C 127 -12.00 -3.26 18.29
CA ILE C 127 -12.96 -2.19 18.16
C ILE C 127 -12.79 -1.21 19.33
N VAL C 128 -12.54 0.06 18.98
CA VAL C 128 -12.45 1.15 19.94
C VAL C 128 -13.82 1.83 20.00
N THR C 129 -14.41 1.85 21.21
CA THR C 129 -15.66 2.54 21.48
C THR C 129 -15.45 3.59 22.56
N GLU C 130 -16.28 4.65 22.57
CA GLU C 130 -16.28 5.66 23.64
C GLU C 130 -17.65 5.63 24.34
N SER C 131 -17.64 5.61 25.68
CA SER C 131 -18.83 5.85 26.51
C SER C 131 -18.79 7.29 27.00
N ASN C 132 -19.69 7.67 27.91
CA ASN C 132 -19.82 9.08 28.35
C ASN C 132 -18.49 9.60 28.94
N GLY C 133 -17.54 9.91 28.06
CA GLY C 133 -16.25 10.52 28.43
C GLY C 133 -15.07 9.60 28.19
N LYS C 134 -14.98 8.52 28.97
CA LYS C 134 -13.82 7.62 28.95
C LYS C 134 -14.05 6.50 27.93
N GLU C 135 -13.07 6.27 27.04
CA GLU C 135 -13.21 5.33 25.92
C GLU C 135 -12.49 4.01 26.21
N GLN C 136 -13.25 2.91 26.24
CA GLN C 136 -12.73 1.57 26.42
C GLN C 136 -12.33 0.99 25.05
N SER C 137 -11.92 -0.29 25.05
CA SER C 137 -11.51 -1.05 23.85
C SER C 137 -11.84 -2.54 24.08
N ALA C 138 -12.05 -3.29 22.99
CA ALA C 138 -12.32 -4.74 23.06
C ALA C 138 -11.98 -5.39 21.70
N VAL C 139 -11.96 -6.73 21.72
CA VAL C 139 -11.65 -7.53 20.53
C VAL C 139 -12.85 -8.40 20.22
N PHE C 140 -13.08 -8.64 18.93
CA PHE C 140 -14.20 -9.45 18.47
C PHE C 140 -13.74 -10.38 17.34
N ASP C 141 -14.45 -11.51 17.24
CA ASP C 141 -14.15 -12.57 16.30
C ASP C 141 -14.62 -12.14 14.92
N ALA C 142 -15.80 -11.49 14.88
CA ALA C 142 -16.36 -10.94 13.64
C ALA C 142 -17.20 -9.68 13.90
N VAL C 143 -17.50 -8.96 12.81
CA VAL C 143 -18.08 -7.63 12.86
C VAL C 143 -19.20 -7.49 11.83
N MET C 144 -20.33 -6.95 12.29
CA MET C 144 -21.49 -6.63 11.46
C MET C 144 -21.80 -5.12 11.55
N VAL C 145 -21.82 -4.45 10.39
CA VAL C 145 -21.90 -2.99 10.33
C VAL C 145 -23.32 -2.56 9.90
N CYS C 146 -23.98 -1.81 10.78
CA CYS C 146 -25.39 -1.45 10.67
C CYS C 146 -25.58 0.03 11.01
N SER C 147 -24.76 0.89 10.39
CA SER C 147 -24.63 2.30 10.77
C SER C 147 -25.58 3.23 9.97
N GLY C 148 -26.32 2.62 9.03
CA GLY C 148 -27.27 3.35 8.15
C GLY C 148 -26.56 3.96 6.96
N HIS C 149 -27.32 4.56 6.03
CA HIS C 149 -26.72 5.26 4.87
C HIS C 149 -27.64 6.37 4.33
N HIS C 150 -28.58 6.84 5.16
CA HIS C 150 -29.40 8.01 4.89
C HIS C 150 -29.13 9.09 5.96
N ILE C 151 -27.84 9.28 6.23
CA ILE C 151 -27.36 10.13 7.33
C ILE C 151 -26.58 11.33 6.75
N LEU C 152 -25.73 11.09 5.75
CA LEU C 152 -24.97 12.15 5.12
C LEU C 152 -25.79 12.80 4.02
N PRO C 153 -26.27 14.06 4.18
CA PRO C 153 -27.00 14.74 3.12
C PRO C 153 -26.10 14.97 1.90
N HIS C 154 -26.66 14.71 0.71
CA HIS C 154 -26.03 15.07 -0.53
C HIS C 154 -26.71 16.34 -1.04
N ILE C 155 -25.95 17.42 -1.10
CA ILE C 155 -26.42 18.74 -1.55
C ILE C 155 -25.53 19.16 -2.72
N PRO C 156 -25.94 18.92 -3.98
CA PRO C 156 -25.06 19.15 -5.13
C PRO C 156 -25.05 20.62 -5.57
N LEU C 157 -24.72 21.52 -4.64
CA LEU C 157 -24.84 22.96 -4.84
C LEU C 157 -24.14 23.34 -6.15
N GLN C 158 -23.11 22.56 -6.54
CA GLN C 158 -22.26 22.79 -7.70
C GLN C 158 -23.06 22.78 -9.01
N SER C 159 -24.24 22.14 -9.04
CA SER C 159 -25.10 22.14 -10.24
C SER C 159 -26.26 23.12 -10.05
N PHE C 160 -26.07 24.13 -9.20
CA PHE C 160 -26.99 25.25 -9.05
C PHE C 160 -26.22 26.56 -9.08
N PRO C 161 -25.75 26.99 -10.26
CA PRO C 161 -25.12 28.31 -10.38
C PRO C 161 -26.01 29.42 -9.81
N GLY C 162 -25.43 30.23 -8.91
CA GLY C 162 -26.02 31.47 -8.43
C GLY C 162 -26.53 31.34 -7.01
N ILE C 163 -26.49 30.12 -6.46
CA ILE C 163 -26.98 29.80 -5.11
C ILE C 163 -26.41 30.81 -4.11
N GLU C 164 -25.14 31.18 -4.29
CA GLU C 164 -24.41 32.17 -3.48
C GLU C 164 -25.23 33.46 -3.38
N ARG C 165 -25.76 33.88 -4.53
CA ARG C 165 -26.49 35.13 -4.69
C ARG C 165 -27.86 35.03 -4.00
N PHE C 166 -28.45 33.83 -4.01
CA PHE C 166 -29.80 33.63 -3.49
C PHE C 166 -29.88 34.06 -2.02
N LYS C 167 -30.86 34.93 -1.73
CA LYS C 167 -31.20 35.36 -0.39
C LYS C 167 -32.10 34.27 0.22
N GLY C 168 -33.36 34.60 0.51
CA GLY C 168 -34.33 33.62 1.03
C GLY C 168 -33.72 32.70 2.07
N GLN C 169 -34.05 31.40 1.99
CA GLN C 169 -33.60 30.35 2.91
C GLN C 169 -33.61 29.02 2.15
N TYR C 170 -32.56 28.21 2.35
CA TYR C 170 -32.45 26.93 1.66
C TYR C 170 -31.86 25.88 2.60
N PHE C 171 -32.38 24.65 2.51
CA PHE C 171 -31.95 23.55 3.37
C PHE C 171 -32.40 22.20 2.80
N HIS C 172 -31.66 21.15 3.17
CA HIS C 172 -31.80 19.81 2.60
C HIS C 172 -32.93 19.06 3.30
N SER C 173 -33.48 18.06 2.61
CA SER C 173 -34.60 17.24 3.08
C SER C 173 -34.37 16.78 4.53
N ARG C 174 -33.17 16.23 4.80
CA ARG C 174 -32.74 15.80 6.13
C ARG C 174 -33.31 16.74 7.21
N GLN C 175 -33.05 18.04 7.04
CA GLN C 175 -33.34 19.05 8.05
C GLN C 175 -34.85 19.14 8.33
N TYR C 176 -35.67 18.82 7.32
CA TYR C 176 -37.11 18.98 7.38
C TYR C 176 -37.72 18.11 8.48
N LYS C 177 -38.78 18.64 9.09
CA LYS C 177 -39.51 18.01 10.18
C LYS C 177 -41.00 18.38 10.10
N HIS C 178 -41.28 19.68 10.27
CA HIS C 178 -42.63 20.15 10.31
C HIS C 178 -42.86 21.11 9.15
N PRO C 179 -44.12 21.25 8.70
CA PRO C 179 -44.50 22.26 7.72
C PRO C 179 -44.86 23.63 8.32
N GLU C 180 -45.35 23.62 9.57
CA GLU C 180 -45.71 24.85 10.26
C GLU C 180 -44.49 25.78 10.25
N GLY C 181 -44.67 26.99 9.70
CA GLY C 181 -43.59 27.92 9.55
C GLY C 181 -43.43 28.35 8.11
N PHE C 182 -43.84 27.49 7.18
CA PHE C 182 -43.70 27.81 5.74
C PHE C 182 -45.09 28.09 5.13
N GLU C 183 -45.99 28.65 5.95
CA GLU C 183 -47.30 29.04 5.49
C GLU C 183 -47.12 30.15 4.44
N GLY C 184 -47.96 30.08 3.39
CA GLY C 184 -48.10 31.10 2.35
C GLY C 184 -46.78 31.65 1.82
N LYS C 185 -45.73 30.81 1.82
CA LYS C 185 -44.43 31.17 1.27
C LYS C 185 -44.34 30.55 -0.11
N ARG C 186 -43.56 31.17 -0.99
CA ARG C 186 -43.25 30.58 -2.26
C ARG C 186 -42.07 29.62 -2.05
N ILE C 187 -42.23 28.35 -2.44
CA ILE C 187 -41.27 27.27 -2.09
C ILE C 187 -40.98 26.41 -3.31
N LEU C 188 -39.69 26.19 -3.57
CA LEU C 188 -39.21 25.31 -4.63
C LEU C 188 -38.50 24.14 -3.97
N VAL C 189 -38.90 22.90 -4.30
CA VAL C 189 -38.17 21.70 -3.86
C VAL C 189 -37.53 21.05 -5.08
N ILE C 190 -36.34 20.48 -4.85
CA ILE C 190 -35.50 19.92 -5.87
C ILE C 190 -35.55 18.40 -5.81
N GLY C 191 -35.64 17.76 -6.99
CA GLY C 191 -35.58 16.31 -7.13
C GLY C 191 -36.95 15.67 -7.09
N ILE C 192 -37.04 14.40 -7.50
CA ILE C 192 -38.27 13.63 -7.34
C ILE C 192 -38.01 12.41 -6.44
N GLY C 193 -37.40 12.68 -5.29
CA GLY C 193 -37.28 11.75 -4.21
C GLY C 193 -38.62 11.60 -3.54
N ASN C 194 -38.85 10.44 -2.92
CA ASN C 194 -40.04 10.24 -2.09
C ASN C 194 -40.07 11.33 -1.02
N SER C 195 -38.87 11.75 -0.58
CA SER C 195 -38.64 12.99 0.17
C SER C 195 -39.28 14.18 -0.56
N ALA C 196 -38.70 14.56 -1.70
CA ALA C 196 -39.20 15.72 -2.49
C ALA C 196 -40.73 15.71 -2.52
N SER C 197 -41.29 14.55 -2.88
CA SER C 197 -42.70 14.40 -3.09
C SER C 197 -43.47 14.61 -1.77
N ASP C 198 -43.13 13.81 -0.77
CA ASP C 198 -43.79 13.91 0.55
C ASP C 198 -43.68 15.36 1.04
N ILE C 199 -42.47 15.93 0.97
CA ILE C 199 -42.20 17.28 1.45
C ILE C 199 -43.10 18.23 0.67
N ALA C 200 -42.80 18.39 -0.62
CA ALA C 200 -43.54 19.27 -1.52
C ALA C 200 -45.02 19.26 -1.15
N VAL C 201 -45.58 18.04 -1.10
CA VAL C 201 -46.98 17.85 -0.84
C VAL C 201 -47.34 18.48 0.49
N GLU C 202 -46.74 17.96 1.56
CA GLU C 202 -47.03 18.45 2.89
C GLU C 202 -47.04 19.99 2.86
N LEU C 203 -45.93 20.58 2.41
CA LEU C 203 -45.76 22.05 2.41
C LEU C 203 -46.81 22.74 1.53
N SER C 204 -47.20 22.09 0.42
CA SER C 204 -48.04 22.67 -0.64
C SER C 204 -49.45 23.01 -0.16
N LYS C 205 -50.01 22.20 0.73
CA LYS C 205 -51.40 22.39 1.14
C LYS C 205 -51.63 23.84 1.61
N LYS C 206 -50.68 24.38 2.39
CA LYS C 206 -50.86 25.62 3.16
C LYS C 206 -49.85 26.70 2.72
N ALA C 207 -49.24 26.50 1.54
CA ALA C 207 -48.20 27.39 1.00
C ALA C 207 -48.80 28.23 -0.14
N ALA C 208 -48.06 29.28 -0.52
CA ALA C 208 -48.47 30.14 -1.62
C ALA C 208 -48.46 29.33 -2.91
N GLN C 209 -47.31 28.70 -3.15
CA GLN C 209 -47.06 27.87 -4.30
C GLN C 209 -45.88 26.97 -3.99
N VAL C 210 -45.94 25.73 -4.47
CA VAL C 210 -44.79 24.87 -4.45
C VAL C 210 -44.49 24.43 -5.88
N PHE C 211 -43.18 24.42 -6.20
CA PHE C 211 -42.66 23.86 -7.43
C PHE C 211 -41.88 22.59 -7.07
N ILE C 212 -41.54 21.79 -8.09
CA ILE C 212 -40.72 20.62 -7.86
C ILE C 212 -39.92 20.37 -9.14
N SER C 213 -38.61 20.55 -9.03
CA SER C 213 -37.70 20.49 -10.16
C SER C 213 -37.35 19.03 -10.46
N THR C 214 -37.27 18.66 -11.74
CA THR C 214 -36.46 17.52 -12.16
C THR C 214 -35.97 17.71 -13.59
N ARG C 215 -34.76 17.16 -13.84
CA ARG C 215 -34.33 17.00 -15.22
C ARG C 215 -35.10 15.80 -15.77
N HIS C 216 -35.06 14.73 -14.97
CA HIS C 216 -35.25 13.41 -15.50
C HIS C 216 -36.71 12.96 -15.38
N GLY C 217 -37.38 13.33 -14.30
CA GLY C 217 -38.80 13.02 -14.11
C GLY C 217 -38.98 11.54 -13.79
N SER C 218 -39.82 11.26 -12.80
CA SER C 218 -40.03 9.89 -12.31
C SER C 218 -41.40 9.38 -12.76
N TRP C 219 -41.66 8.13 -12.40
CA TRP C 219 -42.95 7.59 -12.46
C TRP C 219 -43.54 7.59 -11.04
N VAL C 220 -44.70 8.22 -10.91
CA VAL C 220 -45.42 8.27 -9.67
C VAL C 220 -46.36 7.06 -9.63
N MET C 221 -46.73 6.65 -8.41
CA MET C 221 -47.48 5.41 -8.19
C MET C 221 -48.00 5.37 -6.75
N SER C 222 -49.29 5.04 -6.61
CA SER C 222 -49.93 4.98 -5.26
C SER C 222 -49.70 3.61 -4.65
N ARG C 223 -49.73 3.60 -3.31
CA ARG C 223 -49.59 2.38 -2.48
C ARG C 223 -50.86 1.57 -2.68
N ILE C 224 -51.93 2.24 -3.08
CA ILE C 224 -53.22 1.60 -3.39
C ILE C 224 -53.05 0.87 -4.72
N SER C 225 -53.43 -0.41 -4.74
CA SER C 225 -53.32 -1.22 -5.93
C SER C 225 -54.59 -2.04 -6.11
N ASP C 226 -54.59 -2.89 -7.15
CA ASP C 226 -55.67 -3.81 -7.45
C ASP C 226 -56.54 -4.03 -6.22
N ASP C 227 -57.79 -3.57 -6.30
CA ASP C 227 -58.84 -3.84 -5.31
C ASP C 227 -58.38 -3.31 -3.94
N GLY C 228 -57.66 -2.19 -3.97
CA GLY C 228 -57.13 -1.53 -2.79
C GLY C 228 -56.22 -2.42 -1.96
N TYR C 229 -55.54 -3.37 -2.60
CA TYR C 229 -54.52 -4.15 -1.89
C TYR C 229 -53.19 -3.45 -2.08
N PRO C 230 -52.29 -3.50 -1.09
CA PRO C 230 -50.98 -2.86 -1.19
C PRO C 230 -50.23 -3.18 -2.50
N TRP C 231 -49.57 -2.16 -3.04
CA TRP C 231 -48.89 -2.24 -4.32
C TRP C 231 -47.87 -3.40 -4.36
N ASP C 232 -47.18 -3.60 -3.24
CA ASP C 232 -46.02 -4.49 -3.22
C ASP C 232 -46.49 -5.95 -3.36
N MET C 233 -47.72 -6.26 -2.99
CA MET C 233 -48.19 -7.64 -3.00
C MET C 233 -48.84 -7.98 -4.33
N VAL C 234 -48.94 -6.98 -5.22
CA VAL C 234 -49.30 -7.27 -6.59
C VAL C 234 -48.03 -7.15 -7.44
N PHE C 235 -47.15 -6.19 -7.11
CA PHE C 235 -45.96 -5.92 -7.90
C PHE C 235 -44.94 -7.04 -7.65
N HIS C 236 -44.61 -7.30 -6.37
CA HIS C 236 -43.58 -8.29 -6.01
C HIS C 236 -44.19 -9.70 -5.84
N THR C 237 -44.25 -10.43 -6.96
CA THR C 237 -44.68 -11.82 -7.00
C THR C 237 -43.79 -12.57 -8.01
N ARG C 238 -43.14 -13.64 -7.55
CA ARG C 238 -42.23 -14.45 -8.37
C ARG C 238 -42.61 -14.33 -9.85
N PHE C 239 -43.85 -14.72 -10.17
CA PHE C 239 -44.33 -14.83 -11.55
C PHE C 239 -44.07 -13.53 -12.31
N SER C 240 -44.45 -12.41 -11.70
CA SER C 240 -44.33 -11.12 -12.34
C SER C 240 -42.85 -10.76 -12.53
N SER C 241 -42.01 -11.14 -11.55
CA SER C 241 -40.57 -10.92 -11.63
C SER C 241 -40.04 -11.53 -12.94
N MET C 242 -40.37 -12.81 -13.15
CA MET C 242 -40.03 -13.52 -14.38
C MET C 242 -40.29 -12.62 -15.58
N LEU C 243 -41.55 -12.22 -15.74
CA LEU C 243 -41.97 -11.39 -16.87
C LEU C 243 -40.99 -10.22 -17.05
N ARG C 244 -40.66 -9.55 -15.95
CA ARG C 244 -39.80 -8.37 -16.01
C ARG C 244 -38.40 -8.75 -16.51
N ASN C 245 -37.92 -9.93 -16.13
CA ASN C 245 -36.58 -10.36 -16.46
C ASN C 245 -36.55 -10.89 -17.89
N VAL C 246 -37.42 -11.85 -18.21
CA VAL C 246 -37.35 -12.60 -19.47
C VAL C 246 -37.82 -11.72 -20.63
N LEU C 247 -38.92 -10.98 -20.45
CA LEU C 247 -39.48 -10.23 -21.55
C LEU C 247 -38.47 -9.21 -22.03
N PRO C 248 -38.49 -8.85 -23.33
CA PRO C 248 -37.53 -7.90 -23.89
C PRO C 248 -37.67 -6.57 -23.17
N ARG C 249 -36.55 -5.85 -23.06
CA ARG C 249 -36.54 -4.67 -22.23
C ARG C 249 -37.70 -3.74 -22.62
N THR C 250 -37.76 -3.32 -23.88
CA THR C 250 -38.74 -2.30 -24.27
C THR C 250 -40.14 -2.90 -24.45
N VAL C 251 -40.29 -4.21 -24.22
CA VAL C 251 -41.63 -4.80 -24.10
C VAL C 251 -42.11 -4.67 -22.65
N VAL C 252 -41.16 -4.63 -21.71
CA VAL C 252 -41.48 -4.36 -20.33
C VAL C 252 -41.74 -2.86 -20.18
N LYS C 253 -41.06 -2.03 -20.98
CA LYS C 253 -41.34 -0.60 -21.02
C LYS C 253 -42.82 -0.39 -21.34
N TRP C 254 -43.28 -0.86 -22.50
CA TRP C 254 -44.69 -0.72 -22.88
C TRP C 254 -45.57 -1.16 -21.71
N MET C 255 -45.16 -2.23 -21.02
CA MET C 255 -45.93 -2.75 -19.90
C MET C 255 -45.95 -1.74 -18.75
N MET C 256 -44.81 -1.13 -18.42
CA MET C 256 -44.72 -0.14 -17.33
C MET C 256 -45.58 1.08 -17.68
N GLU C 257 -45.25 1.72 -18.80
CA GLU C 257 -45.98 2.87 -19.34
C GLU C 257 -47.49 2.70 -19.06
N GLN C 258 -48.05 1.58 -19.52
CA GLN C 258 -49.50 1.37 -19.49
C GLN C 258 -49.96 1.23 -18.04
N GLN C 259 -49.25 0.43 -17.24
CA GLN C 259 -49.55 0.24 -15.83
C GLN C 259 -49.52 1.60 -15.12
N MET C 260 -48.41 2.33 -15.31
CA MET C 260 -48.17 3.53 -14.53
C MET C 260 -49.20 4.58 -14.91
N ASN C 261 -49.52 4.66 -16.22
CA ASN C 261 -50.33 5.72 -16.76
C ASN C 261 -51.80 5.56 -16.36
N ARG C 262 -52.25 4.36 -16.02
CA ARG C 262 -53.63 4.15 -15.56
C ARG C 262 -54.05 5.29 -14.61
N TRP C 263 -53.22 5.62 -13.62
CA TRP C 263 -53.58 6.61 -12.60
C TRP C 263 -53.75 7.99 -13.24
N PHE C 264 -52.71 8.44 -13.96
CA PHE C 264 -52.78 9.68 -14.72
C PHE C 264 -51.75 9.66 -15.86
N ASN C 265 -52.05 10.39 -16.94
CA ASN C 265 -51.14 10.54 -18.03
C ASN C 265 -49.93 11.36 -17.54
N HIS C 266 -48.76 10.73 -17.45
CA HIS C 266 -47.60 11.35 -16.85
C HIS C 266 -47.07 12.50 -17.73
N GLU C 267 -47.29 12.40 -19.04
CA GLU C 267 -46.89 13.46 -19.99
C GLU C 267 -47.62 14.76 -19.62
N ASN C 268 -48.96 14.63 -19.48
CA ASN C 268 -49.88 15.73 -19.24
C ASN C 268 -49.59 16.41 -17.90
N TYR C 269 -49.32 15.59 -16.87
CA TYR C 269 -49.10 16.08 -15.49
C TYR C 269 -47.65 16.55 -15.34
N GLY C 270 -46.80 16.04 -16.26
CA GLY C 270 -45.50 16.62 -16.63
C GLY C 270 -44.35 16.00 -15.87
N LEU C 271 -44.41 14.70 -15.66
CA LEU C 271 -43.27 13.98 -15.12
C LEU C 271 -43.03 12.70 -15.92
N GLU C 272 -43.40 12.76 -17.22
CA GLU C 272 -42.90 11.85 -18.21
C GLU C 272 -41.41 11.70 -17.94
N PRO C 273 -40.91 10.47 -17.71
CA PRO C 273 -39.47 10.22 -17.61
C PRO C 273 -38.73 10.34 -18.95
N GLN C 274 -37.43 10.64 -18.86
CA GLN C 274 -36.58 10.78 -20.04
C GLN C 274 -36.48 9.42 -20.73
N ASN C 275 -35.79 8.49 -20.07
CA ASN C 275 -35.64 7.14 -20.54
C ASN C 275 -36.54 6.25 -19.69
N LYS C 276 -37.66 5.86 -20.30
CA LYS C 276 -38.64 4.97 -19.74
C LYS C 276 -38.10 3.53 -19.80
N TYR C 277 -37.03 3.35 -20.59
CA TYR C 277 -36.11 2.22 -20.58
C TYR C 277 -35.90 1.70 -19.14
N LEU C 278 -35.75 2.63 -18.18
CA LEU C 278 -35.24 2.32 -16.83
C LEU C 278 -36.27 1.57 -15.99
N MET C 279 -35.78 0.99 -14.89
CA MET C 279 -36.59 0.36 -13.87
C MET C 279 -36.12 0.84 -12.47
N LYS C 280 -35.57 2.06 -12.44
CA LYS C 280 -35.30 2.86 -11.24
C LYS C 280 -36.45 2.67 -10.24
N GLU C 281 -36.21 3.00 -8.98
CA GLU C 281 -37.31 3.06 -8.00
C GLU C 281 -38.28 4.20 -8.33
N PRO C 282 -39.60 3.93 -8.52
CA PRO C 282 -40.59 4.98 -8.69
C PRO C 282 -41.04 5.58 -7.35
N VAL C 283 -41.70 6.76 -7.38
CA VAL C 283 -42.08 7.44 -6.14
C VAL C 283 -43.39 6.85 -5.67
N LEU C 284 -43.53 6.73 -4.34
CA LEU C 284 -44.77 6.25 -3.74
C LEU C 284 -45.38 7.33 -2.87
N ASN C 285 -46.09 8.23 -3.57
CA ASN C 285 -46.91 9.22 -2.99
C ASN C 285 -48.35 8.92 -3.43
N ASP C 286 -49.29 9.01 -2.49
CA ASP C 286 -50.72 8.84 -2.79
C ASP C 286 -51.38 10.19 -3.10
N ASP C 287 -50.65 11.30 -2.88
CA ASP C 287 -51.24 12.63 -2.83
C ASP C 287 -50.82 13.46 -4.04
N LEU C 288 -49.57 13.25 -4.51
CA LEU C 288 -48.90 14.15 -5.48
C LEU C 288 -49.76 14.42 -6.71
N PRO C 289 -50.27 13.40 -7.42
CA PRO C 289 -51.14 13.64 -8.58
C PRO C 289 -52.29 14.62 -8.27
N SER C 290 -53.03 14.36 -7.19
CA SER C 290 -54.16 15.23 -6.81
C SER C 290 -53.65 16.67 -6.56
N ARG C 291 -52.55 16.76 -5.82
CA ARG C 291 -52.05 18.03 -5.31
C ARG C 291 -51.53 18.88 -6.50
N LEU C 292 -51.08 18.22 -7.56
CA LEU C 292 -50.77 18.89 -8.82
C LEU C 292 -52.08 19.42 -9.42
N LEU C 293 -53.09 18.54 -9.47
CA LEU C 293 -54.35 18.87 -10.10
C LEU C 293 -54.93 20.12 -9.41
N TYR C 294 -55.00 20.09 -8.07
CA TYR C 294 -55.39 21.22 -7.25
C TYR C 294 -54.59 22.49 -7.57
N GLY C 295 -53.36 22.32 -8.08
CA GLY C 295 -52.50 23.44 -8.51
C GLY C 295 -51.53 23.90 -7.43
N ALA C 296 -51.47 23.16 -6.31
CA ALA C 296 -50.65 23.53 -5.13
C ALA C 296 -49.18 23.23 -5.39
N ILE C 297 -48.93 22.26 -6.28
CA ILE C 297 -47.61 21.93 -6.78
C ILE C 297 -47.61 22.10 -8.31
N LYS C 298 -46.53 22.70 -8.84
CA LYS C 298 -46.24 22.73 -10.27
C LYS C 298 -44.91 22.04 -10.48
N VAL C 299 -44.86 21.01 -11.35
CA VAL C 299 -43.56 20.39 -11.66
C VAL C 299 -42.77 21.38 -12.51
N LYS C 300 -41.48 21.15 -12.64
CA LYS C 300 -40.66 22.05 -13.37
C LYS C 300 -39.37 21.34 -13.81
N SER C 301 -38.85 21.81 -14.95
CA SER C 301 -37.56 21.41 -15.45
C SER C 301 -36.48 21.71 -14.41
N ARG C 302 -35.25 21.25 -14.66
CA ARG C 302 -34.16 21.45 -13.73
C ARG C 302 -33.87 22.94 -13.62
N VAL C 303 -33.56 23.37 -12.41
CA VAL C 303 -33.02 24.69 -12.19
C VAL C 303 -31.75 24.82 -13.03
N LYS C 304 -31.73 25.78 -13.96
CA LYS C 304 -30.54 26.09 -14.77
C LYS C 304 -29.61 27.00 -13.97
N GLU C 305 -30.21 28.00 -13.30
CA GLU C 305 -29.51 29.06 -12.64
C GLU C 305 -30.40 29.66 -11.56
N LEU C 306 -29.76 30.19 -10.52
CA LEU C 306 -30.43 30.86 -9.43
C LEU C 306 -29.92 32.30 -9.36
N THR C 307 -30.80 33.19 -8.91
CA THR C 307 -30.48 34.57 -8.60
C THR C 307 -30.81 34.82 -7.13
N GLU C 308 -31.09 36.08 -6.78
CA GLU C 308 -31.34 36.47 -5.40
C GLU C 308 -32.75 36.03 -4.98
N THR C 309 -33.73 36.20 -5.86
CA THR C 309 -35.13 35.90 -5.54
C THR C 309 -35.88 35.27 -6.72
N SER C 310 -35.17 34.90 -7.79
CA SER C 310 -35.77 34.17 -8.91
C SER C 310 -35.01 32.85 -9.12
N ALA C 311 -35.51 32.02 -10.04
CA ALA C 311 -34.81 30.82 -10.49
C ALA C 311 -35.04 30.64 -11.98
N ILE C 312 -33.95 30.60 -12.75
CA ILE C 312 -34.01 30.31 -14.18
C ILE C 312 -34.15 28.79 -14.30
N PHE C 313 -34.73 28.34 -15.42
CA PHE C 313 -34.98 26.94 -15.63
C PHE C 313 -34.39 26.49 -16.96
N GLU C 314 -34.21 25.18 -17.09
CA GLU C 314 -33.57 24.52 -18.22
C GLU C 314 -34.33 24.80 -19.54
N ASP C 315 -35.64 25.01 -19.46
CA ASP C 315 -36.47 25.23 -20.67
C ASP C 315 -36.75 26.73 -20.83
N GLY C 316 -36.01 27.57 -20.10
CA GLY C 316 -36.04 29.03 -20.26
C GLY C 316 -37.27 29.66 -19.63
N THR C 317 -37.80 29.02 -18.60
CA THR C 317 -38.86 29.59 -17.82
C THR C 317 -38.21 30.24 -16.61
N VAL C 318 -39.01 31.02 -15.88
CA VAL C 318 -38.55 31.65 -14.66
C VAL C 318 -39.71 31.73 -13.67
N GLU C 319 -39.44 31.35 -12.42
CA GLU C 319 -40.35 31.65 -11.32
C GLU C 319 -39.71 32.74 -10.45
N GLU C 320 -40.56 33.63 -9.94
CA GLU C 320 -40.15 34.85 -9.27
C GLU C 320 -40.44 34.72 -7.76
N ASP C 321 -39.75 35.55 -6.98
CA ASP C 321 -39.95 35.71 -5.54
C ASP C 321 -40.20 34.34 -4.91
N ILE C 322 -39.13 33.53 -4.89
CA ILE C 322 -39.10 32.20 -4.28
C ILE C 322 -38.37 32.31 -2.94
N ASP C 323 -39.15 32.23 -1.85
CA ASP C 323 -38.68 32.49 -0.49
C ASP C 323 -37.82 31.33 0.03
N VAL C 324 -37.97 30.13 -0.54
CA VAL C 324 -37.38 28.91 0.02
C VAL C 324 -37.02 27.91 -1.09
N ILE C 325 -35.82 27.32 -0.98
CA ILE C 325 -35.40 26.17 -1.76
C ILE C 325 -35.21 25.00 -0.79
N VAL C 326 -35.76 23.83 -1.10
CA VAL C 326 -35.51 22.63 -0.28
C VAL C 326 -34.92 21.53 -1.16
N PHE C 327 -33.63 21.24 -0.97
CA PHE C 327 -32.85 20.28 -1.74
C PHE C 327 -33.12 18.85 -1.23
N ALA C 328 -34.11 18.18 -1.84
CA ALA C 328 -34.42 16.79 -1.52
C ALA C 328 -33.69 15.87 -2.52
N THR C 329 -32.38 16.13 -2.65
CA THR C 329 -31.54 15.52 -3.65
C THR C 329 -30.87 14.26 -3.10
N GLY C 330 -31.39 13.74 -1.98
CA GLY C 330 -30.99 12.43 -1.46
C GLY C 330 -29.70 12.49 -0.67
N TYR C 331 -29.21 11.30 -0.28
CA TYR C 331 -28.17 11.17 0.71
C TYR C 331 -26.95 10.46 0.13
N THR C 332 -25.89 10.40 0.94
CA THR C 332 -24.75 9.57 0.71
C THR C 332 -24.44 8.79 2.01
N PHE C 333 -23.23 8.22 2.07
CA PHE C 333 -22.88 7.31 3.15
C PHE C 333 -21.37 7.17 3.25
N SER C 334 -20.93 7.01 4.50
CA SER C 334 -19.55 6.91 4.86
C SER C 334 -19.42 5.91 6.01
N PHE C 335 -18.20 5.46 6.23
CA PHE C 335 -17.83 4.67 7.37
C PHE C 335 -16.59 5.31 8.00
N PRO C 336 -16.79 6.21 8.99
CA PRO C 336 -15.68 6.96 9.59
C PRO C 336 -15.00 6.22 10.76
N PHE C 337 -15.41 4.97 11.00
CA PHE C 337 -14.79 4.11 11.97
C PHE C 337 -14.17 2.91 11.27
N LEU C 338 -13.67 3.12 10.05
CA LEU C 338 -13.32 2.00 9.20
C LEU C 338 -12.15 2.36 8.28
N GLU C 339 -11.30 1.35 8.03
CA GLU C 339 -10.26 1.33 6.98
C GLU C 339 -10.91 1.77 5.66
N ASP C 340 -10.30 2.72 4.95
CA ASP C 340 -10.93 3.35 3.77
C ASP C 340 -10.89 2.40 2.57
N SER C 341 -10.20 1.27 2.74
CA SER C 341 -10.03 0.26 1.69
C SER C 341 -11.00 -0.91 1.89
N LEU C 342 -11.64 -0.95 3.05
CA LEU C 342 -12.59 -2.01 3.42
C LEU C 342 -13.86 -1.87 2.57
N VAL C 343 -14.45 -0.67 2.62
CA VAL C 343 -15.62 -0.30 1.86
C VAL C 343 -15.16 0.66 0.77
N LYS C 344 -14.47 0.10 -0.22
CA LYS C 344 -13.97 0.81 -1.39
C LYS C 344 -15.19 1.13 -2.27
N VAL C 345 -15.42 2.42 -2.50
CA VAL C 345 -16.55 2.90 -3.32
C VAL C 345 -16.01 3.93 -4.34
N GLU C 346 -15.96 3.52 -5.62
CA GLU C 346 -15.19 4.25 -6.63
C GLU C 346 -15.96 4.31 -7.94
N ASN C 347 -16.06 5.52 -8.51
CA ASN C 347 -16.72 5.77 -9.79
C ASN C 347 -18.12 5.12 -9.82
N ASN C 348 -18.91 5.37 -8.76
CA ASN C 348 -20.34 5.01 -8.73
C ASN C 348 -20.50 3.51 -8.50
N MET C 349 -19.51 2.88 -7.85
CA MET C 349 -19.49 1.43 -7.67
C MET C 349 -18.96 1.09 -6.26
N VAL C 350 -19.76 0.33 -5.53
CA VAL C 350 -19.41 -0.17 -4.20
C VAL C 350 -18.79 -1.55 -4.37
N SER C 351 -17.48 -1.67 -4.14
CA SER C 351 -16.77 -2.93 -4.23
C SER C 351 -16.94 -3.66 -2.89
N LEU C 352 -18.06 -4.39 -2.83
CA LEU C 352 -18.43 -5.31 -1.76
C LEU C 352 -19.18 -6.49 -2.39
N TYR C 353 -18.76 -7.72 -2.09
CA TYR C 353 -19.48 -8.88 -2.60
C TYR C 353 -20.93 -8.77 -2.12
N LYS C 354 -21.83 -8.44 -3.06
CA LYS C 354 -23.27 -8.37 -2.84
C LYS C 354 -23.61 -7.35 -1.74
N TYR C 355 -22.89 -6.23 -1.74
CA TYR C 355 -23.12 -5.14 -0.80
C TYR C 355 -23.09 -5.71 0.62
N MET C 356 -22.00 -6.42 0.92
CA MET C 356 -21.88 -7.15 2.14
C MET C 356 -20.39 -7.29 2.50
N PHE C 357 -19.67 -8.20 1.80
CA PHE C 357 -18.35 -8.65 2.21
C PHE C 357 -17.29 -7.92 1.40
N PRO C 358 -16.22 -7.40 2.05
CA PRO C 358 -15.06 -6.90 1.33
C PRO C 358 -14.28 -8.06 0.74
N PRO C 359 -14.03 -8.09 -0.60
CA PRO C 359 -13.41 -9.25 -1.24
C PRO C 359 -11.91 -9.44 -0.95
N HIS C 360 -11.26 -8.37 -0.49
CA HIS C 360 -9.84 -8.33 -0.23
C HIS C 360 -9.51 -8.90 1.15
N LEU C 361 -10.52 -9.31 1.90
CA LEU C 361 -10.30 -10.03 3.13
C LEU C 361 -9.85 -11.45 2.79
N GLU C 362 -9.33 -12.14 3.80
CA GLU C 362 -8.73 -13.48 3.70
C GLU C 362 -9.47 -14.44 4.63
N LYS C 363 -9.87 -13.97 5.81
CA LYS C 363 -10.86 -14.64 6.65
C LYS C 363 -12.14 -13.81 6.56
N PRO C 364 -13.25 -14.36 5.98
CA PRO C 364 -14.51 -13.61 5.85
C PRO C 364 -15.25 -13.31 7.16
N THR C 365 -14.68 -12.39 7.94
CA THR C 365 -15.06 -12.12 9.32
C THR C 365 -15.74 -10.74 9.52
N LEU C 366 -16.01 -10.01 8.43
CA LEU C 366 -16.69 -8.70 8.49
C LEU C 366 -17.54 -8.49 7.24
N ALA C 367 -18.76 -7.98 7.46
CA ALA C 367 -19.75 -7.70 6.41
C ALA C 367 -20.55 -6.43 6.76
N CYS C 368 -21.07 -5.78 5.72
CA CYS C 368 -21.91 -4.61 5.81
C CYS C 368 -23.38 -4.98 5.57
N ILE C 369 -24.22 -4.78 6.59
CA ILE C 369 -25.66 -5.07 6.46
C ILE C 369 -26.46 -3.75 6.50
N GLY C 370 -27.36 -3.59 5.51
CA GLY C 370 -28.22 -2.43 5.40
C GLY C 370 -27.66 -1.38 4.46
N LEU C 371 -26.65 -1.76 3.66
CA LEU C 371 -26.06 -0.86 2.67
C LEU C 371 -26.59 -1.28 1.30
N ILE C 372 -27.88 -1.04 1.09
CA ILE C 372 -28.58 -1.55 -0.07
C ILE C 372 -29.96 -0.90 -0.14
N GLN C 373 -30.46 -0.68 -1.36
CA GLN C 373 -31.83 -0.16 -1.59
C GLN C 373 -32.53 -0.97 -2.68
N PRO C 374 -33.27 -2.02 -2.25
CA PRO C 374 -34.01 -2.90 -3.16
C PRO C 374 -35.38 -2.32 -3.49
N LEU C 375 -36.01 -2.80 -4.58
CA LEU C 375 -37.29 -2.24 -5.06
C LEU C 375 -38.43 -2.59 -4.11
N GLY C 376 -38.21 -3.60 -3.25
CA GLY C 376 -39.14 -3.98 -2.20
C GLY C 376 -38.60 -3.63 -0.83
N SER C 377 -39.22 -4.18 0.22
CA SER C 377 -38.94 -3.80 1.60
C SER C 377 -37.53 -4.25 1.98
N ILE C 378 -36.84 -3.44 2.80
CA ILE C 378 -35.47 -3.71 3.17
C ILE C 378 -35.44 -4.72 4.30
N PHE C 379 -36.43 -4.64 5.21
CA PHE C 379 -36.41 -5.39 6.46
C PHE C 379 -36.19 -6.88 6.19
N PRO C 380 -36.94 -7.52 5.27
CA PRO C 380 -36.69 -8.91 4.92
C PRO C 380 -35.38 -9.12 4.14
N THR C 381 -34.91 -8.08 3.44
CA THR C 381 -33.62 -8.12 2.75
C THR C 381 -32.48 -8.27 3.76
N VAL C 382 -32.43 -7.40 4.79
CA VAL C 382 -31.35 -7.42 5.82
C VAL C 382 -31.52 -8.63 6.74
N GLU C 383 -32.64 -9.32 6.60
CA GLU C 383 -32.78 -10.53 7.43
C GLU C 383 -32.00 -11.64 6.73
N LEU C 384 -32.18 -11.76 5.41
CA LEU C 384 -31.46 -12.79 4.66
C LEU C 384 -29.99 -12.42 4.52
N GLN C 385 -29.70 -11.11 4.52
CA GLN C 385 -28.34 -10.62 4.63
C GLN C 385 -27.68 -11.19 5.89
N ALA C 386 -28.42 -11.18 7.01
CA ALA C 386 -27.89 -11.57 8.34
C ALA C 386 -27.82 -13.09 8.45
N ARG C 387 -28.79 -13.79 7.86
CA ARG C 387 -28.81 -15.27 7.86
C ARG C 387 -27.57 -15.82 7.14
N TRP C 388 -27.31 -15.31 5.94
CA TRP C 388 -26.17 -15.68 5.09
C TRP C 388 -24.86 -15.39 5.82
N VAL C 389 -24.79 -14.27 6.54
CA VAL C 389 -23.58 -13.79 7.17
C VAL C 389 -23.28 -14.63 8.42
N THR C 390 -24.21 -14.69 9.38
CA THR C 390 -23.97 -15.45 10.63
C THR C 390 -23.44 -16.85 10.29
N ARG C 391 -23.97 -17.43 9.22
CA ARG C 391 -23.68 -18.80 8.78
C ARG C 391 -22.30 -18.86 8.10
N VAL C 392 -21.83 -17.73 7.55
CA VAL C 392 -20.50 -17.64 6.92
C VAL C 392 -19.44 -17.59 8.02
N PHE C 393 -19.67 -16.72 9.00
CA PHE C 393 -18.83 -16.57 10.18
C PHE C 393 -18.53 -17.95 10.79
N LYS C 394 -19.59 -18.68 11.14
CA LYS C 394 -19.49 -20.01 11.73
C LYS C 394 -18.66 -20.93 10.83
N GLY C 395 -18.84 -20.77 9.51
CA GLY C 395 -18.11 -21.53 8.50
C GLY C 395 -18.99 -22.58 7.83
N LEU C 396 -20.30 -22.50 8.07
CA LEU C 396 -21.25 -23.39 7.45
C LEU C 396 -21.44 -22.95 6.00
N CYS C 397 -20.98 -21.73 5.70
CA CYS C 397 -21.07 -21.09 4.40
C CYS C 397 -19.72 -20.45 4.06
N THR C 398 -19.38 -20.47 2.77
CA THR C 398 -18.11 -19.96 2.27
C THR C 398 -18.32 -19.16 0.98
N LEU C 399 -17.51 -18.11 0.86
CA LEU C 399 -17.45 -17.26 -0.30
C LEU C 399 -16.62 -17.99 -1.35
N PRO C 400 -16.82 -17.69 -2.65
CA PRO C 400 -15.85 -18.08 -3.68
C PRO C 400 -14.50 -17.34 -3.51
N SER C 401 -13.62 -17.48 -4.51
CA SER C 401 -12.28 -16.90 -4.46
C SER C 401 -12.32 -15.42 -4.83
N GLU C 402 -11.35 -14.64 -4.33
CA GLU C 402 -11.26 -13.22 -4.57
C GLU C 402 -11.39 -12.96 -6.08
N SER C 403 -10.77 -13.81 -6.89
CA SER C 403 -10.82 -13.70 -8.34
C SER C 403 -12.29 -13.63 -8.80
N THR C 404 -13.10 -14.56 -8.30
CA THR C 404 -14.51 -14.72 -8.64
C THR C 404 -15.34 -13.55 -8.10
N MET C 405 -15.07 -13.15 -6.84
CA MET C 405 -15.84 -12.12 -6.15
C MET C 405 -15.56 -10.73 -6.75
N MET C 406 -14.32 -10.50 -7.20
CA MET C 406 -13.97 -9.24 -7.88
C MET C 406 -14.69 -9.13 -9.25
N ALA C 407 -14.93 -10.28 -9.88
CA ALA C 407 -15.53 -10.36 -11.20
C ALA C 407 -17.05 -10.17 -11.12
N ASP C 408 -17.65 -10.67 -10.03
CA ASP C 408 -19.09 -10.56 -9.76
C ASP C 408 -19.46 -9.09 -9.49
N ILE C 409 -18.71 -8.47 -8.58
CA ILE C 409 -18.85 -7.06 -8.22
C ILE C 409 -18.90 -6.21 -9.48
N ILE C 410 -18.03 -6.49 -10.45
CA ILE C 410 -18.03 -5.76 -11.73
C ILE C 410 -19.36 -5.98 -12.44
N LYS C 411 -19.69 -7.25 -12.68
CA LYS C 411 -20.77 -7.62 -13.58
C LYS C 411 -22.12 -7.21 -12.96
N ARG C 412 -22.22 -7.30 -11.63
CA ARG C 412 -23.40 -6.85 -10.87
C ARG C 412 -23.62 -5.35 -11.11
N ASN C 413 -22.58 -4.56 -10.86
CA ASN C 413 -22.60 -3.10 -11.07
C ASN C 413 -22.95 -2.78 -12.53
N GLU C 414 -22.41 -3.55 -13.47
CA GLU C 414 -22.57 -3.28 -14.92
C GLU C 414 -24.00 -3.55 -15.35
N LYS C 415 -24.58 -4.62 -14.81
CA LYS C 415 -25.99 -4.90 -14.97
C LYS C 415 -26.79 -3.73 -14.37
N ARG C 416 -26.47 -3.39 -13.13
CA ARG C 416 -27.21 -2.42 -12.34
C ARG C 416 -27.35 -1.09 -13.10
N ILE C 417 -26.23 -0.51 -13.53
CA ILE C 417 -26.25 0.79 -14.20
C ILE C 417 -27.15 0.70 -15.45
N ASP C 418 -27.11 -0.46 -16.13
CA ASP C 418 -27.90 -0.71 -17.34
C ASP C 418 -29.40 -0.72 -17.01
N LEU C 419 -29.75 -0.99 -15.76
CA LEU C 419 -31.10 -1.31 -15.35
C LEU C 419 -31.76 -0.17 -14.57
N PHE C 420 -30.95 0.73 -13.98
CA PHE C 420 -31.45 1.78 -13.06
C PHE C 420 -30.81 3.15 -13.34
N GLY C 421 -29.95 3.24 -14.37
CA GLY C 421 -29.32 4.50 -14.72
C GLY C 421 -28.07 4.77 -13.89
N GLU C 422 -27.40 5.88 -14.23
CA GLU C 422 -26.06 6.17 -13.74
C GLU C 422 -26.09 7.14 -12.55
N SER C 423 -27.26 7.33 -11.92
CA SER C 423 -27.39 8.34 -10.89
C SER C 423 -26.72 7.86 -9.60
N GLN C 424 -26.28 8.87 -8.83
CA GLN C 424 -25.66 8.81 -7.51
C GLN C 424 -26.71 8.50 -6.45
N SER C 425 -27.97 8.31 -6.91
CA SER C 425 -29.10 7.95 -6.08
C SER C 425 -29.40 6.46 -6.21
N GLN C 426 -28.66 5.77 -7.07
CA GLN C 426 -28.99 4.34 -7.30
C GLN C 426 -27.73 3.47 -7.25
N ILE C 427 -26.79 3.81 -6.37
CA ILE C 427 -25.57 3.03 -6.26
C ILE C 427 -25.95 1.63 -5.77
N LEU C 428 -27.06 1.55 -5.03
CA LEU C 428 -27.43 0.36 -4.28
C LEU C 428 -28.79 -0.15 -4.72
N GLN C 429 -29.19 0.12 -5.96
CA GLN C 429 -30.47 -0.36 -6.47
C GLN C 429 -30.33 -1.83 -6.81
N THR C 430 -31.43 -2.56 -6.69
CA THR C 430 -31.44 -4.00 -6.92
C THR C 430 -32.88 -4.50 -6.96
N ASN C 431 -33.20 -5.31 -7.99
CA ASN C 431 -34.47 -6.00 -8.07
C ASN C 431 -34.61 -6.85 -6.80
N TYR C 432 -35.85 -6.93 -6.29
CA TYR C 432 -36.13 -7.30 -4.90
C TYR C 432 -35.95 -8.80 -4.73
N ILE C 433 -36.74 -9.57 -5.48
CA ILE C 433 -36.85 -11.03 -5.33
C ILE C 433 -35.50 -11.64 -5.70
N ASP C 434 -35.06 -11.35 -6.94
CA ASP C 434 -33.87 -11.93 -7.53
C ASP C 434 -32.75 -11.94 -6.48
N TYR C 435 -32.58 -10.79 -5.80
CA TYR C 435 -31.63 -10.64 -4.71
C TYR C 435 -32.00 -11.58 -3.56
N LEU C 436 -33.23 -11.44 -3.04
CA LEU C 436 -33.70 -12.26 -1.91
C LEU C 436 -33.45 -13.76 -2.18
N ASP C 437 -33.73 -14.19 -3.41
CA ASP C 437 -33.44 -15.54 -3.86
C ASP C 437 -31.94 -15.79 -3.71
N GLU C 438 -31.12 -14.95 -4.36
CA GLU C 438 -29.65 -15.03 -4.31
C GLU C 438 -29.18 -15.35 -2.88
N LEU C 439 -29.68 -14.58 -1.91
CA LEU C 439 -29.26 -14.71 -0.52
C LEU C 439 -29.71 -16.05 0.08
N ALA C 440 -30.85 -16.56 -0.39
CA ALA C 440 -31.45 -17.76 0.18
C ALA C 440 -30.93 -19.02 -0.51
N LEU C 441 -30.42 -18.86 -1.74
CA LEU C 441 -29.71 -19.92 -2.42
C LEU C 441 -28.48 -20.30 -1.57
N GLU C 442 -27.74 -19.27 -1.17
CA GLU C 442 -26.48 -19.39 -0.46
C GLU C 442 -26.65 -20.28 0.79
N ILE C 443 -27.74 -20.05 1.56
CA ILE C 443 -28.00 -20.81 2.79
C ILE C 443 -29.01 -21.93 2.51
N GLY C 444 -29.50 -22.02 1.27
CA GLY C 444 -30.41 -23.07 0.80
C GLY C 444 -31.77 -23.03 1.50
N ALA C 445 -32.29 -21.82 1.68
CA ALA C 445 -33.60 -21.56 2.33
C ALA C 445 -34.65 -21.14 1.29
N LYS C 446 -34.20 -20.96 0.05
CA LYS C 446 -35.07 -20.64 -1.08
C LYS C 446 -35.81 -21.89 -1.52
N PRO C 447 -37.16 -21.93 -1.43
CA PRO C 447 -37.93 -23.04 -2.00
C PRO C 447 -37.63 -23.29 -3.48
N ASP C 448 -37.52 -24.59 -3.83
CA ASP C 448 -37.53 -25.08 -5.20
C ASP C 448 -38.95 -25.56 -5.53
N LEU C 449 -39.72 -24.66 -6.15
CA LEU C 449 -41.15 -24.84 -6.34
C LEU C 449 -41.39 -26.11 -7.18
N LEU C 450 -40.68 -26.20 -8.31
CA LEU C 450 -40.82 -27.28 -9.26
C LEU C 450 -41.06 -28.58 -8.49
N SER C 451 -40.13 -28.91 -7.57
CA SER C 451 -40.20 -30.13 -6.76
C SER C 451 -41.47 -30.11 -5.89
N LEU C 452 -41.73 -28.96 -5.26
CA LEU C 452 -42.81 -28.84 -4.31
C LEU C 452 -44.18 -28.95 -4.99
N LEU C 453 -44.27 -28.59 -6.29
CA LEU C 453 -45.54 -28.69 -7.05
C LEU C 453 -46.23 -30.04 -6.78
N LEU C 454 -45.40 -31.10 -6.82
CA LEU C 454 -45.82 -32.49 -6.66
C LEU C 454 -46.27 -32.73 -5.22
N LYS C 455 -45.45 -32.35 -4.24
CA LYS C 455 -45.81 -32.50 -2.82
C LYS C 455 -47.03 -31.61 -2.54
N ASP C 456 -46.83 -30.28 -2.51
CA ASP C 456 -47.87 -29.34 -2.10
C ASP C 456 -48.19 -28.38 -3.25
N PRO C 457 -49.28 -28.60 -4.00
CA PRO C 457 -49.63 -27.72 -5.12
C PRO C 457 -50.32 -26.41 -4.69
N LYS C 458 -51.11 -26.47 -3.60
CA LYS C 458 -51.78 -25.29 -3.05
C LYS C 458 -50.74 -24.22 -2.72
N LEU C 459 -49.63 -24.64 -2.09
CA LEU C 459 -48.50 -23.74 -1.83
C LEU C 459 -47.91 -23.31 -3.17
N ALA C 460 -47.32 -24.28 -3.88
CA ALA C 460 -46.56 -24.06 -5.10
C ALA C 460 -47.18 -22.93 -5.94
N MET C 461 -48.50 -22.99 -6.12
CA MET C 461 -49.23 -21.99 -6.90
C MET C 461 -49.06 -20.62 -6.24
N LYS C 462 -49.35 -20.58 -4.92
CA LYS C 462 -49.45 -19.36 -4.12
C LYS C 462 -48.07 -18.76 -3.85
N LEU C 463 -47.02 -19.56 -4.03
CA LEU C 463 -45.65 -19.13 -3.83
C LEU C 463 -45.16 -18.42 -5.10
N TYR C 464 -45.64 -18.88 -6.27
CA TYR C 464 -45.16 -18.40 -7.54
C TYR C 464 -46.06 -17.25 -8.03
N PHE C 465 -47.37 -17.47 -7.99
CA PHE C 465 -48.36 -16.54 -8.54
C PHE C 465 -48.83 -15.55 -7.46
N GLY C 466 -48.97 -16.02 -6.22
CA GLY C 466 -49.36 -15.18 -5.09
C GLY C 466 -48.26 -14.22 -4.66
N PRO C 467 -48.46 -13.46 -3.56
CA PRO C 467 -47.50 -12.47 -3.11
C PRO C 467 -46.30 -13.18 -2.47
N CYS C 468 -45.08 -12.73 -2.84
CA CYS C 468 -43.82 -13.24 -2.32
C CYS C 468 -43.48 -12.61 -0.94
N ASN C 469 -44.09 -13.15 0.12
CA ASN C 469 -43.92 -12.65 1.50
C ASN C 469 -42.49 -12.96 1.96
N SER C 470 -42.09 -12.31 3.06
CA SER C 470 -40.86 -12.67 3.79
C SER C 470 -40.95 -14.13 4.26
N TYR C 471 -42.16 -14.57 4.58
CA TYR C 471 -42.42 -15.87 5.20
C TYR C 471 -41.83 -17.02 4.37
N GLN C 472 -41.76 -16.87 3.04
CA GLN C 472 -41.42 -17.96 2.10
C GLN C 472 -40.04 -18.58 2.39
N TYR C 473 -39.15 -17.75 2.93
CA TYR C 473 -37.76 -18.11 3.09
C TYR C 473 -37.56 -18.94 4.36
N ARG C 474 -38.64 -19.26 5.09
CA ARG C 474 -38.60 -20.13 6.28
C ARG C 474 -39.40 -21.43 6.04
N LEU C 475 -39.60 -21.77 4.76
CA LEU C 475 -40.28 -22.99 4.39
C LEU C 475 -39.27 -24.14 4.44
N VAL C 476 -38.15 -23.94 3.73
CA VAL C 476 -37.07 -24.91 3.64
C VAL C 476 -35.82 -24.29 4.30
N GLY C 477 -34.70 -25.02 4.23
CA GLY C 477 -33.40 -24.56 4.70
C GLY C 477 -33.34 -24.49 6.22
N PRO C 478 -32.28 -23.87 6.79
CA PRO C 478 -32.13 -23.80 8.25
C PRO C 478 -33.16 -22.91 8.96
N GLY C 479 -33.13 -22.96 10.31
CA GLY C 479 -33.95 -22.16 11.22
C GLY C 479 -35.31 -21.80 10.65
N GLN C 480 -36.26 -22.71 10.76
CA GLN C 480 -37.55 -22.58 10.13
C GLN C 480 -38.59 -22.13 11.16
N TRP C 481 -39.86 -22.10 10.74
CA TRP C 481 -40.99 -21.58 11.51
C TRP C 481 -42.25 -22.24 10.93
N GLU C 482 -42.93 -23.06 11.74
CA GLU C 482 -44.17 -23.75 11.30
C GLU C 482 -45.15 -22.73 10.73
N GLY C 483 -45.40 -21.66 11.50
CA GLY C 483 -46.29 -20.59 11.07
C GLY C 483 -45.70 -19.80 9.92
N ALA C 484 -45.29 -20.52 8.87
CA ALA C 484 -44.75 -19.93 7.65
C ALA C 484 -45.67 -20.35 6.50
N ARG C 485 -45.86 -21.67 6.33
CA ARG C 485 -46.93 -22.16 5.49
C ARG C 485 -48.21 -21.46 5.95
N ASN C 486 -48.45 -21.49 7.27
CA ASN C 486 -49.68 -20.99 7.85
C ASN C 486 -49.85 -19.51 7.52
N ALA C 487 -48.86 -18.72 7.98
CA ALA C 487 -48.80 -17.27 7.78
C ALA C 487 -49.22 -16.91 6.36
N ILE C 488 -48.57 -17.56 5.39
CA ILE C 488 -48.82 -17.31 3.99
C ILE C 488 -50.32 -17.49 3.69
N PHE C 489 -50.91 -18.59 4.19
CA PHE C 489 -52.25 -18.99 3.78
C PHE C 489 -53.30 -18.06 4.38
N THR C 490 -52.95 -17.34 5.46
CA THR C 490 -53.92 -16.56 6.23
C THR C 490 -53.61 -15.05 6.22
N GLN C 491 -52.79 -14.59 5.28
CA GLN C 491 -52.36 -13.18 5.26
C GLN C 491 -53.55 -12.29 4.89
N LYS C 492 -54.54 -12.84 4.17
CA LYS C 492 -55.67 -12.06 3.68
C LYS C 492 -56.48 -11.56 4.89
N GLN C 493 -56.60 -12.41 5.92
CA GLN C 493 -57.28 -12.07 7.17
C GLN C 493 -56.62 -10.83 7.79
N ARG C 494 -55.30 -10.90 7.96
CA ARG C 494 -54.51 -9.91 8.70
C ARG C 494 -54.51 -8.55 7.96
N ILE C 495 -54.60 -8.60 6.62
CA ILE C 495 -54.64 -7.40 5.81
C ILE C 495 -56.00 -6.70 5.95
N LEU C 496 -57.05 -7.49 6.18
CA LEU C 496 -58.40 -6.94 6.22
C LEU C 496 -58.83 -6.66 7.66
N LYS C 497 -58.06 -7.19 8.63
CA LYS C 497 -58.41 -7.08 10.03
C LYS C 497 -58.55 -5.60 10.40
N PRO C 498 -57.55 -4.76 10.10
CA PRO C 498 -57.60 -3.34 10.48
C PRO C 498 -58.47 -2.45 9.58
N LEU C 499 -58.77 -2.91 8.36
CA LEU C 499 -59.47 -2.14 7.35
C LEU C 499 -60.97 -2.38 7.49
N LYS C 500 -61.35 -3.65 7.33
CA LYS C 500 -62.74 -4.06 7.14
C LYS C 500 -63.43 -3.98 8.50
N THR C 501 -63.86 -2.75 8.80
CA THR C 501 -64.24 -2.33 10.11
C THR C 501 -65.75 -2.07 10.12
N ARG C 502 -66.49 -2.66 9.15
CA ARG C 502 -67.94 -2.37 8.92
C ARG C 502 -68.57 -3.47 8.06
N ALA C 503 -69.67 -4.05 8.55
CA ALA C 503 -70.31 -5.23 7.95
C ALA C 503 -71.70 -4.89 7.39
N LEU C 504 -72.01 -5.39 6.19
CA LEU C 504 -73.34 -5.26 5.60
C LEU C 504 -74.28 -6.32 6.19
N LYS C 505 -73.93 -7.60 6.02
CA LYS C 505 -74.74 -8.80 6.41
C LYS C 505 -75.89 -9.02 5.41
N ALA C 506 -75.56 -9.59 4.24
CA ALA C 506 -76.51 -9.98 3.19
C ALA C 506 -76.50 -11.52 3.08
N SER C 507 -75.70 -12.08 2.14
CA SER C 507 -75.38 -13.52 2.08
C SER C 507 -74.19 -13.75 1.12
N SER C 508 -73.65 -14.99 1.08
CA SER C 508 -72.74 -15.40 0.00
C SER C 508 -72.85 -16.91 -0.29
N ASN C 509 -74.02 -17.50 -0.01
CA ASN C 509 -74.36 -18.92 -0.33
C ASN C 509 -75.51 -18.97 -1.34
N PHE C 510 -76.47 -18.05 -1.22
CA PHE C 510 -77.57 -17.86 -2.20
C PHE C 510 -78.01 -16.40 -2.22
N PRO C 511 -77.12 -15.43 -2.59
CA PRO C 511 -77.51 -14.03 -2.75
C PRO C 511 -77.82 -13.62 -4.20
N VAL C 512 -78.73 -12.66 -4.36
CA VAL C 512 -79.33 -12.28 -5.65
C VAL C 512 -78.45 -11.27 -6.40
N SER C 513 -77.98 -10.22 -5.71
CA SER C 513 -77.59 -8.95 -6.34
C SER C 513 -76.11 -8.87 -6.75
N PHE C 514 -75.51 -10.00 -7.17
CA PHE C 514 -74.36 -10.03 -8.09
C PHE C 514 -74.65 -11.12 -9.14
N LEU C 515 -73.83 -12.16 -9.23
CA LEU C 515 -74.12 -13.38 -10.03
C LEU C 515 -73.08 -14.45 -9.65
N LEU C 516 -71.88 -14.35 -10.25
CA LEU C 516 -70.72 -15.19 -9.98
C LEU C 516 -71.08 -16.68 -10.14
N LYS C 517 -70.07 -17.53 -9.91
CA LYS C 517 -70.07 -18.99 -10.13
C LYS C 517 -69.98 -19.31 -11.63
N ILE C 518 -70.76 -18.60 -12.47
CA ILE C 518 -70.70 -18.73 -13.94
C ILE C 518 -69.24 -18.81 -14.38
N LEU C 519 -68.48 -17.73 -14.17
CA LEU C 519 -67.06 -17.65 -14.59
C LEU C 519 -66.34 -18.99 -14.33
N GLY C 520 -66.67 -19.68 -13.23
CA GLY C 520 -66.16 -21.02 -12.89
C GLY C 520 -66.64 -22.09 -13.86
N LEU C 521 -67.94 -22.42 -13.78
CA LEU C 521 -68.58 -23.46 -14.63
C LEU C 521 -68.39 -23.15 -16.12
N LEU C 522 -68.46 -21.87 -16.51
CA LEU C 522 -68.37 -21.44 -17.92
C LEU C 522 -67.04 -21.91 -18.52
N ALA C 523 -65.93 -21.61 -17.85
CA ALA C 523 -64.60 -22.02 -18.31
C ALA C 523 -64.42 -23.53 -18.17
N VAL C 524 -64.98 -24.12 -17.09
CA VAL C 524 -64.82 -25.58 -16.75
C VAL C 524 -65.16 -26.44 -17.98
N VAL C 525 -66.28 -26.10 -18.63
CA VAL C 525 -66.79 -26.84 -19.80
C VAL C 525 -65.86 -26.59 -21.00
N VAL C 526 -65.35 -25.36 -21.13
CA VAL C 526 -64.44 -24.98 -22.22
C VAL C 526 -63.17 -25.83 -22.16
N ALA C 527 -62.76 -26.21 -20.94
CA ALA C 527 -61.59 -27.08 -20.72
C ALA C 527 -61.73 -28.35 -21.58
N PHE C 528 -62.83 -29.07 -21.32
CA PHE C 528 -63.21 -30.25 -22.05
C PHE C 528 -63.82 -29.82 -23.39
N PHE C 529 -62.98 -29.42 -24.35
CA PHE C 529 -63.43 -29.22 -25.75
C PHE C 529 -62.73 -30.29 -26.62
N PHE C 530 -62.00 -29.88 -27.66
CA PHE C 530 -61.58 -30.80 -28.75
C PHE C 530 -60.28 -31.52 -28.35
N GLN C 531 -60.35 -32.18 -27.21
CA GLN C 531 -59.29 -32.96 -26.60
C GLN C 531 -59.71 -34.44 -26.58
N LEU C 532 -60.59 -34.86 -27.50
CA LEU C 532 -61.20 -36.22 -27.52
C LEU C 532 -60.08 -37.23 -27.83
N GLN C 533 -60.13 -38.39 -27.15
CA GLN C 533 -58.96 -39.27 -26.88
C GLN C 533 -58.06 -39.42 -28.12
N TRP C 534 -56.98 -38.64 -28.12
CA TRP C 534 -55.78 -38.88 -28.95
C TRP C 534 -54.80 -39.70 -28.10
N PHE C 535 -54.84 -41.04 -28.28
CA PHE C 535 -54.20 -42.01 -27.36
C PHE C 535 -52.67 -41.98 -27.54
N ALA D 2 55.59 -3.61 4.39
CA ALA D 2 54.53 -4.34 3.63
C ALA D 2 54.68 -4.10 2.12
N LYS D 3 55.13 -5.12 1.37
CA LYS D 3 55.31 -5.04 -0.10
C LYS D 3 54.21 -5.86 -0.78
N LYS D 4 54.13 -7.15 -0.45
CA LYS D 4 53.21 -8.08 -1.13
C LYS D 4 51.79 -7.87 -0.59
N VAL D 5 50.93 -7.20 -1.40
CA VAL D 5 49.59 -6.76 -0.98
C VAL D 5 48.52 -7.48 -1.80
N ALA D 6 47.37 -7.67 -1.15
CA ALA D 6 46.20 -8.35 -1.72
C ALA D 6 45.10 -7.31 -1.98
N VAL D 7 44.47 -7.38 -3.16
CA VAL D 7 43.26 -6.62 -3.47
C VAL D 7 42.17 -7.62 -3.89
N ILE D 8 41.13 -7.70 -3.04
CA ILE D 8 40.01 -8.58 -3.25
C ILE D 8 39.07 -7.91 -4.26
N GLY D 9 38.92 -8.52 -5.44
CA GLY D 9 37.99 -8.02 -6.46
C GLY D 9 38.61 -6.99 -7.39
N ALA D 10 38.21 -7.06 -8.66
CA ALA D 10 38.70 -6.20 -9.73
C ALA D 10 37.58 -5.22 -10.14
N GLY D 11 36.84 -4.73 -9.15
CA GLY D 11 35.85 -3.71 -9.38
C GLY D 11 36.51 -2.43 -9.85
N VAL D 12 35.82 -1.31 -9.64
CA VAL D 12 36.41 0.00 -9.82
C VAL D 12 37.46 0.18 -8.74
N SER D 13 37.09 -0.21 -7.52
CA SER D 13 37.91 -0.03 -6.33
C SER D 13 39.20 -0.85 -6.46
N GLY D 14 39.07 -2.08 -6.94
CA GLY D 14 40.22 -2.97 -7.17
C GLY D 14 41.22 -2.35 -8.11
N LEU D 15 40.71 -1.72 -9.17
CA LEU D 15 41.56 -1.24 -10.23
C LEU D 15 42.29 0.04 -9.81
N ILE D 16 41.67 0.84 -8.93
CA ILE D 16 42.27 2.11 -8.51
C ILE D 16 43.32 1.84 -7.43
N SER D 17 43.02 0.92 -6.51
CA SER D 17 44.01 0.50 -5.51
C SER D 17 45.22 -0.12 -6.23
N LEU D 18 44.95 -1.02 -7.18
CA LEU D 18 45.97 -1.65 -7.99
C LEU D 18 46.95 -0.58 -8.51
N LYS D 19 46.39 0.53 -8.98
CA LYS D 19 47.17 1.62 -9.55
C LYS D 19 47.82 2.45 -8.44
N CYS D 20 47.08 2.72 -7.37
CA CYS D 20 47.61 3.43 -6.20
C CYS D 20 48.78 2.67 -5.57
N CYS D 21 48.76 1.34 -5.72
CA CYS D 21 49.81 0.46 -5.22
C CYS D 21 51.09 0.66 -6.02
N VAL D 22 51.03 0.37 -7.32
CA VAL D 22 52.23 0.51 -8.14
C VAL D 22 52.77 1.93 -7.93
N ASP D 23 51.86 2.89 -7.68
CA ASP D 23 52.20 4.29 -7.52
C ASP D 23 52.96 4.55 -6.22
N GLU D 24 52.63 3.81 -5.14
CA GLU D 24 53.39 3.88 -3.88
C GLU D 24 54.44 2.76 -3.82
N GLY D 25 54.74 2.17 -4.98
CA GLY D 25 55.77 1.17 -5.17
C GLY D 25 55.56 -0.05 -4.30
N LEU D 26 54.38 -0.67 -4.39
CA LEU D 26 54.12 -1.98 -3.76
C LEU D 26 53.99 -3.04 -4.86
N GLU D 27 53.81 -4.31 -4.45
CA GLU D 27 53.57 -5.41 -5.38
C GLU D 27 52.21 -6.00 -5.01
N PRO D 28 51.19 -5.76 -5.85
CA PRO D 28 49.84 -6.29 -5.61
C PRO D 28 49.50 -7.60 -6.35
N THR D 29 48.62 -8.40 -5.73
CA THR D 29 47.94 -9.50 -6.42
C THR D 29 46.42 -9.34 -6.26
N CYS D 30 45.74 -9.21 -7.39
CA CYS D 30 44.30 -9.02 -7.47
C CYS D 30 43.62 -10.36 -7.74
N PHE D 31 42.68 -10.72 -6.88
CA PHE D 31 41.83 -11.86 -7.12
C PHE D 31 40.50 -11.35 -7.65
N GLU D 32 40.03 -11.95 -8.75
CA GLU D 32 38.74 -11.67 -9.36
C GLU D 32 37.96 -12.98 -9.52
N ARG D 33 36.75 -13.01 -8.95
CA ARG D 33 35.87 -14.16 -9.03
C ARG D 33 35.47 -14.42 -10.49
N THR D 34 35.18 -13.36 -11.26
CA THR D 34 34.65 -13.45 -12.64
C THR D 34 35.79 -13.49 -13.66
N GLU D 35 35.42 -13.58 -14.94
CA GLU D 35 36.36 -13.68 -16.05
C GLU D 35 36.96 -12.32 -16.39
N ASP D 36 36.33 -11.21 -15.95
CA ASP D 36 36.71 -9.88 -16.43
C ASP D 36 36.51 -8.79 -15.35
N ILE D 37 36.94 -7.58 -15.70
CA ILE D 37 36.99 -6.39 -14.84
C ILE D 37 35.68 -5.61 -14.91
N GLY D 38 35.55 -4.61 -14.02
CA GLY D 38 34.46 -3.62 -13.99
C GLY D 38 33.47 -3.90 -12.87
N GLY D 39 33.39 -5.18 -12.49
CA GLY D 39 32.35 -5.65 -11.61
C GLY D 39 30.99 -5.17 -12.09
N LEU D 40 30.36 -4.31 -11.27
CA LEU D 40 28.96 -3.86 -11.45
C LEU D 40 28.73 -3.40 -12.90
N TRP D 41 29.70 -2.67 -13.46
CA TRP D 41 29.53 -1.92 -14.68
C TRP D 41 29.68 -2.80 -15.92
N ARG D 42 30.17 -4.04 -15.74
CA ARG D 42 30.19 -5.00 -16.83
C ARG D 42 28.82 -5.67 -16.93
N PHE D 43 27.93 -5.10 -17.75
CA PHE D 43 26.60 -5.65 -18.00
C PHE D 43 26.69 -7.09 -18.53
N LYS D 44 26.06 -8.02 -17.83
CA LYS D 44 25.76 -9.34 -18.37
C LYS D 44 24.26 -9.58 -18.25
N GLU D 45 23.73 -10.46 -19.12
CA GLU D 45 22.29 -10.62 -19.35
C GLU D 45 21.68 -11.46 -18.22
N ASN D 46 22.43 -12.46 -17.75
CA ASN D 46 22.08 -13.29 -16.57
C ASN D 46 22.51 -12.54 -15.29
N VAL D 47 22.20 -13.13 -14.12
CA VAL D 47 22.47 -12.52 -12.80
C VAL D 47 23.43 -13.39 -11.99
N GLU D 48 24.64 -13.63 -12.52
CA GLU D 48 25.60 -14.58 -11.89
C GLU D 48 25.91 -14.13 -10.45
N ASP D 49 26.02 -15.10 -9.55
CA ASP D 49 26.19 -14.84 -8.11
C ASP D 49 27.56 -14.23 -7.82
N GLY D 50 27.60 -13.29 -6.86
CA GLY D 50 28.84 -12.68 -6.34
C GLY D 50 29.17 -11.33 -6.96
N ARG D 51 28.39 -10.93 -7.96
CA ARG D 51 28.61 -9.68 -8.70
C ARG D 51 27.26 -9.01 -8.95
N ALA D 52 27.27 -7.68 -8.88
CA ALA D 52 26.05 -6.92 -8.92
C ALA D 52 25.49 -6.88 -10.35
N SER D 53 24.17 -7.09 -10.47
CA SER D 53 23.48 -6.97 -11.74
C SER D 53 23.19 -5.50 -12.01
N ILE D 54 23.25 -5.12 -13.28
CA ILE D 54 22.64 -3.88 -13.73
C ILE D 54 21.79 -4.15 -14.96
N TYR D 55 20.70 -3.39 -15.04
CA TYR D 55 19.81 -3.47 -16.14
C TYR D 55 20.45 -2.80 -17.37
N GLN D 56 20.20 -3.38 -18.55
CA GLN D 56 20.91 -3.10 -19.83
C GLN D 56 21.10 -1.59 -20.09
N SER D 57 20.21 -0.76 -19.54
CA SER D 57 20.01 0.61 -20.01
C SER D 57 20.43 1.66 -18.98
N VAL D 58 21.39 1.33 -18.10
CA VAL D 58 21.81 2.23 -17.04
C VAL D 58 22.74 3.30 -17.63
N ILE D 59 22.43 4.56 -17.29
CA ILE D 59 23.29 5.71 -17.51
C ILE D 59 23.81 6.20 -16.16
N THR D 60 25.05 6.72 -16.15
CA THR D 60 25.65 7.27 -14.94
C THR D 60 24.76 8.40 -14.39
N ASN D 61 25.03 8.80 -13.15
CA ASN D 61 24.45 9.99 -12.60
C ASN D 61 25.57 10.85 -12.01
N THR D 62 26.72 10.91 -12.70
CA THR D 62 27.79 11.89 -12.40
C THR D 62 28.53 12.26 -13.69
N SER D 63 28.77 13.58 -13.88
CA SER D 63 29.53 14.11 -15.01
C SER D 63 30.86 13.35 -15.15
N LYS D 64 31.40 13.39 -16.37
CA LYS D 64 32.65 12.73 -16.69
C LYS D 64 33.81 13.48 -16.03
N GLU D 65 33.74 14.81 -15.95
CA GLU D 65 34.84 15.63 -15.40
C GLU D 65 34.64 15.89 -13.90
N MET D 66 33.68 15.18 -13.31
CA MET D 66 33.43 15.23 -11.88
C MET D 66 33.64 13.85 -11.26
N SER D 67 33.97 12.87 -12.11
CA SER D 67 33.98 11.46 -11.72
C SER D 67 35.18 10.71 -12.30
N CYS D 68 35.91 11.32 -13.25
CA CYS D 68 37.16 10.74 -13.71
C CYS D 68 38.20 10.83 -12.58
N PHE D 69 39.25 10.00 -12.66
CA PHE D 69 40.30 9.93 -11.63
C PHE D 69 41.17 11.19 -11.68
N SER D 70 41.74 11.55 -10.53
CA SER D 70 42.39 12.87 -10.29
C SER D 70 43.48 13.21 -11.33
N ASP D 71 44.05 12.19 -11.98
CA ASP D 71 45.17 12.40 -12.91
C ASP D 71 44.91 11.74 -14.28
N PHE D 72 43.66 11.29 -14.52
CA PHE D 72 43.31 10.61 -15.76
C PHE D 72 41.93 11.06 -16.25
N PRO D 73 41.84 12.26 -16.87
CA PRO D 73 40.61 12.74 -17.46
C PRO D 73 40.04 11.76 -18.50
N MET D 74 38.71 11.75 -18.58
CA MET D 74 37.99 11.04 -19.59
C MET D 74 38.31 11.65 -20.94
N PRO D 75 38.51 10.82 -21.98
CA PRO D 75 38.72 11.34 -23.34
C PRO D 75 37.76 12.49 -23.65
N GLU D 76 38.20 13.44 -24.48
CA GLU D 76 37.37 14.63 -24.71
C GLU D 76 36.10 14.23 -25.44
N HIS D 77 36.18 13.22 -26.31
CA HIS D 77 35.06 12.82 -27.18
C HIS D 77 34.04 11.92 -26.46
N PHE D 78 34.07 11.92 -25.11
CA PHE D 78 33.13 11.19 -24.29
C PHE D 78 31.99 12.12 -23.87
N PRO D 79 30.75 11.62 -23.76
CA PRO D 79 29.62 12.41 -23.29
C PRO D 79 29.70 12.52 -21.77
N ASN D 80 28.96 13.46 -21.20
CA ASN D 80 29.16 13.87 -19.82
C ASN D 80 28.45 12.89 -18.89
N PHE D 81 27.43 12.20 -19.39
CA PHE D 81 26.85 11.05 -18.69
C PHE D 81 26.97 9.84 -19.62
N LEU D 82 27.18 8.66 -19.00
CA LEU D 82 27.70 7.51 -19.71
C LEU D 82 26.76 6.32 -19.59
N HIS D 83 26.51 5.66 -20.73
CA HIS D 83 25.94 4.33 -20.72
C HIS D 83 26.95 3.44 -20.02
N ASN D 84 26.47 2.53 -19.15
CA ASN D 84 27.34 1.63 -18.39
C ASN D 84 28.48 1.10 -19.29
N SER D 85 28.16 0.72 -20.53
CA SER D 85 29.12 0.19 -21.47
C SER D 85 30.21 1.22 -21.79
N LYS D 86 29.84 2.49 -21.99
CA LYS D 86 30.82 3.55 -22.32
C LYS D 86 31.68 3.90 -21.11
N LEU D 87 31.17 3.64 -19.90
CA LEU D 87 31.97 3.88 -18.70
C LEU D 87 33.02 2.76 -18.61
N LEU D 88 32.54 1.52 -18.71
CA LEU D 88 33.38 0.35 -18.66
C LEU D 88 34.61 0.59 -19.53
N GLU D 89 34.37 1.14 -20.74
CA GLU D 89 35.41 1.47 -21.70
C GLU D 89 36.50 2.33 -21.05
N TYR D 90 36.08 3.40 -20.35
CA TYR D 90 37.01 4.26 -19.63
C TYR D 90 37.90 3.39 -18.73
N PHE D 91 37.25 2.50 -17.97
CA PHE D 91 37.93 1.57 -17.08
C PHE D 91 38.94 0.70 -17.85
N ARG D 92 38.50 0.10 -18.96
CA ARG D 92 39.36 -0.75 -19.74
C ARG D 92 40.56 0.08 -20.24
N ILE D 93 40.29 1.30 -20.70
CA ILE D 93 41.28 2.22 -21.24
C ILE D 93 42.25 2.70 -20.15
N PHE D 94 41.77 2.73 -18.91
CA PHE D 94 42.56 3.03 -17.70
C PHE D 94 43.46 1.85 -17.35
N ALA D 95 42.91 0.63 -17.41
CA ALA D 95 43.63 -0.61 -17.12
C ALA D 95 44.73 -0.89 -18.18
N LYS D 96 44.55 -0.33 -19.38
CA LYS D 96 45.55 -0.38 -20.43
C LYS D 96 46.69 0.59 -20.09
N LYS D 97 46.35 1.86 -19.94
CA LYS D 97 47.32 2.94 -19.80
C LYS D 97 48.24 2.65 -18.63
N PHE D 98 47.69 2.20 -17.49
CA PHE D 98 48.45 2.02 -16.26
C PHE D 98 48.86 0.56 -16.05
N ASP D 99 48.64 -0.30 -17.06
CA ASP D 99 49.14 -1.69 -17.11
C ASP D 99 48.82 -2.43 -15.80
N LEU D 100 47.53 -2.62 -15.52
CA LEU D 100 47.09 -3.17 -14.25
C LEU D 100 46.56 -4.60 -14.46
N LEU D 101 46.49 -5.02 -15.72
CA LEU D 101 45.74 -6.22 -16.07
C LEU D 101 46.58 -7.48 -15.77
N LYS D 102 47.90 -7.29 -15.67
CA LYS D 102 48.84 -8.38 -15.39
C LYS D 102 48.70 -8.95 -13.97
N TYR D 103 48.20 -8.17 -13.00
CA TYR D 103 48.10 -8.62 -11.60
C TYR D 103 46.77 -9.35 -11.36
N ILE D 104 45.87 -9.33 -12.35
CA ILE D 104 44.52 -9.86 -12.16
C ILE D 104 44.57 -11.38 -12.36
N GLN D 105 44.21 -12.10 -11.30
CA GLN D 105 43.87 -13.51 -11.42
C GLN D 105 42.35 -13.62 -11.54
N PHE D 106 41.87 -13.90 -12.75
CA PHE D 106 40.46 -14.09 -13.02
C PHE D 106 40.05 -15.50 -12.58
N GLN D 107 38.74 -15.72 -12.43
CA GLN D 107 38.14 -17.01 -12.04
C GLN D 107 38.85 -17.57 -10.79
N THR D 108 39.23 -16.68 -9.88
CA THR D 108 39.95 -17.02 -8.66
C THR D 108 39.31 -16.28 -7.47
N THR D 109 38.20 -16.84 -6.98
CA THR D 109 37.44 -16.23 -5.88
C THR D 109 38.21 -16.42 -4.56
N VAL D 110 38.00 -15.52 -3.60
CA VAL D 110 38.66 -15.53 -2.27
C VAL D 110 37.69 -16.09 -1.23
N LEU D 111 38.13 -17.12 -0.50
CA LEU D 111 37.25 -17.93 0.34
C LEU D 111 37.40 -17.55 1.82
N SER D 112 38.64 -17.24 2.25
CA SER D 112 38.91 -16.77 3.63
C SER D 112 40.18 -15.92 3.65
N VAL D 113 40.14 -14.86 4.45
CA VAL D 113 41.27 -14.01 4.76
C VAL D 113 41.49 -14.13 6.26
N LYS D 114 42.55 -14.88 6.62
CA LYS D 114 42.85 -15.28 7.97
C LYS D 114 44.12 -14.57 8.44
N LYS D 115 44.11 -14.15 9.71
CA LYS D 115 45.24 -13.53 10.35
C LYS D 115 46.30 -14.61 10.60
N CYS D 116 47.57 -14.25 10.36
CA CYS D 116 48.73 -15.05 10.82
C CYS D 116 49.05 -14.67 12.26
N PRO D 117 50.00 -15.37 12.93
CA PRO D 117 50.73 -14.80 14.07
C PRO D 117 51.39 -13.42 13.82
N ASP D 118 50.55 -12.37 13.94
CA ASP D 118 50.83 -10.94 13.64
C ASP D 118 52.00 -10.45 14.53
N GLY D 123 53.32 -8.91 10.24
CA GLY D 123 51.92 -8.43 10.52
C GLY D 123 50.91 -8.85 9.44
N GLN D 124 51.02 -10.11 8.98
CA GLN D 124 50.55 -10.56 7.67
C GLN D 124 49.13 -11.15 7.74
N TRP D 125 48.71 -11.73 6.60
CA TRP D 125 47.42 -12.40 6.39
C TRP D 125 47.59 -13.63 5.50
N GLU D 126 46.75 -14.65 5.77
CA GLU D 126 46.75 -15.93 5.08
C GLU D 126 45.43 -16.06 4.32
N ILE D 127 45.50 -15.95 2.99
CA ILE D 127 44.33 -15.89 2.14
C ILE D 127 44.17 -17.22 1.42
N VAL D 128 42.99 -17.83 1.61
CA VAL D 128 42.59 -19.02 0.88
C VAL D 128 41.76 -18.59 -0.34
N THR D 129 42.24 -18.95 -1.54
CA THR D 129 41.52 -18.72 -2.78
C THR D 129 41.29 -20.07 -3.46
N GLU D 130 40.23 -20.17 -4.28
CA GLU D 130 39.98 -21.33 -5.13
C GLU D 130 40.11 -20.91 -6.61
N SER D 131 40.87 -21.70 -7.39
CA SER D 131 40.90 -21.59 -8.85
C SER D 131 39.98 -22.67 -9.43
N ASN D 132 40.10 -22.92 -10.74
CA ASN D 132 39.21 -23.84 -11.48
C ASN D 132 39.29 -25.25 -10.87
N GLY D 133 38.64 -25.44 -9.71
CA GLY D 133 38.52 -26.75 -9.05
C GLY D 133 39.30 -26.82 -7.75
N LYS D 134 40.64 -26.86 -7.86
CA LYS D 134 41.53 -27.05 -6.72
C LYS D 134 41.93 -25.69 -6.16
N GLU D 135 41.87 -25.59 -4.83
CA GLU D 135 42.06 -24.34 -4.07
C GLU D 135 43.47 -24.27 -3.47
N GLN D 136 44.24 -23.25 -3.87
CA GLN D 136 45.57 -23.00 -3.35
C GLN D 136 45.45 -22.08 -2.13
N SER D 137 46.60 -21.59 -1.63
CA SER D 137 46.72 -20.72 -0.45
C SER D 137 47.94 -19.82 -0.61
N ALA D 138 47.95 -18.67 0.06
CA ALA D 138 49.12 -17.76 0.07
C ALA D 138 49.03 -16.80 1.28
N VAL D 139 50.14 -16.07 1.50
CA VAL D 139 50.24 -15.11 2.60
C VAL D 139 50.51 -13.74 1.99
N PHE D 140 50.00 -12.70 2.65
CA PHE D 140 50.17 -11.33 2.21
C PHE D 140 50.44 -10.43 3.41
N ASP D 141 51.13 -9.31 3.14
CA ASP D 141 51.56 -8.37 4.14
C ASP D 141 50.36 -7.52 4.56
N ALA D 142 49.53 -7.16 3.57
CA ALA D 142 48.30 -6.37 3.79
C ALA D 142 47.22 -6.71 2.75
N VAL D 143 45.99 -6.28 3.06
CA VAL D 143 44.79 -6.70 2.35
C VAL D 143 43.89 -5.49 2.08
N MET D 144 43.43 -5.38 0.83
CA MET D 144 42.47 -4.36 0.39
C MET D 144 41.21 -5.04 -0.18
N VAL D 145 40.06 -4.69 0.39
CA VAL D 145 38.81 -5.38 0.13
C VAL D 145 37.91 -4.53 -0.79
N CYS D 146 37.60 -5.07 -1.98
CA CYS D 146 36.91 -4.36 -3.05
C CYS D 146 35.84 -5.28 -3.67
N SER D 147 35.02 -5.87 -2.79
CA SER D 147 34.10 -6.95 -3.11
C SER D 147 32.71 -6.41 -3.48
N GLY D 148 32.53 -5.08 -3.37
CA GLY D 148 31.28 -4.39 -3.66
C GLY D 148 30.32 -4.46 -2.48
N HIS D 149 29.16 -3.81 -2.61
CA HIS D 149 28.12 -3.85 -1.56
C HIS D 149 26.72 -3.64 -2.14
N HIS D 150 26.57 -3.85 -3.46
CA HIS D 150 25.28 -3.83 -4.15
C HIS D 150 25.04 -5.21 -4.79
N ILE D 151 25.34 -6.25 -4.01
CA ILE D 151 25.33 -7.64 -4.45
C ILE D 151 24.24 -8.41 -3.69
N LEU D 152 24.13 -8.19 -2.37
CA LEU D 152 23.12 -8.85 -1.57
C LEU D 152 21.81 -8.07 -1.65
N PRO D 153 20.76 -8.61 -2.30
CA PRO D 153 19.47 -7.94 -2.33
C PRO D 153 18.88 -7.86 -0.91
N HIS D 154 18.32 -6.69 -0.58
CA HIS D 154 17.52 -6.53 0.62
C HIS D 154 16.05 -6.58 0.18
N ILE D 155 15.34 -7.61 0.65
CA ILE D 155 13.94 -7.83 0.33
C ILE D 155 13.18 -7.93 1.65
N PRO D 156 12.57 -6.82 2.14
CA PRO D 156 11.96 -6.79 3.46
C PRO D 156 10.54 -7.38 3.50
N LEU D 157 10.40 -8.61 2.97
CA LEU D 157 9.10 -9.21 2.71
C LEU D 157 8.21 -9.06 3.95
N GLN D 158 8.84 -9.07 5.12
CA GLN D 158 8.12 -9.16 6.38
C GLN D 158 7.40 -7.85 6.72
N SER D 159 7.66 -6.76 6.02
CA SER D 159 6.84 -5.53 6.13
C SER D 159 5.87 -5.40 4.94
N PHE D 160 5.50 -6.54 4.36
CA PHE D 160 4.43 -6.64 3.37
C PHE D 160 3.53 -7.80 3.76
N PRO D 161 2.66 -7.63 4.77
CA PRO D 161 1.62 -8.59 5.06
C PRO D 161 0.79 -8.98 3.81
N GLY D 162 0.71 -10.28 3.57
CA GLY D 162 -0.19 -10.88 2.59
C GLY D 162 0.54 -11.36 1.35
N ILE D 163 1.85 -11.05 1.27
CA ILE D 163 2.72 -11.36 0.12
C ILE D 163 2.52 -12.85 -0.25
N GLU D 164 2.40 -13.70 0.78
CA GLU D 164 2.18 -15.16 0.66
C GLU D 164 0.99 -15.43 -0.26
N ARG D 165 -0.08 -14.66 -0.04
CA ARG D 165 -1.35 -14.78 -0.73
C ARG D 165 -1.20 -14.33 -2.19
N PHE D 166 -0.34 -13.34 -2.44
CA PHE D 166 -0.21 -12.74 -3.76
C PHE D 166 0.20 -13.80 -4.78
N LYS D 167 -0.58 -13.86 -5.87
CA LYS D 167 -0.29 -14.70 -7.02
C LYS D 167 0.74 -13.94 -7.87
N GLY D 168 0.35 -13.56 -9.09
CA GLY D 168 1.21 -12.76 -9.97
C GLY D 168 2.67 -13.22 -9.94
N GLN D 169 3.59 -12.25 -9.92
CA GLN D 169 5.04 -12.45 -10.04
C GLN D 169 5.72 -11.31 -9.29
N TYR D 170 6.73 -11.61 -8.49
CA TYR D 170 7.42 -10.56 -7.73
C TYR D 170 8.91 -10.88 -7.64
N PHE D 171 9.74 -9.85 -7.80
CA PHE D 171 11.19 -10.00 -7.81
C PHE D 171 11.90 -8.66 -7.61
N HIS D 172 13.13 -8.75 -7.07
CA HIS D 172 13.90 -7.61 -6.59
C HIS D 172 14.62 -6.96 -7.77
N SER D 173 14.94 -5.67 -7.59
CA SER D 173 15.58 -4.83 -8.61
C SER D 173 16.76 -5.56 -9.25
N ARG D 174 17.64 -6.13 -8.40
CA ARG D 174 18.79 -6.92 -8.83
C ARG D 174 18.46 -7.73 -10.09
N GLN D 175 17.37 -8.51 -10.00
CA GLN D 175 16.99 -9.48 -11.04
C GLN D 175 16.72 -8.79 -12.38
N TYR D 176 16.25 -7.54 -12.32
CA TYR D 176 15.82 -6.79 -13.51
C TYR D 176 16.97 -6.59 -14.50
N LYS D 177 16.60 -6.62 -15.78
CA LYS D 177 17.53 -6.49 -16.90
C LYS D 177 16.82 -5.78 -18.07
N HIS D 178 15.79 -6.43 -18.60
CA HIS D 178 15.10 -5.94 -19.74
C HIS D 178 13.66 -5.64 -19.35
N PRO D 179 13.03 -4.69 -20.07
CA PRO D 179 11.59 -4.44 -19.93
C PRO D 179 10.72 -5.33 -20.82
N GLU D 180 11.27 -5.78 -21.96
CA GLU D 180 10.53 -6.65 -22.85
C GLU D 180 10.08 -7.88 -22.06
N GLY D 181 8.77 -8.13 -22.07
CA GLY D 181 8.18 -9.18 -21.28
C GLY D 181 7.11 -8.63 -20.37
N PHE D 182 7.22 -7.36 -19.98
CA PHE D 182 6.24 -6.74 -19.08
C PHE D 182 5.40 -5.71 -19.82
N GLU D 183 5.16 -5.98 -21.11
CA GLU D 183 4.25 -5.18 -21.91
C GLU D 183 2.86 -5.28 -21.31
N GLY D 184 2.15 -4.14 -21.29
CA GLY D 184 0.73 -4.03 -20.95
C GLY D 184 0.32 -4.79 -19.70
N LYS D 185 1.26 -4.93 -18.75
CA LYS D 185 0.99 -5.56 -17.47
C LYS D 185 0.77 -4.45 -16.45
N ARG D 186 -0.01 -4.73 -15.43
CA ARG D 186 -0.13 -3.84 -14.31
C ARG D 186 1.04 -4.14 -13.38
N ILE D 187 1.86 -3.13 -13.04
CA ILE D 187 3.15 -3.31 -12.31
C ILE D 187 3.28 -2.28 -11.19
N LEU D 188 3.64 -2.76 -10.01
CA LEU D 188 3.89 -1.93 -8.83
C LEU D 188 5.38 -2.10 -8.48
N VAL D 189 6.11 -0.99 -8.37
CA VAL D 189 7.47 -1.02 -7.84
C VAL D 189 7.49 -0.33 -6.48
N ILE D 190 8.34 -0.85 -5.59
CA ILE D 190 8.47 -0.42 -4.21
C ILE D 190 9.74 0.39 -4.04
N GLY D 191 9.64 1.50 -3.30
CA GLY D 191 10.77 2.37 -2.96
C GLY D 191 10.97 3.47 -4.00
N ILE D 192 11.75 4.49 -3.62
CA ILE D 192 12.16 5.53 -4.54
C ILE D 192 13.69 5.53 -4.66
N GLY D 193 14.24 4.33 -4.92
CA GLY D 193 15.61 4.16 -5.33
C GLY D 193 15.76 4.64 -6.75
N ASN D 194 16.96 5.10 -7.12
CA ASN D 194 17.27 5.43 -8.51
C ASN D 194 16.96 4.20 -9.37
N SER D 195 17.16 3.01 -8.79
CA SER D 195 16.62 1.73 -9.29
C SER D 195 15.10 1.85 -9.53
N ALA D 196 14.34 1.94 -8.43
CA ALA D 196 12.87 2.05 -8.53
C ALA D 196 12.47 2.98 -9.68
N SER D 197 13.07 4.17 -9.69
CA SER D 197 12.74 5.21 -10.62
C SER D 197 13.06 4.78 -12.05
N ASP D 198 14.33 4.45 -12.29
CA ASP D 198 14.76 4.04 -13.63
C ASP D 198 13.88 2.88 -14.10
N ILE D 199 13.68 1.89 -13.22
CA ILE D 199 12.91 0.69 -13.54
C ILE D 199 11.49 1.15 -13.92
N ALA D 200 10.75 1.63 -12.92
CA ALA D 200 9.39 2.09 -13.09
C ALA D 200 9.25 2.78 -14.46
N VAL D 201 10.11 3.76 -14.71
CA VAL D 201 10.09 4.55 -15.91
C VAL D 201 10.20 3.62 -17.12
N GLU D 202 11.32 2.93 -17.24
CA GLU D 202 11.56 2.06 -18.38
C GLU D 202 10.28 1.24 -18.61
N LEU D 203 9.81 0.52 -17.58
CA LEU D 203 8.65 -0.38 -17.70
C LEU D 203 7.38 0.38 -18.09
N SER D 204 7.24 1.61 -17.60
CA SER D 204 6.01 2.41 -17.68
C SER D 204 5.64 2.77 -19.13
N LYS D 205 6.64 3.02 -19.97
CA LYS D 205 6.36 3.49 -21.33
C LYS D 205 5.39 2.54 -22.05
N LYS D 206 5.57 1.22 -21.87
CA LYS D 206 4.94 0.16 -22.69
C LYS D 206 4.00 -0.73 -21.83
N ALA D 207 3.72 -0.28 -20.60
CA ALA D 207 2.97 -1.08 -19.61
C ALA D 207 1.55 -0.53 -19.49
N ALA D 208 0.67 -1.34 -18.89
CA ALA D 208 -0.70 -0.94 -18.67
C ALA D 208 -0.73 0.25 -17.69
N GLN D 209 -0.05 0.06 -16.56
CA GLN D 209 0.08 1.06 -15.52
C GLN D 209 1.28 0.68 -14.64
N VAL D 210 2.03 1.70 -14.20
CA VAL D 210 3.02 1.49 -13.18
C VAL D 210 2.72 2.40 -12.00
N PHE D 211 2.85 1.84 -10.79
CA PHE D 211 2.79 2.56 -9.54
C PHE D 211 4.19 2.58 -8.93
N ILE D 212 4.36 3.40 -7.91
CA ILE D 212 5.64 3.45 -7.22
C ILE D 212 5.36 3.86 -5.78
N SER D 213 5.60 2.93 -4.85
CA SER D 213 5.29 3.10 -3.44
C SER D 213 6.42 3.90 -2.76
N THR D 214 6.07 4.80 -1.85
CA THR D 214 6.98 5.21 -0.75
C THR D 214 6.19 5.67 0.47
N ARG D 215 6.78 5.44 1.65
CA ARG D 215 6.27 6.04 2.85
C ARG D 215 6.72 7.51 2.82
N HIS D 216 8.01 7.68 2.52
CA HIS D 216 8.72 8.87 2.92
C HIS D 216 8.75 9.90 1.78
N GLY D 217 8.86 9.43 0.54
CA GLY D 217 8.90 10.29 -0.62
C GLY D 217 10.23 11.01 -0.70
N SER D 218 10.82 11.06 -1.90
CA SER D 218 12.13 11.65 -2.12
C SER D 218 11.99 12.99 -2.85
N TRP D 219 13.12 13.62 -3.07
CA TRP D 219 13.23 14.71 -3.95
C TRP D 219 13.82 14.23 -5.27
N VAL D 220 13.11 14.51 -6.36
CA VAL D 220 13.57 14.20 -7.70
C VAL D 220 14.35 15.39 -8.22
N MET D 221 15.26 15.13 -9.18
CA MET D 221 16.20 16.11 -9.67
C MET D 221 16.87 15.60 -10.95
N SER D 222 16.91 16.44 -11.98
CA SER D 222 17.51 16.05 -13.27
C SER D 222 19.03 16.28 -13.24
N ARG D 223 19.73 15.53 -14.08
CA ARG D 223 21.20 15.67 -14.22
C ARG D 223 21.46 16.93 -15.04
N ILE D 224 20.43 17.42 -15.71
CA ILE D 224 20.49 18.71 -16.39
C ILE D 224 20.43 19.80 -15.33
N SER D 225 21.39 20.74 -15.39
CA SER D 225 21.44 21.83 -14.46
C SER D 225 21.72 23.14 -15.22
N ASP D 226 21.79 24.21 -14.44
CA ASP D 226 22.07 25.55 -14.92
C ASP D 226 22.80 25.47 -16.26
N ASP D 227 22.14 26.02 -17.28
CA ASP D 227 22.68 26.19 -18.64
C ASP D 227 23.13 24.83 -19.19
N GLY D 228 22.34 23.80 -18.83
CA GLY D 228 22.53 22.43 -19.25
C GLY D 228 23.91 21.90 -18.89
N TYR D 229 24.49 22.39 -17.79
CA TYR D 229 25.73 21.80 -17.28
C TYR D 229 25.33 20.73 -16.28
N PRO D 230 26.10 19.63 -16.18
CA PRO D 230 25.80 18.56 -15.24
C PRO D 230 25.55 19.06 -13.82
N TRP D 231 24.58 18.44 -13.14
CA TRP D 231 24.12 18.83 -11.80
C TRP D 231 25.29 18.88 -10.81
N ASP D 232 26.22 17.92 -10.94
CA ASP D 232 27.25 17.71 -9.92
C ASP D 232 28.24 18.88 -9.93
N MET D 233 28.39 19.57 -11.06
CA MET D 233 29.39 20.60 -11.16
C MET D 233 28.81 21.97 -10.78
N VAL D 234 27.52 22.01 -10.47
CA VAL D 234 26.94 23.16 -9.86
C VAL D 234 26.69 22.85 -8.38
N PHE D 235 26.29 21.61 -8.08
CA PHE D 235 25.95 21.20 -6.72
C PHE D 235 27.24 21.06 -5.89
N HIS D 236 28.20 20.27 -6.39
CA HIS D 236 29.45 19.97 -5.66
C HIS D 236 30.54 21.01 -5.99
N THR D 237 30.54 22.09 -5.20
CA THR D 237 31.55 23.14 -5.30
C THR D 237 31.84 23.63 -3.86
N ARG D 238 33.11 23.56 -3.47
CA ARG D 238 33.58 23.96 -2.13
C ARG D 238 32.61 24.99 -1.54
N PHE D 239 32.45 26.13 -2.23
CA PHE D 239 31.70 27.28 -1.75
C PHE D 239 30.31 26.86 -1.29
N SER D 240 29.62 26.10 -2.14
CA SER D 240 28.26 25.69 -1.86
C SER D 240 28.23 24.72 -0.66
N SER D 241 29.26 23.86 -0.56
CA SER D 241 29.39 22.95 0.59
C SER D 241 29.36 23.75 1.89
N MET D 242 30.20 24.79 1.96
CA MET D 242 30.24 25.72 3.08
C MET D 242 28.81 26.10 3.47
N LEU D 243 28.08 26.69 2.53
CA LEU D 243 26.72 27.14 2.75
C LEU D 243 25.92 26.05 3.46
N ARG D 244 26.03 24.82 2.96
CA ARG D 244 25.26 23.70 3.47
C ARG D 244 25.63 23.40 4.92
N ASN D 245 26.91 23.56 5.25
CA ASN D 245 27.43 23.23 6.56
C ASN D 245 27.10 24.37 7.54
N VAL D 246 27.52 25.59 7.20
CA VAL D 246 27.49 26.72 8.13
C VAL D 246 26.05 27.20 8.33
N LEU D 247 25.29 27.33 7.24
CA LEU D 247 23.97 27.93 7.34
C LEU D 247 23.12 27.06 8.25
N PRO D 248 22.13 27.66 8.95
CA PRO D 248 21.28 26.92 9.87
C PRO D 248 20.56 25.82 9.10
N ARG D 249 20.30 24.69 9.76
CA ARG D 249 19.80 23.53 9.07
C ARG D 249 18.55 23.94 8.26
N THR D 250 17.53 24.48 8.92
CA THR D 250 16.25 24.72 8.26
C THR D 250 16.31 25.99 7.38
N VAL D 251 17.45 26.67 7.33
CA VAL D 251 17.66 27.71 6.31
C VAL D 251 18.22 27.06 5.03
N VAL D 252 18.90 25.93 5.19
CA VAL D 252 19.33 25.14 4.05
C VAL D 252 18.11 24.38 3.51
N LYS D 253 17.18 24.00 4.39
CA LYS D 253 15.92 23.39 3.97
C LYS D 253 15.22 24.33 2.98
N TRP D 254 14.90 25.55 3.41
CA TRP D 254 14.26 26.54 2.50
C TRP D 254 15.03 26.58 1.18
N MET D 255 16.35 26.52 1.25
CA MET D 255 17.18 26.57 0.06
C MET D 255 16.96 25.33 -0.82
N MET D 256 16.89 24.14 -0.22
CA MET D 256 16.65 22.88 -0.96
C MET D 256 15.26 22.94 -1.63
N GLU D 257 14.22 23.08 -0.81
CA GLU D 257 12.84 23.24 -1.24
C GLU D 257 12.78 24.04 -2.56
N GLN D 258 13.35 25.26 -2.53
CA GLN D 258 13.22 26.20 -3.64
C GLN D 258 13.97 25.66 -4.87
N GLN D 259 15.21 25.19 -4.65
CA GLN D 259 16.03 24.62 -5.71
C GLN D 259 15.28 23.44 -6.34
N MET D 260 14.82 22.52 -5.50
CA MET D 260 14.29 21.26 -5.98
C MET D 260 12.98 21.53 -6.72
N ASN D 261 12.19 22.45 -6.18
CA ASN D 261 10.84 22.68 -6.67
C ASN D 261 10.82 23.41 -8.02
N ARG D 262 11.89 24.13 -8.38
CA ARG D 262 11.97 24.77 -9.68
C ARG D 262 11.43 23.84 -10.79
N TRP D 263 11.86 22.57 -10.80
CA TRP D 263 11.49 21.64 -11.89
C TRP D 263 9.98 21.38 -11.85
N PHE D 264 9.49 20.94 -10.70
CA PHE D 264 8.06 20.76 -10.50
C PHE D 264 7.74 20.84 -9.00
N ASN D 265 6.51 21.28 -8.70
CA ASN D 265 6.03 21.30 -7.35
C ASN D 265 5.88 19.85 -6.87
N HIS D 266 6.71 19.43 -5.91
CA HIS D 266 6.77 18.05 -5.51
C HIS D 266 5.49 17.64 -4.77
N GLU D 267 4.84 18.59 -4.10
CA GLU D 267 3.54 18.33 -3.44
C GLU D 267 2.50 17.86 -4.47
N ASN D 268 2.38 18.64 -5.56
CA ASN D 268 1.40 18.46 -6.63
C ASN D 268 1.60 17.12 -7.34
N TYR D 269 2.87 16.78 -7.60
CA TYR D 269 3.23 15.54 -8.32
C TYR D 269 3.20 14.34 -7.36
N GLY D 270 3.35 14.66 -6.06
CA GLY D 270 3.03 13.79 -4.95
C GLY D 270 4.23 13.00 -4.43
N LEU D 271 5.40 13.63 -4.41
CA LEU D 271 6.52 13.02 -3.71
C LEU D 271 7.21 14.05 -2.79
N GLU D 272 6.41 15.00 -2.32
CA GLU D 272 6.75 15.79 -1.15
C GLU D 272 7.34 14.83 -0.13
N PRO D 273 8.59 15.06 0.34
CA PRO D 273 9.15 14.30 1.45
C PRO D 273 8.53 14.65 2.82
N GLN D 274 8.60 13.68 3.74
CA GLN D 274 8.18 13.85 5.12
C GLN D 274 8.99 14.95 5.79
N ASN D 275 10.25 14.64 6.09
CA ASN D 275 11.16 15.59 6.77
C ASN D 275 12.13 16.13 5.73
N LYS D 276 11.86 17.36 5.32
CA LYS D 276 12.66 18.08 4.33
C LYS D 276 13.95 18.57 5.00
N TYR D 277 13.95 18.53 6.34
CA TYR D 277 15.12 18.58 7.23
C TYR D 277 16.34 17.88 6.59
N LEU D 278 16.11 16.70 5.97
CA LEU D 278 17.18 15.75 5.59
C LEU D 278 17.99 16.27 4.39
N MET D 279 19.12 15.60 4.18
CA MET D 279 19.97 15.79 3.03
C MET D 279 20.38 14.42 2.45
N LYS D 280 19.52 13.41 2.69
CA LYS D 280 19.55 12.09 2.03
C LYS D 280 19.93 12.27 0.54
N GLU D 281 20.39 11.20 -0.12
CA GLU D 281 20.60 11.25 -1.58
C GLU D 281 19.25 11.41 -2.30
N PRO D 282 19.08 12.44 -3.16
CA PRO D 282 17.88 12.57 -4.00
C PRO D 282 17.99 11.72 -5.28
N VAL D 283 16.86 11.47 -5.96
CA VAL D 283 16.86 10.57 -7.13
C VAL D 283 17.26 11.38 -8.35
N LEU D 284 18.02 10.76 -9.25
CA LEU D 284 18.49 11.39 -10.48
C LEU D 284 17.95 10.65 -11.70
N ASN D 285 16.71 11.01 -12.00
CA ASN D 285 16.02 10.59 -13.16
C ASN D 285 15.68 11.85 -13.93
N ASP D 286 15.85 11.81 -15.27
CA ASP D 286 15.46 12.92 -16.15
C ASP D 286 14.03 12.75 -16.67
N ASP D 287 13.44 11.56 -16.43
CA ASP D 287 12.23 11.13 -17.12
C ASP D 287 11.03 11.15 -16.18
N LEU D 288 11.25 10.81 -14.89
CA LEU D 288 10.18 10.49 -13.93
C LEU D 288 9.11 11.58 -13.89
N PRO D 289 9.45 12.88 -13.69
CA PRO D 289 8.44 13.94 -13.71
C PRO D 289 7.52 13.88 -14.94
N SER D 290 8.11 13.81 -16.13
CA SER D 290 7.33 13.76 -17.39
C SER D 290 6.43 12.52 -17.39
N ARG D 291 7.01 11.39 -16.98
CA ARG D 291 6.38 10.07 -17.09
C ARG D 291 5.18 10.00 -16.12
N LEU D 292 5.27 10.73 -15.01
CA LEU D 292 4.13 10.92 -14.11
C LEU D 292 3.06 11.73 -14.86
N LEU D 293 3.50 12.83 -15.47
CA LEU D 293 2.60 13.75 -16.10
C LEU D 293 1.79 13.01 -17.17
N TYR D 294 2.51 12.26 -18.05
CA TYR D 294 1.92 11.36 -19.04
C TYR D 294 0.90 10.39 -18.41
N GLY D 295 1.07 10.07 -17.12
CA GLY D 295 0.16 9.20 -16.37
C GLY D 295 0.58 7.73 -16.36
N ALA D 296 1.78 7.45 -16.89
CA ALA D 296 2.31 6.08 -17.05
C ALA D 296 2.78 5.54 -15.71
N ILE D 297 3.16 6.46 -14.81
CA ILE D 297 3.50 6.17 -13.42
C ILE D 297 2.55 6.97 -12.50
N LYS D 298 2.04 6.33 -11.45
CA LYS D 298 1.36 7.01 -10.34
C LYS D 298 2.13 6.70 -9.06
N VAL D 299 2.55 7.73 -8.32
CA VAL D 299 3.22 7.51 -7.03
C VAL D 299 2.14 7.00 -6.07
N LYS D 300 2.58 6.44 -4.94
CA LYS D 300 1.65 5.90 -4.00
C LYS D 300 2.31 5.78 -2.62
N SER D 301 1.47 5.88 -1.57
CA SER D 301 1.86 5.63 -0.21
C SER D 301 2.39 4.20 -0.09
N ARG D 302 2.95 3.86 1.08
CA ARG D 302 3.54 2.55 1.29
C ARG D 302 2.42 1.51 1.20
N VAL D 303 2.77 0.37 0.61
CA VAL D 303 1.92 -0.79 0.63
C VAL D 303 1.67 -1.12 2.10
N LYS D 304 0.40 -1.12 2.52
CA LYS D 304 0.03 -1.53 3.88
C LYS D 304 -0.07 -3.06 3.94
N GLU D 305 -0.72 -3.61 2.91
CA GLU D 305 -1.09 -4.99 2.85
C GLU D 305 -1.22 -5.43 1.39
N LEU D 306 -0.96 -6.72 1.17
CA LEU D 306 -1.12 -7.33 -0.13
C LEU D 306 -2.17 -8.44 -0.04
N THR D 307 -2.86 -8.68 -1.16
CA THR D 307 -3.78 -9.80 -1.34
C THR D 307 -3.31 -10.61 -2.54
N GLU D 308 -4.21 -11.36 -3.17
CA GLU D 308 -3.89 -12.24 -4.28
C GLU D 308 -3.61 -11.42 -5.55
N THR D 309 -4.45 -10.41 -5.80
CA THR D 309 -4.35 -9.61 -7.03
C THR D 309 -4.59 -8.12 -6.79
N SER D 310 -4.68 -7.70 -5.52
CA SER D 310 -4.82 -6.29 -5.17
C SER D 310 -3.70 -5.89 -4.20
N ALA D 311 -3.62 -4.60 -3.86
CA ALA D 311 -2.70 -4.08 -2.85
C ALA D 311 -3.39 -2.97 -2.07
N ILE D 312 -3.51 -3.14 -0.75
CA ILE D 312 -4.02 -2.10 0.12
C ILE D 312 -2.87 -1.13 0.37
N PHE D 313 -3.20 0.13 0.70
CA PHE D 313 -2.20 1.15 0.89
C PHE D 313 -2.41 1.81 2.25
N GLU D 314 -1.34 2.51 2.68
CA GLU D 314 -1.27 3.14 3.97
C GLU D 314 -2.32 4.26 4.12
N ASP D 315 -2.76 4.86 3.01
CA ASP D 315 -3.75 5.95 3.04
C ASP D 315 -5.13 5.42 2.67
N GLY D 316 -5.29 4.09 2.64
CA GLY D 316 -6.61 3.46 2.48
C GLY D 316 -7.10 3.47 1.03
N THR D 317 -6.14 3.52 0.10
CA THR D 317 -6.44 3.35 -1.28
C THR D 317 -6.17 1.89 -1.62
N VAL D 318 -6.63 1.47 -2.81
CA VAL D 318 -6.41 0.13 -3.29
C VAL D 318 -6.23 0.16 -4.81
N GLU D 319 -5.20 -0.52 -5.29
CA GLU D 319 -5.06 -0.79 -6.72
C GLU D 319 -5.34 -2.28 -6.97
N GLU D 320 -6.00 -2.57 -8.09
CA GLU D 320 -6.57 -3.86 -8.41
C GLU D 320 -5.76 -4.52 -9.54
N ASP D 321 -5.90 -5.84 -9.66
CA ASP D 321 -5.28 -6.66 -10.71
C ASP D 321 -3.88 -6.13 -11.03
N ILE D 322 -2.96 -6.33 -10.08
CA ILE D 322 -1.54 -5.96 -10.20
C ILE D 322 -0.75 -7.24 -10.47
N ASP D 323 -0.29 -7.40 -11.71
CA ASP D 323 0.32 -8.63 -12.20
C ASP D 323 1.75 -8.81 -11.65
N VAL D 324 2.39 -7.72 -11.19
CA VAL D 324 3.81 -7.74 -10.85
C VAL D 324 4.10 -6.75 -9.71
N ILE D 325 4.93 -7.19 -8.76
CA ILE D 325 5.57 -6.36 -7.74
C ILE D 325 7.06 -6.42 -8.00
N VAL D 326 7.75 -5.28 -8.02
CA VAL D 326 9.21 -5.25 -8.12
C VAL D 326 9.76 -4.48 -6.92
N PHE D 327 10.40 -5.22 -6.00
CA PHE D 327 11.01 -4.69 -4.78
C PHE D 327 12.37 -4.05 -5.07
N ALA D 328 12.37 -2.75 -5.36
CA ALA D 328 13.59 -1.98 -5.55
C ALA D 328 14.00 -1.34 -4.22
N THR D 329 13.99 -2.16 -3.17
CA THR D 329 14.15 -1.74 -1.79
C THR D 329 15.64 -1.78 -1.41
N GLY D 330 16.52 -1.83 -2.42
CA GLY D 330 17.95 -1.63 -2.24
C GLY D 330 18.64 -2.88 -1.76
N TYR D 331 19.93 -2.73 -1.44
CA TYR D 331 20.81 -3.83 -1.20
C TYR D 331 21.38 -3.80 0.22
N THR D 332 22.11 -4.86 0.55
CA THR D 332 22.93 -4.92 1.74
C THR D 332 24.32 -5.44 1.33
N PHE D 333 25.10 -5.84 2.35
CA PHE D 333 26.48 -6.20 2.14
C PHE D 333 26.96 -7.08 3.31
N SER D 334 27.84 -8.01 2.95
CA SER D 334 28.43 -8.96 3.84
C SER D 334 29.86 -9.18 3.39
N PHE D 335 30.66 -9.80 4.27
CA PHE D 335 31.98 -10.27 3.96
C PHE D 335 32.08 -11.73 4.40
N PRO D 336 31.80 -12.67 3.46
CA PRO D 336 31.77 -14.10 3.79
C PRO D 336 33.16 -14.78 3.71
N PHE D 337 34.20 -13.98 3.46
CA PHE D 337 35.56 -14.45 3.47
C PHE D 337 36.34 -13.75 4.58
N LEU D 338 35.66 -13.45 5.69
CA LEU D 338 36.23 -12.56 6.69
C LEU D 338 35.75 -12.96 8.09
N GLU D 339 36.62 -12.73 9.08
CA GLU D 339 36.34 -12.81 10.52
C GLU D 339 35.07 -11.99 10.80
N ASP D 340 34.13 -12.58 11.55
CA ASP D 340 32.80 -11.97 11.76
C ASP D 340 32.88 -10.80 12.74
N SER D 341 34.06 -10.58 13.33
CA SER D 341 34.30 -9.50 14.29
C SER D 341 35.03 -8.32 13.61
N LEU D 342 35.51 -8.54 12.39
CA LEU D 342 36.39 -7.61 11.68
C LEU D 342 35.55 -6.41 11.24
N VAL D 343 34.45 -6.70 10.54
CA VAL D 343 33.52 -5.73 10.02
C VAL D 343 32.27 -5.74 10.89
N LYS D 344 32.42 -5.18 12.08
CA LYS D 344 31.39 -5.12 13.10
C LYS D 344 30.34 -4.11 12.67
N VAL D 345 29.09 -4.57 12.46
CA VAL D 345 28.01 -3.71 11.93
C VAL D 345 26.74 -3.96 12.76
N GLU D 346 26.38 -2.97 13.59
CA GLU D 346 25.45 -3.18 14.69
C GLU D 346 24.48 -1.99 14.78
N ASN D 347 23.17 -2.28 14.76
CA ASN D 347 22.11 -1.30 14.95
C ASN D 347 22.35 -0.07 14.05
N ASN D 348 22.56 -0.33 12.76
CA ASN D 348 22.57 0.71 11.73
C ASN D 348 23.91 1.48 11.76
N MET D 349 24.96 0.84 12.28
CA MET D 349 26.26 1.49 12.45
C MET D 349 27.38 0.52 12.07
N VAL D 350 28.22 0.99 11.14
CA VAL D 350 29.40 0.27 10.70
C VAL D 350 30.58 0.77 11.53
N SER D 351 31.09 -0.09 12.44
CA SER D 351 32.32 0.20 13.18
C SER D 351 33.52 -0.13 12.28
N LEU D 352 33.89 0.88 11.48
CA LEU D 352 35.11 0.93 10.69
C LEU D 352 35.59 2.40 10.68
N TYR D 353 36.87 2.62 11.02
CA TYR D 353 37.40 3.97 10.97
C TYR D 353 37.23 4.49 9.55
N LYS D 354 36.27 5.40 9.37
CA LYS D 354 36.00 6.10 8.09
C LYS D 354 35.66 5.09 6.99
N TYR D 355 34.90 4.04 7.35
CA TYR D 355 34.46 3.01 6.43
C TYR D 355 35.68 2.47 5.69
N MET D 356 36.66 2.03 6.47
CA MET D 356 37.95 1.67 5.93
C MET D 356 38.61 0.65 6.87
N PHE D 357 39.12 1.12 8.03
CA PHE D 357 40.00 0.33 8.89
C PHE D 357 39.21 -0.21 10.07
N PRO D 358 39.33 -1.53 10.39
CA PRO D 358 38.77 -2.06 11.63
C PRO D 358 39.58 -1.58 12.82
N PRO D 359 38.96 -0.91 13.82
CA PRO D 359 39.72 -0.31 14.92
C PRO D 359 40.33 -1.30 15.93
N HIS D 360 39.79 -2.53 15.96
CA HIS D 360 40.22 -3.55 16.93
C HIS D 360 41.46 -4.30 16.39
N LEU D 361 41.96 -3.93 15.21
CA LEU D 361 43.26 -4.41 14.76
C LEU D 361 44.35 -3.71 15.59
N GLU D 362 45.58 -4.24 15.49
CA GLU D 362 46.76 -3.77 16.24
C GLU D 362 47.85 -3.33 15.26
N LYS D 363 47.98 -4.05 14.13
CA LYS D 363 48.74 -3.58 12.98
C LYS D 363 47.72 -3.16 11.91
N PRO D 364 47.65 -1.86 11.51
CA PRO D 364 46.72 -1.39 10.47
C PRO D 364 47.02 -1.89 9.05
N THR D 365 46.82 -3.19 8.83
CA THR D 365 47.29 -3.92 7.63
C THR D 365 46.10 -4.40 6.76
N LEU D 366 44.86 -4.02 7.11
CA LEU D 366 43.68 -4.37 6.31
C LEU D 366 42.64 -3.25 6.38
N ALA D 367 42.05 -2.95 5.20
CA ALA D 367 41.11 -1.85 5.01
C ALA D 367 40.07 -2.22 3.94
N CYS D 368 38.87 -1.64 4.09
CA CYS D 368 37.74 -1.83 3.17
C CYS D 368 37.60 -0.62 2.24
N ILE D 369 37.79 -0.82 0.93
CA ILE D 369 37.61 0.26 -0.04
C ILE D 369 36.36 -0.01 -0.90
N GLY D 370 35.50 1.01 -1.02
CA GLY D 370 34.28 0.94 -1.83
C GLY D 370 33.07 0.59 -1.00
N LEU D 371 33.20 0.67 0.33
CA LEU D 371 32.09 0.41 1.25
C LEU D 371 31.59 1.76 1.76
N ILE D 372 30.99 2.53 0.85
CA ILE D 372 30.63 3.90 1.12
C ILE D 372 29.75 4.41 -0.02
N GLN D 373 28.81 5.32 0.32
CA GLN D 373 27.94 5.96 -0.69
C GLN D 373 27.87 7.46 -0.43
N PRO D 374 28.78 8.22 -1.09
CA PRO D 374 28.85 9.68 -0.96
C PRO D 374 27.88 10.37 -1.92
N LEU D 375 27.55 11.64 -1.65
CA LEU D 375 26.56 12.36 -2.45
C LEU D 375 27.08 12.67 -3.86
N GLY D 376 28.39 12.57 -4.04
CA GLY D 376 29.03 12.70 -5.34
C GLY D 376 29.59 11.37 -5.81
N SER D 377 30.41 11.44 -6.86
CA SER D 377 30.90 10.27 -7.56
C SER D 377 31.82 9.45 -6.65
N ILE D 378 31.75 8.12 -6.76
CA ILE D 378 32.49 7.23 -5.89
C ILE D 378 33.92 7.11 -6.39
N PHE D 379 34.08 7.12 -7.71
CA PHE D 379 35.37 6.77 -8.33
C PHE D 379 36.49 7.62 -7.74
N PRO D 380 36.35 8.97 -7.66
CA PRO D 380 37.37 9.79 -7.01
C PRO D 380 37.43 9.59 -5.49
N THR D 381 36.33 9.16 -4.88
CA THR D 381 36.30 8.82 -3.45
C THR D 381 37.22 7.62 -3.15
N VAL D 382 37.05 6.52 -3.88
CA VAL D 382 37.86 5.27 -3.67
C VAL D 382 39.29 5.48 -4.17
N GLU D 383 39.53 6.59 -4.84
CA GLU D 383 40.93 6.84 -5.24
C GLU D 383 41.64 7.41 -4.02
N LEU D 384 41.01 8.37 -3.33
CA LEU D 384 41.63 8.95 -2.14
C LEU D 384 41.59 7.94 -0.99
N GLN D 385 40.58 7.06 -0.99
CA GLN D 385 40.54 5.91 -0.09
C GLN D 385 41.81 5.08 -0.27
N ALA D 386 42.23 4.85 -1.52
CA ALA D 386 43.36 3.97 -1.85
C ALA D 386 44.69 4.69 -1.60
N ARG D 387 44.75 6.01 -1.86
CA ARG D 387 45.96 6.83 -1.63
C ARG D 387 46.30 6.81 -0.13
N TRP D 388 45.30 7.09 0.71
CA TRP D 388 45.42 7.11 2.17
C TRP D 388 45.87 5.75 2.70
N VAL D 389 45.35 4.68 2.10
CA VAL D 389 45.56 3.31 2.59
C VAL D 389 46.97 2.85 2.21
N THR D 390 47.30 2.87 0.91
CA THR D 390 48.65 2.40 0.46
C THR D 390 49.73 3.04 1.34
N ARG D 391 49.53 4.32 1.68
CA ARG D 391 50.48 5.14 2.41
C ARG D 391 50.48 4.77 3.90
N VAL D 392 49.37 4.21 4.41
CA VAL D 392 49.28 3.76 5.80
C VAL D 392 50.05 2.44 5.97
N PHE D 393 49.80 1.51 5.04
CA PHE D 393 50.49 0.24 4.98
C PHE D 393 52.00 0.45 5.08
N LYS D 394 52.54 1.25 4.15
CA LYS D 394 53.98 1.56 4.09
C LYS D 394 54.44 2.12 5.44
N GLY D 395 53.58 2.93 6.07
CA GLY D 395 53.82 3.52 7.39
C GLY D 395 54.11 5.00 7.30
N LEU D 396 53.91 5.57 6.11
CA LEU D 396 54.08 6.99 5.91
C LEU D 396 52.91 7.74 6.54
N CYS D 397 51.85 6.98 6.88
CA CYS D 397 50.62 7.49 7.46
C CYS D 397 50.21 6.60 8.62
N THR D 398 49.53 7.20 9.61
CA THR D 398 49.26 6.55 10.88
C THR D 398 47.85 6.86 11.39
N LEU D 399 47.22 5.82 11.95
CA LEU D 399 45.94 5.95 12.62
C LEU D 399 46.21 6.50 14.01
N PRO D 400 45.26 7.21 14.63
CA PRO D 400 45.29 7.43 16.08
C PRO D 400 45.10 6.12 16.87
N SER D 401 44.86 6.24 18.18
CA SER D 401 44.67 5.11 19.07
C SER D 401 43.23 4.59 19.00
N GLU D 402 43.03 3.31 19.31
CA GLU D 402 41.72 2.68 19.30
C GLU D 402 40.73 3.55 20.09
N SER D 403 41.18 4.11 21.21
CA SER D 403 40.37 5.00 22.05
C SER D 403 39.76 6.11 21.17
N THR D 404 40.62 6.77 20.39
CA THR D 404 40.26 7.90 19.52
C THR D 404 39.37 7.44 18.35
N MET D 405 39.73 6.32 17.73
CA MET D 405 39.06 5.78 16.53
C MET D 405 37.65 5.27 16.89
N MET D 406 37.49 4.71 18.08
CA MET D 406 36.17 4.24 18.56
C MET D 406 35.26 5.43 18.84
N ALA D 407 35.84 6.57 19.21
CA ALA D 407 35.10 7.79 19.56
C ALA D 407 34.64 8.51 18.29
N ASP D 408 35.48 8.46 17.24
CA ASP D 408 35.20 9.06 15.92
C ASP D 408 34.04 8.32 15.24
N ILE D 409 34.16 6.99 15.19
CA ILE D 409 33.16 6.08 14.63
C ILE D 409 31.78 6.42 15.21
N ILE D 410 31.72 6.66 16.52
CA ILE D 410 30.46 7.02 17.17
C ILE D 410 29.97 8.36 16.60
N LYS D 411 30.82 9.39 16.69
CA LYS D 411 30.39 10.76 16.46
C LYS D 411 30.07 10.95 14.96
N ARG D 412 30.82 10.25 14.09
CA ARG D 412 30.56 10.24 12.65
C ARG D 412 29.15 9.69 12.37
N ASN D 413 28.87 8.50 12.91
CA ASN D 413 27.58 7.84 12.78
C ASN D 413 26.46 8.73 13.35
N GLU D 414 26.73 9.41 14.47
CA GLU D 414 25.72 10.22 15.18
C GLU D 414 25.38 11.47 14.36
N LYS D 415 26.39 12.07 13.75
CA LYS D 415 26.19 13.13 12.78
C LYS D 415 25.36 12.59 11.62
N ARG D 416 25.82 11.47 11.06
CA ARG D 416 25.29 10.89 9.83
C ARG D 416 23.77 10.69 9.95
N ILE D 417 23.33 9.97 10.98
CA ILE D 417 21.90 9.66 11.13
C ILE D 417 21.11 10.98 11.24
N ASP D 418 21.71 11.99 11.87
CA ASP D 418 21.09 13.31 12.04
C ASP D 418 20.91 14.00 10.68
N LEU D 419 21.72 13.61 9.70
CA LEU D 419 21.87 14.36 8.46
C LEU D 419 21.20 13.64 7.28
N PHE D 420 20.98 12.32 7.40
CA PHE D 420 20.47 11.49 6.29
C PHE D 420 19.35 10.53 6.73
N GLY D 421 18.94 10.61 8.01
CA GLY D 421 17.83 9.81 8.52
C GLY D 421 18.28 8.42 8.93
N GLU D 422 17.30 7.66 9.41
CA GLU D 422 17.52 6.42 10.14
C GLU D 422 17.41 5.18 9.22
N SER D 423 17.38 5.37 7.90
CA SER D 423 17.09 4.25 7.02
C SER D 423 18.33 3.37 6.88
N GLN D 424 18.08 2.08 6.67
CA GLN D 424 19.17 1.10 6.44
C GLN D 424 19.50 1.09 4.95
N SER D 425 19.11 2.17 4.25
CA SER D 425 19.56 2.51 2.91
C SER D 425 20.62 3.60 2.98
N GLN D 426 20.93 4.06 4.18
CA GLN D 426 21.86 5.21 4.33
C GLN D 426 22.94 4.90 5.38
N ILE D 427 23.31 3.64 5.52
CA ILE D 427 24.33 3.29 6.50
C ILE D 427 25.64 3.97 6.09
N LEU D 428 25.80 4.23 4.79
CA LEU D 428 27.07 4.64 4.22
C LEU D 428 26.97 6.01 3.54
N GLN D 429 26.00 6.82 3.96
CA GLN D 429 25.84 8.15 3.34
C GLN D 429 26.92 9.07 3.93
N THR D 430 27.31 10.06 3.14
CA THR D 430 28.37 10.98 3.53
C THR D 430 28.42 12.14 2.53
N ASN D 431 28.49 13.36 3.06
CA ASN D 431 28.73 14.56 2.25
C ASN D 431 30.04 14.33 1.47
N TYR D 432 30.07 14.79 0.21
CA TYR D 432 31.02 14.34 -0.79
C TYR D 432 32.39 14.96 -0.51
N ILE D 433 32.43 16.29 -0.54
CA ILE D 433 33.67 17.07 -0.48
C ILE D 433 34.31 16.86 0.90
N ASP D 434 33.54 17.18 1.94
CA ASP D 434 33.97 17.13 3.32
C ASP D 434 34.78 15.86 3.56
N TYR D 435 34.23 14.72 3.07
CA TYR D 435 34.91 13.43 3.12
C TYR D 435 36.20 13.50 2.28
N LEU D 436 36.07 13.83 1.00
CA LEU D 436 37.24 13.89 0.08
C LEU D 436 38.36 14.73 0.70
N ASP D 437 38.00 15.86 1.31
CA ASP D 437 38.93 16.70 2.04
C ASP D 437 39.57 15.84 3.15
N GLU D 438 38.73 15.30 4.04
CA GLU D 438 39.17 14.43 5.14
C GLU D 438 40.28 13.47 4.69
N LEU D 439 40.04 12.78 3.57
CA LEU D 439 40.97 11.78 3.05
C LEU D 439 42.28 12.42 2.59
N ALA D 440 42.20 13.65 2.09
CA ALA D 440 43.34 14.31 1.48
C ALA D 440 44.13 15.11 2.53
N LEU D 441 43.48 15.43 3.66
CA LEU D 441 44.16 15.98 4.81
C LEU D 441 45.21 14.98 5.28
N GLU D 442 44.74 13.73 5.45
CA GLU D 442 45.50 12.63 5.99
C GLU D 442 46.82 12.46 5.25
N ILE D 443 46.79 12.53 3.91
CA ILE D 443 47.99 12.37 3.06
C ILE D 443 48.54 13.74 2.63
N GLY D 444 47.84 14.82 3.04
CA GLY D 444 48.26 16.21 2.82
C GLY D 444 48.29 16.58 1.35
N ALA D 445 47.26 16.13 0.61
CA ALA D 445 47.10 16.40 -0.83
C ALA D 445 45.95 17.40 -1.07
N LYS D 446 45.25 17.77 0.01
CA LYS D 446 44.18 18.76 -0.02
C LYS D 446 44.78 20.15 -0.10
N PRO D 447 44.55 20.92 -1.19
CA PRO D 447 44.95 22.33 -1.22
C PRO D 447 44.39 23.14 -0.04
N ASP D 448 45.25 24.00 0.53
CA ASP D 448 44.86 25.08 1.43
C ASP D 448 44.73 26.37 0.62
N LEU D 449 43.50 26.68 0.22
CA LEU D 449 43.20 27.74 -0.71
C LEU D 449 43.72 29.08 -0.17
N LEU D 450 43.34 29.36 1.07
CA LEU D 450 43.64 30.60 1.73
C LEU D 450 45.06 31.03 1.36
N SER D 451 46.03 30.13 1.58
CA SER D 451 47.44 30.39 1.28
C SER D 451 47.62 30.63 -0.22
N LEU D 452 46.99 29.78 -1.03
CA LEU D 452 47.17 29.81 -2.47
C LEU D 452 46.58 31.09 -3.08
N LEU D 453 45.58 31.69 -2.44
CA LEU D 453 44.94 32.94 -2.93
C LEU D 453 46.02 33.96 -3.34
N LEU D 454 47.04 34.06 -2.47
CA LEU D 454 48.15 35.00 -2.61
C LEU D 454 49.03 34.58 -3.80
N LYS D 455 49.44 33.32 -3.83
CA LYS D 455 50.25 32.79 -4.93
C LYS D 455 49.43 32.85 -6.23
N ASP D 456 48.44 31.97 -6.37
CA ASP D 456 47.66 31.83 -7.62
C ASP D 456 46.19 32.15 -7.34
N PRO D 457 45.70 33.36 -7.70
CA PRO D 457 44.31 33.74 -7.45
C PRO D 457 43.32 33.17 -8.50
N LYS D 458 43.76 33.03 -9.75
CA LYS D 458 42.93 32.46 -10.81
C LYS D 458 42.50 31.04 -10.40
N LEU D 459 43.44 30.26 -9.85
CA LEU D 459 43.10 28.94 -9.32
C LEU D 459 42.17 29.14 -8.12
N ALA D 460 42.72 29.73 -7.06
CA ALA D 460 42.05 29.86 -5.76
C ALA D 460 40.55 30.10 -5.93
N MET D 461 40.19 31.03 -6.83
CA MET D 461 38.80 31.36 -7.09
C MET D 461 38.07 30.12 -7.63
N LYS D 462 38.68 29.51 -8.65
CA LYS D 462 38.07 28.43 -9.46
C LYS D 462 38.05 27.11 -8.67
N LEU D 463 38.87 27.03 -7.62
CA LEU D 463 38.92 25.86 -6.75
C LEU D 463 37.79 25.93 -5.73
N TYR D 464 37.45 27.14 -5.30
CA TYR D 464 36.48 27.36 -4.25
C TYR D 464 35.09 27.54 -4.84
N PHE D 465 34.99 28.43 -5.84
CA PHE D 465 33.70 28.81 -6.42
C PHE D 465 33.35 27.92 -7.61
N GLY D 466 34.36 27.53 -8.40
CA GLY D 466 34.19 26.62 -9.53
C GLY D 466 33.88 25.19 -9.10
N PRO D 467 33.81 24.24 -10.05
CA PRO D 467 33.47 22.86 -9.75
C PRO D 467 34.67 22.16 -9.11
N CYS D 468 34.40 21.41 -8.03
CA CYS D 468 35.41 20.61 -7.30
C CYS D 468 35.68 19.26 -8.00
N ASN D 469 36.53 19.30 -9.03
CA ASN D 469 36.94 18.13 -9.82
C ASN D 469 37.75 17.17 -8.95
N SER D 470 37.90 15.94 -9.42
CA SER D 470 38.87 14.98 -8.86
C SER D 470 40.29 15.56 -8.96
N TYR D 471 40.54 16.33 -10.02
CA TYR D 471 41.86 16.83 -10.35
C TYR D 471 42.51 17.60 -9.19
N GLN D 472 41.69 18.26 -8.35
CA GLN D 472 42.17 19.22 -7.31
C GLN D 472 43.15 18.56 -6.34
N TYR D 473 42.98 17.27 -6.12
CA TYR D 473 43.69 16.53 -5.10
C TYR D 473 45.09 16.14 -5.57
N ARG D 474 45.47 16.56 -6.79
CA ARG D 474 46.82 16.32 -7.37
C ARG D 474 47.55 17.64 -7.60
N LEU D 475 47.11 18.69 -6.89
CA LEU D 475 47.76 20.00 -6.97
C LEU D 475 48.95 20.00 -6.01
N VAL D 476 48.69 19.63 -4.76
CA VAL D 476 49.71 19.55 -3.71
C VAL D 476 49.84 18.09 -3.26
N GLY D 477 50.65 17.85 -2.23
CA GLY D 477 50.83 16.55 -1.61
C GLY D 477 51.62 15.60 -2.51
N PRO D 478 51.68 14.30 -2.16
CA PRO D 478 52.44 13.33 -2.96
C PRO D 478 51.84 13.04 -4.35
N GLY D 479 52.59 12.26 -5.14
CA GLY D 479 52.20 11.77 -6.47
C GLY D 479 51.28 12.71 -7.22
N GLN D 480 51.87 13.73 -7.86
CA GLN D 480 51.10 14.79 -8.49
C GLN D 480 51.02 14.53 -10.00
N TRP D 481 50.43 15.50 -10.70
CA TRP D 481 50.14 15.42 -12.12
C TRP D 481 50.10 16.87 -12.64
N GLU D 482 51.04 17.24 -13.51
CA GLU D 482 51.08 18.61 -14.05
C GLU D 482 49.73 18.96 -14.66
N GLY D 483 49.21 18.07 -15.51
CA GLY D 483 47.89 18.25 -16.11
C GLY D 483 46.78 18.15 -15.09
N ALA D 484 46.91 18.93 -14.01
CA ALA D 484 45.92 19.03 -12.95
C ALA D 484 45.45 20.48 -12.87
N ARG D 485 46.39 21.40 -12.69
CA ARG D 485 46.12 22.80 -12.91
C ARG D 485 45.48 22.93 -14.30
N ASN D 486 46.13 22.31 -15.29
CA ASN D 486 45.72 22.42 -16.68
C ASN D 486 44.30 21.90 -16.86
N ALA D 487 44.13 20.62 -16.51
CA ALA D 487 42.86 19.91 -16.60
C ALA D 487 41.72 20.81 -16.10
N ILE D 488 41.90 21.34 -14.90
CA ILE D 488 40.92 22.18 -14.27
C ILE D 488 40.55 23.35 -15.19
N PHE D 489 41.56 24.00 -15.76
CA PHE D 489 41.36 25.25 -16.46
C PHE D 489 40.66 25.02 -17.81
N THR D 490 40.70 23.79 -18.31
CA THR D 490 40.23 23.48 -19.67
C THR D 490 39.07 22.49 -19.68
N GLN D 491 38.40 22.29 -18.55
CA GLN D 491 37.34 21.27 -18.44
C GLN D 491 36.13 21.71 -19.27
N LYS D 492 35.98 23.02 -19.49
CA LYS D 492 34.82 23.55 -20.19
C LYS D 492 34.83 23.07 -21.65
N GLN D 493 36.03 23.01 -22.23
CA GLN D 493 36.25 22.50 -23.58
C GLN D 493 35.74 21.06 -23.70
N ARG D 494 36.19 20.21 -22.78
CA ARG D 494 35.96 18.75 -22.82
C ARG D 494 34.47 18.45 -22.59
N ILE D 495 33.78 19.30 -21.82
CA ILE D 495 32.36 19.12 -21.57
C ILE D 495 31.55 19.50 -22.82
N LEU D 496 32.07 20.42 -23.63
CA LEU D 496 31.35 20.93 -24.77
C LEU D 496 31.77 20.20 -26.05
N LYS D 497 32.87 19.47 -25.97
CA LYS D 497 33.41 18.78 -27.14
C LYS D 497 32.36 17.85 -27.71
N PRO D 498 31.72 16.98 -26.89
CA PRO D 498 30.75 16.02 -27.40
C PRO D 498 29.35 16.61 -27.66
N LEU D 499 29.04 17.75 -27.04
CA LEU D 499 27.71 18.37 -27.11
C LEU D 499 27.64 19.31 -28.31
N LYS D 500 28.54 20.32 -28.31
CA LYS D 500 28.37 21.48 -29.15
C LYS D 500 28.81 21.12 -30.57
N THR D 501 27.93 20.40 -31.26
CA THR D 501 28.27 19.62 -32.42
C THR D 501 27.58 20.25 -33.65
N ARG D 502 27.19 21.53 -33.52
CA ARG D 502 26.58 22.35 -34.58
C ARG D 502 26.75 23.84 -34.21
N ALA D 503 27.38 24.58 -35.13
CA ALA D 503 27.88 25.92 -34.89
C ALA D 503 27.22 26.89 -35.89
N LEU D 504 26.89 28.09 -35.41
CA LEU D 504 26.21 29.10 -36.20
C LEU D 504 27.25 29.88 -37.04
N LYS D 505 28.23 30.50 -36.37
CA LYS D 505 29.32 31.31 -36.98
C LYS D 505 28.78 32.71 -37.30
N ALA D 506 28.69 33.57 -36.26
CA ALA D 506 28.40 35.01 -36.41
C ALA D 506 29.65 35.80 -36.00
N SER D 507 29.70 36.31 -34.75
CA SER D 507 30.85 37.09 -34.23
C SER D 507 30.71 37.25 -32.70
N SER D 508 31.77 37.74 -32.05
CA SER D 508 31.70 38.12 -30.61
C SER D 508 32.68 39.27 -30.30
N ASN D 509 32.97 40.13 -31.30
CA ASN D 509 33.79 41.35 -31.14
C ASN D 509 32.95 42.61 -31.42
N PHE D 510 32.03 42.54 -32.39
CA PHE D 510 31.01 43.59 -32.64
C PHE D 510 29.75 42.95 -33.26
N PRO D 511 29.04 42.05 -32.56
CA PRO D 511 27.75 41.52 -33.00
C PRO D 511 26.55 42.25 -32.37
N VAL D 512 25.44 42.36 -33.13
CA VAL D 512 24.33 43.28 -32.83
C VAL D 512 23.32 42.62 -31.87
N SER D 513 22.88 41.39 -32.18
CA SER D 513 21.56 40.90 -31.70
C SER D 513 21.64 40.08 -30.39
N PHE D 514 22.53 40.51 -29.47
CA PHE D 514 22.31 40.30 -28.02
C PHE D 514 22.63 41.64 -27.33
N LEU D 515 23.55 41.67 -26.35
CA LEU D 515 24.05 42.93 -25.75
C LEU D 515 25.31 42.66 -24.93
N LEU D 516 25.16 42.25 -23.66
CA LEU D 516 26.26 41.93 -22.72
C LEU D 516 27.28 43.09 -22.65
N LYS D 517 28.34 42.90 -21.86
CA LYS D 517 29.40 43.90 -21.53
C LYS D 517 28.86 44.93 -20.52
N ILE D 518 27.62 45.42 -20.73
CA ILE D 518 26.94 46.33 -19.78
C ILE D 518 27.19 45.84 -18.34
N LEU D 519 26.68 44.65 -18.01
CA LEU D 519 26.81 44.07 -16.64
C LEU D 519 28.21 44.34 -16.07
N GLY D 520 29.25 44.28 -16.92
CA GLY D 520 30.64 44.62 -16.56
C GLY D 520 30.83 46.10 -16.25
N LEU D 521 30.74 46.95 -17.27
CA LEU D 521 30.91 48.43 -17.15
C LEU D 521 29.93 49.02 -16.12
N LEU D 522 28.69 48.51 -16.08
CA LEU D 522 27.63 49.02 -15.20
C LEU D 522 28.09 48.94 -13.73
N ALA D 523 28.55 47.76 -13.30
CA ALA D 523 29.03 47.57 -11.94
C ALA D 523 30.36 48.31 -11.73
N VAL D 524 31.22 48.33 -12.77
CA VAL D 524 32.61 48.90 -12.70
C VAL D 524 32.56 50.33 -12.16
N VAL D 525 31.60 51.13 -12.66
CA VAL D 525 31.42 52.54 -12.26
C VAL D 525 30.93 52.60 -10.81
N VAL D 526 30.03 51.68 -10.46
CA VAL D 526 29.44 51.61 -9.11
C VAL D 526 30.58 51.38 -8.08
N ALA D 527 31.61 50.64 -8.48
CA ALA D 527 32.78 50.37 -7.63
C ALA D 527 33.36 51.70 -7.12
N PHE D 528 33.73 52.56 -8.07
CA PHE D 528 34.20 53.89 -7.77
C PHE D 528 33.01 54.78 -7.41
N PHE D 529 32.48 54.65 -6.19
CA PHE D 529 31.52 55.61 -5.64
C PHE D 529 32.20 56.30 -4.44
N PHE D 530 31.62 56.19 -3.24
CA PHE D 530 31.94 57.11 -2.11
C PHE D 530 33.18 56.63 -1.35
N GLN D 531 34.26 56.37 -2.10
CA GLN D 531 35.45 55.72 -1.61
C GLN D 531 36.64 56.68 -1.71
N LEU D 532 36.38 58.01 -1.72
CA LEU D 532 37.45 59.02 -1.89
C LEU D 532 38.34 59.01 -0.63
N GLN D 533 39.65 59.20 -0.83
CA GLN D 533 40.76 58.72 0.03
C GLN D 533 40.39 58.75 1.52
N TRP D 534 39.90 57.60 2.04
CA TRP D 534 39.85 57.27 3.46
C TRP D 534 41.13 56.50 3.80
N PHE D 535 42.16 57.24 4.28
CA PHE D 535 43.55 56.74 4.37
C PHE D 535 43.68 55.73 5.51
#